data_4RTZ
# 
_entry.id   4RTZ 
# 
_audit_conform.dict_name       mmcif_pdbx.dic 
_audit_conform.dict_version    5.379 
_audit_conform.dict_location   http://mmcif.pdb.org/dictionaries/ascii/mmcif_pdbx.dic 
# 
loop_
_database_2.database_id 
_database_2.database_code 
_database_2.pdbx_database_accession 
_database_2.pdbx_DOI 
PDB   4RTZ         pdb_00004rtz 10.2210/pdb4rtz/pdb 
RCSB  RCSB087793   ?            ?                   
WWPDB D_1000087793 ?            ?                   
# 
loop_
_pdbx_database_related.db_name 
_pdbx_database_related.db_id 
_pdbx_database_related.details 
_pdbx_database_related.content_type 
PDB 4RTU . unspecified 
PDB 4RTV . unspecified 
PDB 4RTW . unspecified 
PDB 4RTX . unspecified 
PDB 4RTY . unspecified 
# 
_pdbx_database_status.entry_id                        4RTZ 
_pdbx_database_status.status_code                     REL 
_pdbx_database_status.deposit_site                    RCSB 
_pdbx_database_status.process_site                    RCSB 
_pdbx_database_status.recvd_initial_deposition_date   2014-11-16 
_pdbx_database_status.status_code_sf                  REL 
_pdbx_database_status.status_code_mr                  ? 
_pdbx_database_status.SG_entry                        ? 
_pdbx_database_status.status_code_cs                  ? 
_pdbx_database_status.methods_development_category    ? 
_pdbx_database_status.pdb_format_compatible           Y 
_pdbx_database_status.status_code_nmr_data            ? 
# 
loop_
_audit_author.name 
_audit_author.pdbx_ordinal 
'Camara-Artigas, A.' 1 
'Bacarizo, J.'       2 
# 
_citation.id                        primary 
_citation.title                     'Crystal structure of the c-Src-SH3 domain in complex with the high affinity peptide VSL12' 
_citation.journal_abbrev            'To be Published' 
_citation.journal_volume            ? 
_citation.page_first                ? 
_citation.page_last                 ? 
_citation.year                      ? 
_citation.journal_id_ASTM           ? 
_citation.country                   ? 
_citation.journal_id_ISSN           ? 
_citation.journal_id_CSD            0353 
_citation.book_publisher            ? 
_citation.pdbx_database_id_PubMed   ? 
_citation.pdbx_database_id_DOI      ? 
# 
_citation_author.citation_id        primary 
_citation_author.name               'Camara-Artigas, A.' 
_citation_author.ordinal            1 
_citation_author.identifier_ORCID   ? 
# 
_cell.entry_id           4RTZ 
_cell.length_a           32.904 
_cell.length_b           41.046 
_cell.length_c           44.066 
_cell.angle_alpha        90.00 
_cell.angle_beta         90.00 
_cell.angle_gamma        90.00 
_cell.Z_PDB              4 
_cell.pdbx_unique_axis   ? 
_cell.length_a_esd       ? 
_cell.length_b_esd       ? 
_cell.length_c_esd       ? 
_cell.angle_alpha_esd    ? 
_cell.angle_beta_esd     ? 
_cell.angle_gamma_esd    ? 
# 
_symmetry.entry_id                         4RTZ 
_symmetry.space_group_name_H-M             'P 21 21 21' 
_symmetry.pdbx_full_space_group_name_H-M   ? 
_symmetry.cell_setting                     ? 
_symmetry.Int_Tables_number                19 
_symmetry.space_group_name_Hall            ? 
# 
loop_
_entity.id 
_entity.type 
_entity.src_method 
_entity.pdbx_description 
_entity.formula_weight 
_entity.pdbx_number_of_molecules 
_entity.pdbx_ec 
_entity.pdbx_mutation 
_entity.pdbx_fragment 
_entity.details 
1 polymer     man 'Proto-oncogene tyrosine-protein kinase Src' 6905.498 1  2.7.10.2 ? 'SH3 domain (UNP residues 85-141)' ? 
2 polymer     syn 'VSL12 peptide'                              1317.622 1  ?        ? ?                                  ? 
3 non-polymer syn 'NICKEL (II) ION'                            58.693   1  ?        ? ?                                  ? 
4 non-polymer syn GLYCEROL                                     92.094   1  ?        ? ?                                  ? 
5 water       nat water                                        18.015   62 ?        ? ?                                  ? 
# 
_entity_name_com.entity_id   1 
_entity_name_com.name        'Proto-oncogene c-Src, pp60c-src, p60-Src' 
# 
loop_
_entity_poly.entity_id 
_entity_poly.type 
_entity_poly.nstd_linkage 
_entity_poly.nstd_monomer 
_entity_poly.pdbx_seq_one_letter_code 
_entity_poly.pdbx_seq_one_letter_code_can 
_entity_poly.pdbx_strand_id 
_entity_poly.pdbx_target_identifier 
1 'polypeptide(L)' no no GSHMTFVALYDYESRTETDLSFKKGERLQIVNNTEGDWWLAHSLTTGQTGYIPSNYVAPSD 
GSHMTFVALYDYESRTETDLSFKKGERLQIVNNTEGDWWLAHSLTTGQTGYIPSNYVAPSD A ? 
2 'polypeptide(L)' no no VSLARRPLPPLP                                                  VSLARRPLPPLP B ? 
# 
loop_
_entity_poly_seq.entity_id 
_entity_poly_seq.num 
_entity_poly_seq.mon_id 
_entity_poly_seq.hetero 
1 1  GLY n 
1 2  SER n 
1 3  HIS n 
1 4  MET n 
1 5  THR n 
1 6  PHE n 
1 7  VAL n 
1 8  ALA n 
1 9  LEU n 
1 10 TYR n 
1 11 ASP n 
1 12 TYR n 
1 13 GLU n 
1 14 SER n 
1 15 ARG n 
1 16 THR n 
1 17 GLU n 
1 18 THR n 
1 19 ASP n 
1 20 LEU n 
1 21 SER n 
1 22 PHE n 
1 23 LYS n 
1 24 LYS n 
1 25 GLY n 
1 26 GLU n 
1 27 ARG n 
1 28 LEU n 
1 29 GLN n 
1 30 ILE n 
1 31 VAL n 
1 32 ASN n 
1 33 ASN n 
1 34 THR n 
1 35 GLU n 
1 36 GLY n 
1 37 ASP n 
1 38 TRP n 
1 39 TRP n 
1 40 LEU n 
1 41 ALA n 
1 42 HIS n 
1 43 SER n 
1 44 LEU n 
1 45 THR n 
1 46 THR n 
1 47 GLY n 
1 48 GLN n 
1 49 THR n 
1 50 GLY n 
1 51 TYR n 
1 52 ILE n 
1 53 PRO n 
1 54 SER n 
1 55 ASN n 
1 56 TYR n 
1 57 VAL n 
1 58 ALA n 
1 59 PRO n 
1 60 SER n 
1 61 ASP n 
2 1  VAL n 
2 2  SER n 
2 3  LEU n 
2 4  ALA n 
2 5  ARG n 
2 6  ARG n 
2 7  PRO n 
2 8  LEU n 
2 9  PRO n 
2 10 PRO n 
2 11 LEU n 
2 12 PRO n 
# 
_entity_src_gen.entity_id                          1 
_entity_src_gen.pdbx_src_id                        1 
_entity_src_gen.pdbx_alt_source_flag               sample 
_entity_src_gen.pdbx_seq_type                      ? 
_entity_src_gen.pdbx_beg_seq_num                   ? 
_entity_src_gen.pdbx_end_seq_num                   ? 
_entity_src_gen.gene_src_common_name               bantam,chickens 
_entity_src_gen.gene_src_genus                     ? 
_entity_src_gen.pdbx_gene_src_gene                 SRC 
_entity_src_gen.gene_src_species                   ? 
_entity_src_gen.gene_src_strain                    ? 
_entity_src_gen.gene_src_tissue                    ? 
_entity_src_gen.gene_src_tissue_fraction           ? 
_entity_src_gen.gene_src_details                   ? 
_entity_src_gen.pdbx_gene_src_fragment             ? 
_entity_src_gen.pdbx_gene_src_scientific_name      'Gallus gallus' 
_entity_src_gen.pdbx_gene_src_ncbi_taxonomy_id     9031 
_entity_src_gen.pdbx_gene_src_variant              ? 
_entity_src_gen.pdbx_gene_src_cell_line            ? 
_entity_src_gen.pdbx_gene_src_atcc                 ? 
_entity_src_gen.pdbx_gene_src_organ                ? 
_entity_src_gen.pdbx_gene_src_organelle            ? 
_entity_src_gen.pdbx_gene_src_cell                 ? 
_entity_src_gen.pdbx_gene_src_cellular_location    ? 
_entity_src_gen.host_org_common_name               ? 
_entity_src_gen.pdbx_host_org_scientific_name      'Escherichia coli' 
_entity_src_gen.pdbx_host_org_ncbi_taxonomy_id     469008 
_entity_src_gen.host_org_genus                     ? 
_entity_src_gen.pdbx_host_org_gene                 ? 
_entity_src_gen.pdbx_host_org_organ                ? 
_entity_src_gen.host_org_species                   ? 
_entity_src_gen.pdbx_host_org_tissue               ? 
_entity_src_gen.pdbx_host_org_tissue_fraction      ? 
_entity_src_gen.pdbx_host_org_strain               'BL21(DE3)' 
_entity_src_gen.pdbx_host_org_variant              ? 
_entity_src_gen.pdbx_host_org_cell_line            ? 
_entity_src_gen.pdbx_host_org_atcc                 ? 
_entity_src_gen.pdbx_host_org_culture_collection   ? 
_entity_src_gen.pdbx_host_org_cell                 ? 
_entity_src_gen.pdbx_host_org_organelle            ? 
_entity_src_gen.pdbx_host_org_cellular_location    ? 
_entity_src_gen.pdbx_host_org_vector_type          plasmid 
_entity_src_gen.pdbx_host_org_vector               ? 
_entity_src_gen.host_org_details                   ? 
_entity_src_gen.expression_system_id               ? 
_entity_src_gen.plasmid_name                       pET15b 
_entity_src_gen.plasmid_details                    ? 
_entity_src_gen.pdbx_description                   ? 
# 
_pdbx_entity_src_syn.entity_id              2 
_pdbx_entity_src_syn.pdbx_src_id            1 
_pdbx_entity_src_syn.pdbx_alt_source_flag   sample 
_pdbx_entity_src_syn.pdbx_beg_seq_num       ? 
_pdbx_entity_src_syn.pdbx_end_seq_num       ? 
_pdbx_entity_src_syn.organism_scientific    ? 
_pdbx_entity_src_syn.organism_common_name   ? 
_pdbx_entity_src_syn.ncbi_taxonomy_id       32630 
_pdbx_entity_src_syn.details                'Synthetic high affinity peptide' 
# 
loop_
_struct_ref.id 
_struct_ref.db_name 
_struct_ref.db_code 
_struct_ref.pdbx_db_accession 
_struct_ref.entity_id 
_struct_ref.pdbx_seq_one_letter_code 
_struct_ref.pdbx_align_begin 
_struct_ref.pdbx_db_isoform 
1 UNP SRC_CHICK P00523 1 TFVALYDYESRTETDLSFKKGERLQIVNNTEGDWWLAHSLTTGQTGYIPSNYVAPSD 85 ? 
2 PDB 4RTZ      4RTZ   2 ?                                                         ?  ? 
# 
loop_
_struct_ref_seq.align_id 
_struct_ref_seq.ref_id 
_struct_ref_seq.pdbx_PDB_id_code 
_struct_ref_seq.pdbx_strand_id 
_struct_ref_seq.seq_align_beg 
_struct_ref_seq.pdbx_seq_align_beg_ins_code 
_struct_ref_seq.seq_align_end 
_struct_ref_seq.pdbx_seq_align_end_ins_code 
_struct_ref_seq.pdbx_db_accession 
_struct_ref_seq.db_align_beg 
_struct_ref_seq.pdbx_db_align_beg_ins_code 
_struct_ref_seq.db_align_end 
_struct_ref_seq.pdbx_db_align_end_ins_code 
_struct_ref_seq.pdbx_auth_seq_align_beg 
_struct_ref_seq.pdbx_auth_seq_align_end 
1 1 4RTZ A 5 ? 61 ? P00523 85 ? 141 ? 85 141 
2 2 4RTZ B 1 ? 12 ? 4RTZ   1  ? 12  ? 1  12  
# 
loop_
_struct_ref_seq_dif.align_id 
_struct_ref_seq_dif.pdbx_pdb_id_code 
_struct_ref_seq_dif.mon_id 
_struct_ref_seq_dif.pdbx_pdb_strand_id 
_struct_ref_seq_dif.seq_num 
_struct_ref_seq_dif.pdbx_pdb_ins_code 
_struct_ref_seq_dif.pdbx_seq_db_name 
_struct_ref_seq_dif.pdbx_seq_db_accession_code 
_struct_ref_seq_dif.db_mon_id 
_struct_ref_seq_dif.pdbx_seq_db_seq_num 
_struct_ref_seq_dif.details 
_struct_ref_seq_dif.pdbx_auth_seq_num 
_struct_ref_seq_dif.pdbx_ordinal 
1 4RTZ GLY A 1 ? UNP P00523 ? ? 'expression tag' 81 1 
1 4RTZ SER A 2 ? UNP P00523 ? ? 'expression tag' 82 2 
1 4RTZ HIS A 3 ? UNP P00523 ? ? 'expression tag' 83 3 
1 4RTZ MET A 4 ? UNP P00523 ? ? 'expression tag' 84 4 
# 
loop_
_chem_comp.id 
_chem_comp.type 
_chem_comp.mon_nstd_flag 
_chem_comp.name 
_chem_comp.pdbx_synonyms 
_chem_comp.formula 
_chem_comp.formula_weight 
ALA 'L-peptide linking' y ALANINE           ?                               'C3 H7 N O2'     89.093  
ARG 'L-peptide linking' y ARGININE          ?                               'C6 H15 N4 O2 1' 175.209 
ASN 'L-peptide linking' y ASPARAGINE        ?                               'C4 H8 N2 O3'    132.118 
ASP 'L-peptide linking' y 'ASPARTIC ACID'   ?                               'C4 H7 N O4'     133.103 
GLN 'L-peptide linking' y GLUTAMINE         ?                               'C5 H10 N2 O3'   146.144 
GLU 'L-peptide linking' y 'GLUTAMIC ACID'   ?                               'C5 H9 N O4'     147.129 
GLY 'peptide linking'   y GLYCINE           ?                               'C2 H5 N O2'     75.067  
GOL non-polymer         . GLYCEROL          'GLYCERIN; PROPANE-1,2,3-TRIOL' 'C3 H8 O3'       92.094  
HIS 'L-peptide linking' y HISTIDINE         ?                               'C6 H10 N3 O2 1' 156.162 
HOH non-polymer         . WATER             ?                               'H2 O'           18.015  
ILE 'L-peptide linking' y ISOLEUCINE        ?                               'C6 H13 N O2'    131.173 
LEU 'L-peptide linking' y LEUCINE           ?                               'C6 H13 N O2'    131.173 
LYS 'L-peptide linking' y LYSINE            ?                               'C6 H15 N2 O2 1' 147.195 
MET 'L-peptide linking' y METHIONINE        ?                               'C5 H11 N O2 S'  149.211 
NI  non-polymer         . 'NICKEL (II) ION' ?                               'Ni 2'           58.693  
PHE 'L-peptide linking' y PHENYLALANINE     ?                               'C9 H11 N O2'    165.189 
PRO 'L-peptide linking' y PROLINE           ?                               'C5 H9 N O2'     115.130 
SER 'L-peptide linking' y SERINE            ?                               'C3 H7 N O3'     105.093 
THR 'L-peptide linking' y THREONINE         ?                               'C4 H9 N O3'     119.119 
TRP 'L-peptide linking' y TRYPTOPHAN        ?                               'C11 H12 N2 O2'  204.225 
TYR 'L-peptide linking' y TYROSINE          ?                               'C9 H11 N O3'    181.189 
VAL 'L-peptide linking' y VALINE            ?                               'C5 H11 N O2'    117.146 
# 
_exptl.crystals_number   1 
_exptl.entry_id          4RTZ 
_exptl.method            'X-RAY DIFFRACTION' 
# 
_exptl_crystal.id                    1 
_exptl_crystal.density_Matthews      1.81 
_exptl_crystal.density_meas          ? 
_exptl_crystal.density_percent_sol   32.02 
_exptl_crystal.description           ? 
_exptl_crystal.F_000                 ? 
_exptl_crystal.preparation           ? 
# 
_exptl_crystal_grow.crystal_id      1 
_exptl_crystal_grow.method          'VAPOR DIFFUSION, HANGING DROP' 
_exptl_crystal_grow.pH              7.5 
_exptl_crystal_grow.temp            298 
_exptl_crystal_grow.pdbx_details    
'1.7 M Ammonium sulphate, 0.1 M Hepes, 5 mM NiCl2 and 10% Glycerol, pH 7.5, vapor diffusion, hanging drop, temperature 298K' 
_exptl_crystal_grow.temp_details    ? 
_exptl_crystal_grow.pdbx_pH_range   ? 
# 
_diffrn.id                     1 
_diffrn.ambient_temp           100 
_diffrn.ambient_temp_details   ? 
_diffrn.crystal_id             1 
# 
_diffrn_detector.diffrn_id              1 
_diffrn_detector.detector               PIXEL 
_diffrn_detector.type                   'DECTRIS PILATUS 6M' 
_diffrn_detector.pdbx_collection_date   2013-03-14 
_diffrn_detector.details                ? 
# 
_diffrn_radiation.diffrn_id                        1 
_diffrn_radiation.pdbx_diffrn_protocol             'SINGLE WAVELENGTH' 
_diffrn_radiation.monochromator                    'Channel-cut monochromator and a Kirkpatrick-Baez (KB) focusing system' 
_diffrn_radiation.wavelength_id                    1 
_diffrn_radiation.pdbx_monochromatic_or_laue_m_l   M 
_diffrn_radiation.pdbx_scattering_type             x-ray 
# 
_diffrn_radiation_wavelength.id           1 
_diffrn_radiation_wavelength.wavelength   0.979491 
_diffrn_radiation_wavelength.wt           1.0 
# 
_diffrn_source.diffrn_id                   1 
_diffrn_source.source                      SYNCHROTRON 
_diffrn_source.type                        'ALBA BEAMLINE XALOC' 
_diffrn_source.pdbx_wavelength_list        0.979491 
_diffrn_source.pdbx_wavelength             ? 
_diffrn_source.pdbx_synchrotron_site       ALBA 
_diffrn_source.pdbx_synchrotron_beamline   XALOC 
# 
_reflns.d_resolution_high            0.980 
_reflns.d_resolution_low             41.050 
_reflns.number_obs                   34334 
_reflns.pdbx_Rmerge_I_obs            0.047 
_reflns.pdbx_netI_over_sigmaI        12.500 
_reflns.pdbx_redundancy              3.100 
_reflns.percent_possible_obs         98.100 
_reflns.B_iso_Wilson_estimate        9.430 
_reflns.entry_id                     4RTZ 
_reflns.observed_criterion_sigma_F   0 
_reflns.observed_criterion_sigma_I   0 
_reflns.number_all                   34999 
_reflns.pdbx_Rsym_value              ? 
_reflns.R_free_details               ? 
_reflns.limit_h_max                  ? 
_reflns.limit_h_min                  ? 
_reflns.limit_k_max                  ? 
_reflns.limit_k_min                  ? 
_reflns.limit_l_max                  ? 
_reflns.limit_l_min                  ? 
_reflns.observed_criterion_F_max     ? 
_reflns.observed_criterion_F_min     ? 
_reflns.pdbx_chi_squared             ? 
_reflns.pdbx_scaling_rejects         ? 
_reflns.pdbx_ordinal                 1 
_reflns.pdbx_diffrn_id               1 
# 
loop_
_reflns_shell.d_res_high 
_reflns_shell.d_res_low 
_reflns_shell.number_measured_obs 
_reflns_shell.number_measured_all 
_reflns_shell.number_unique_obs 
_reflns_shell.Rmerge_I_obs 
_reflns_shell.meanI_over_sigI_obs 
_reflns_shell.pdbx_Rsym_value 
_reflns_shell.pdbx_chi_squared 
_reflns_shell.pdbx_redundancy 
_reflns_shell.percent_possible_obs 
_reflns_shell.number_unique_all 
_reflns_shell.percent_possible_all 
_reflns_shell.pdbx_ordinal 
_reflns_shell.pdbx_diffrn_id 
0.980 1.000  ? 4416 ? 0.836 1.400  ? ? 2.800 ? 1586 89.600 1 1 
5.270 41.050 ? 729  ? 0.037 29.900 ? ? 2.700 ? 268  97.700 2 1 
# 
_refine.entry_id                                 4RTZ 
_refine.ls_d_res_high                            0.9790 
_refine.ls_d_res_low                             30.0350 
_refine.pdbx_ls_sigma_F                          0.010 
_refine.pdbx_data_cutoff_high_absF               ? 
_refine.pdbx_data_cutoff_low_absF                ? 
_refine.ls_percent_reflns_obs                    98.1100 
_refine.ls_number_reflns_obs                     65154 
_refine.ls_number_reflns_all                     66409 
_refine.pdbx_ls_cross_valid_method               THROUGHOUT 
_refine.pdbx_R_Free_selection_details            random 
_refine.details                                  ? 
_refine.ls_R_factor_all                          ? 
_refine.ls_R_factor_obs                          0.1435 
_refine.ls_R_factor_R_work                       0.1427 
_refine.ls_wR_factor_R_work                      ? 
_refine.ls_R_factor_R_free                       0.1584 
_refine.ls_wR_factor_R_free                      ? 
_refine.ls_percent_reflns_R_free                 5.0000 
_refine.ls_number_reflns_R_free                  3256 
_refine.ls_R_factor_R_free_error                 ? 
_refine.B_iso_mean                               14.6664 
_refine.solvent_model_param_bsol                 ? 
_refine.solvent_model_param_ksol                 ? 
_refine.pdbx_isotropic_thermal_model             anisotropic 
_refine.aniso_B[1][1]                            ? 
_refine.aniso_B[2][2]                            ? 
_refine.aniso_B[3][3]                            ? 
_refine.aniso_B[1][2]                            ? 
_refine.aniso_B[1][3]                            ? 
_refine.aniso_B[2][3]                            ? 
_refine.correlation_coeff_Fo_to_Fc               ? 
_refine.correlation_coeff_Fo_to_Fc_free          ? 
_refine.overall_SU_R_Cruickshank_DPI             ? 
_refine.overall_SU_R_free                        ? 
_refine.pdbx_overall_ESU_R                       ? 
_refine.pdbx_overall_ESU_R_Free                  ? 
_refine.overall_SU_ML                            0.0900 
_refine.overall_SU_B                             ? 
_refine.solvent_model_details                    'FLAT BULK SOLVENT MODEL' 
_refine.pdbx_solvent_vdw_probe_radii             1.1100 
_refine.pdbx_solvent_ion_probe_radii             ? 
_refine.pdbx_solvent_shrinkage_radii             0.9000 
_refine.ls_number_parameters                     ? 
_refine.ls_number_restraints                     ? 
_refine.pdbx_starting_model                      4JZ4 
_refine.pdbx_method_to_determine_struct          'MOLECULAR REPLACEMENT' 
_refine.pdbx_stereochemistry_target_values       ML 
_refine.pdbx_stereochem_target_val_spec_case     ? 
_refine.overall_FOM_work_R_set                   ? 
_refine.B_iso_max                                49.480 
_refine.B_iso_min                                6.830 
_refine.pdbx_overall_phase_error                 15.7100 
_refine.occupancy_max                            ? 
_refine.occupancy_min                            ? 
_refine.pdbx_ls_sigma_I                          ? 
_refine.ls_redundancy_reflns_obs                 ? 
_refine.ls_R_factor_R_free_error_details         ? 
_refine.pdbx_data_cutoff_high_rms_absF           ? 
_refine.overall_FOM_free_R_set                   ? 
_refine.pdbx_diffrn_id                           1 
_refine.pdbx_refine_id                           'X-RAY DIFFRACTION' 
_refine.pdbx_TLS_residual_ADP_flag               ? 
_refine.pdbx_overall_SU_R_free_Cruickshank_DPI   ? 
_refine.pdbx_overall_SU_R_Blow_DPI               ? 
_refine.pdbx_overall_SU_R_free_Blow_DPI          ? 
# 
_refine_hist.pdbx_refine_id                   'X-RAY DIFFRACTION' 
_refine_hist.cycle_id                         LAST 
_refine_hist.pdbx_number_atoms_protein        549 
_refine_hist.pdbx_number_atoms_nucleic_acid   0 
_refine_hist.pdbx_number_atoms_ligand         7 
_refine_hist.number_atoms_solvent             62 
_refine_hist.number_atoms_total               618 
_refine_hist.d_res_high                       0.9790 
_refine_hist.d_res_low                        30.0350 
# 
loop_
_refine_ls_restr.type 
_refine_ls_restr.number 
_refine_ls_restr.dev_ideal 
_refine_ls_restr.dev_ideal_target 
_refine_ls_restr.weight 
_refine_ls_restr.pdbx_restraint_function 
_refine_ls_restr.pdbx_refine_id 
f_bond_d           591 0.009  ? ? ? 'X-RAY DIFFRACTION' 
f_angle_d          811 1.381  ? ? ? 'X-RAY DIFFRACTION' 
f_chiral_restr     87  0.083  ? ? ? 'X-RAY DIFFRACTION' 
f_plane_restr      106 0.007  ? ? ? 'X-RAY DIFFRACTION' 
f_dihedral_angle_d 216 11.098 ? ? ? 'X-RAY DIFFRACTION' 
# 
loop_
_refine_ls_shell.d_res_high 
_refine_ls_shell.d_res_low 
_refine_ls_shell.pdbx_total_number_of_bins_used 
_refine_ls_shell.percent_reflns_obs 
_refine_ls_shell.number_reflns_R_work 
_refine_ls_shell.R_factor_all 
_refine_ls_shell.R_factor_R_work 
_refine_ls_shell.R_factor_R_free 
_refine_ls_shell.percent_reflns_R_free 
_refine_ls_shell.number_reflns_R_free 
_refine_ls_shell.R_factor_R_free_error 
_refine_ls_shell.number_reflns_all 
_refine_ls_shell.number_reflns_obs 
_refine_ls_shell.redundancy_reflns_obs 
_refine_ls_shell.pdbx_refine_id 
0.9791 0.9937  23 88.0000  2452 . 0.3120 0.2898 . 112 . 2564 . . 'X-RAY DIFFRACTION' 
0.9937 1.0092  23 97.0000  2652 . 0.3071 0.2678 . 123 . 2775 . . 'X-RAY DIFFRACTION' 
1.0092 1.0258  23 96.0000  2686 . 0.2847 0.3014 . 133 . 2819 . . 'X-RAY DIFFRACTION' 
1.0258 1.0435  23 98.0000  2635 . 0.2452 0.2377 . 137 . 2772 . . 'X-RAY DIFFRACTION' 
1.0435 1.0625  23 98.0000  2705 . 0.2151 0.2250 . 134 . 2839 . . 'X-RAY DIFFRACTION' 
1.0625 1.0829  23 98.0000  2668 . 0.1812 0.2005 . 137 . 2805 . . 'X-RAY DIFFRACTION' 
1.0829 1.1050  23 99.0000  2747 . 0.1734 0.1609 . 147 . 2894 . . 'X-RAY DIFFRACTION' 
1.1050 1.1290  23 99.0000  2681 . 0.1566 0.1573 . 144 . 2825 . . 'X-RAY DIFFRACTION' 
1.1290 1.1553  23 98.0000  2683 . 0.1445 0.1621 . 127 . 2810 . . 'X-RAY DIFFRACTION' 
1.1553 1.1842  23 99.0000  2700 . 0.1386 0.1444 . 157 . 2857 . . 'X-RAY DIFFRACTION' 
1.1842 1.2162  23 99.0000  2681 . 0.1329 0.1539 . 171 . 2852 . . 'X-RAY DIFFRACTION' 
1.2162 1.2520  23 99.0000  2746 . 0.1287 0.1519 . 148 . 2894 . . 'X-RAY DIFFRACTION' 
1.2520 1.2924  23 99.0000  2711 . 0.1301 0.1455 . 142 . 2853 . . 'X-RAY DIFFRACTION' 
1.2924 1.3386  23 99.0000  2699 . 0.1258 0.1514 . 152 . 2851 . . 'X-RAY DIFFRACTION' 
1.3386 1.3922  23 100.0000 2762 . 0.1211 0.1382 . 120 . 2882 . . 'X-RAY DIFFRACTION' 
1.3922 1.4556  23 100.0000 2738 . 0.1185 0.1314 . 124 . 2862 . . 'X-RAY DIFFRACTION' 
1.4556 1.5323  23 100.0000 2727 . 0.1172 0.1130 . 161 . 2888 . . 'X-RAY DIFFRACTION' 
1.5323 1.6283  23 99.0000  2707 . 0.1250 0.1396 . 176 . 2883 . . 'X-RAY DIFFRACTION' 
1.6283 1.7540  23 98.0000  2711 . 0.1265 0.2007 . 129 . 2840 . . 'X-RAY DIFFRACTION' 
1.7540 1.9305  23 99.0000  2736 . 0.1287 0.1607 . 119 . 2855 . . 'X-RAY DIFFRACTION' 
1.9305 2.2097  23 99.0000  2701 . 0.1290 0.1360 . 161 . 2862 . . 'X-RAY DIFFRACTION' 
2.2097 2.7837  23 98.0000  2670 . 0.1465 0.1794 . 168 . 2838 . . 'X-RAY DIFFRACTION' 
2.7837 30.0490 23 98.0000  2700 . 0.1413 0.1469 . 134 . 2834 . . 'X-RAY DIFFRACTION' 
# 
_struct.entry_id                  4RTZ 
_struct.title                     'Crystal structure of the c-Src-SH3 domain in complex with the high affinity peptide VSL12' 
_struct.pdbx_model_details        ? 
_struct.pdbx_CASP_flag            ? 
_struct.pdbx_model_type_details   ? 
# 
_struct_keywords.entry_id        4RTZ 
_struct_keywords.text            'beta shandwich, SH3 domain, PROTEIN BINDING' 
_struct_keywords.pdbx_keywords   'PROTEIN BINDING' 
# 
loop_
_struct_asym.id 
_struct_asym.pdbx_blank_PDB_chainid_flag 
_struct_asym.pdbx_modified 
_struct_asym.entity_id 
_struct_asym.details 
A N N 1 ? 
B N N 2 ? 
C N N 3 ? 
D N N 4 ? 
E N N 5 ? 
F N N 5 ? 
# 
_struct_biol.id        1 
_struct_biol.details   ? 
# 
_struct_conf.conf_type_id            HELX_P 
_struct_conf.id                      HELX_P1 
_struct_conf.pdbx_PDB_helix_id       1 
_struct_conf.beg_label_comp_id       SER 
_struct_conf.beg_label_asym_id       A 
_struct_conf.beg_label_seq_id        54 
_struct_conf.pdbx_beg_PDB_ins_code   ? 
_struct_conf.end_label_comp_id       TYR 
_struct_conf.end_label_asym_id       A 
_struct_conf.end_label_seq_id        56 
_struct_conf.pdbx_end_PDB_ins_code   ? 
_struct_conf.beg_auth_comp_id        SER 
_struct_conf.beg_auth_asym_id        A 
_struct_conf.beg_auth_seq_id         134 
_struct_conf.end_auth_comp_id        TYR 
_struct_conf.end_auth_asym_id        A 
_struct_conf.end_auth_seq_id         136 
_struct_conf.pdbx_PDB_helix_class    5 
_struct_conf.details                 ? 
_struct_conf.pdbx_PDB_helix_length   3 
# 
_struct_conf_type.id          HELX_P 
_struct_conf_type.criteria    ? 
_struct_conf_type.reference   ? 
# 
loop_
_struct_conn.id 
_struct_conn.conn_type_id 
_struct_conn.pdbx_leaving_atom_flag 
_struct_conn.pdbx_PDB_id 
_struct_conn.ptnr1_label_asym_id 
_struct_conn.ptnr1_label_comp_id 
_struct_conn.ptnr1_label_seq_id 
_struct_conn.ptnr1_label_atom_id 
_struct_conn.pdbx_ptnr1_label_alt_id 
_struct_conn.pdbx_ptnr1_PDB_ins_code 
_struct_conn.pdbx_ptnr1_standard_comp_id 
_struct_conn.ptnr1_symmetry 
_struct_conn.ptnr2_label_asym_id 
_struct_conn.ptnr2_label_comp_id 
_struct_conn.ptnr2_label_seq_id 
_struct_conn.ptnr2_label_atom_id 
_struct_conn.pdbx_ptnr2_label_alt_id 
_struct_conn.pdbx_ptnr2_PDB_ins_code 
_struct_conn.ptnr1_auth_asym_id 
_struct_conn.ptnr1_auth_comp_id 
_struct_conn.ptnr1_auth_seq_id 
_struct_conn.ptnr2_auth_asym_id 
_struct_conn.ptnr2_auth_comp_id 
_struct_conn.ptnr2_auth_seq_id 
_struct_conn.ptnr2_symmetry 
_struct_conn.pdbx_ptnr3_label_atom_id 
_struct_conn.pdbx_ptnr3_label_seq_id 
_struct_conn.pdbx_ptnr3_label_comp_id 
_struct_conn.pdbx_ptnr3_label_asym_id 
_struct_conn.pdbx_ptnr3_label_alt_id 
_struct_conn.pdbx_ptnr3_PDB_ins_code 
_struct_conn.details 
_struct_conn.pdbx_dist_value 
_struct_conn.pdbx_value_order 
_struct_conn.pdbx_role 
metalc1 metalc ? ? A GLY 1 N   ? ? ? 1_555 C NI . NI ? ? A GLY 81 A NI 201 1_555 ? ? ? ? ? ? ? 1.904 ? ? 
metalc2 metalc ? ? A SER 2 N   ? ? ? 1_555 C NI . NI ? ? A SER 82 A NI 201 1_555 ? ? ? ? ? ? ? 1.840 ? ? 
metalc3 metalc ? ? A HIS 3 N   ? ? ? 1_555 C NI . NI ? ? A HIS 83 A NI 201 1_555 ? ? ? ? ? ? ? 1.894 ? ? 
metalc4 metalc ? ? A HIS 3 ND1 ? ? ? 1_555 C NI . NI ? ? A HIS 83 A NI 201 1_555 ? ? ? ? ? ? ? 1.914 ? ? 
# 
_struct_conn_type.id          metalc 
_struct_conn_type.criteria    ? 
_struct_conn_type.reference   ? 
# 
_struct_sheet.id               A 
_struct_sheet.type             ? 
_struct_sheet.number_strands   5 
_struct_sheet.details          ? 
# 
loop_
_struct_sheet_order.sheet_id 
_struct_sheet_order.range_id_1 
_struct_sheet_order.range_id_2 
_struct_sheet_order.offset 
_struct_sheet_order.sense 
A 1 2 ? anti-parallel 
A 2 3 ? anti-parallel 
A 3 4 ? anti-parallel 
A 4 5 ? anti-parallel 
# 
loop_
_struct_sheet_range.sheet_id 
_struct_sheet_range.id 
_struct_sheet_range.beg_label_comp_id 
_struct_sheet_range.beg_label_asym_id 
_struct_sheet_range.beg_label_seq_id 
_struct_sheet_range.pdbx_beg_PDB_ins_code 
_struct_sheet_range.end_label_comp_id 
_struct_sheet_range.end_label_asym_id 
_struct_sheet_range.end_label_seq_id 
_struct_sheet_range.pdbx_end_PDB_ins_code 
_struct_sheet_range.beg_auth_comp_id 
_struct_sheet_range.beg_auth_asym_id 
_struct_sheet_range.beg_auth_seq_id 
_struct_sheet_range.end_auth_comp_id 
_struct_sheet_range.end_auth_asym_id 
_struct_sheet_range.end_auth_seq_id 
A 1 THR A 49 ? PRO A 53 ? THR A 129 PRO A 133 
A 2 TRP A 38 ? SER A 43 ? TRP A 118 SER A 123 
A 3 ARG A 27 ? ASN A 32 ? ARG A 107 ASN A 112 
A 4 THR A 5  ? ALA A 8  ? THR A 85  ALA A 88  
A 5 VAL A 57 ? PRO A 59 ? VAL A 137 PRO A 139 
# 
loop_
_pdbx_struct_sheet_hbond.sheet_id 
_pdbx_struct_sheet_hbond.range_id_1 
_pdbx_struct_sheet_hbond.range_id_2 
_pdbx_struct_sheet_hbond.range_1_label_atom_id 
_pdbx_struct_sheet_hbond.range_1_label_comp_id 
_pdbx_struct_sheet_hbond.range_1_label_asym_id 
_pdbx_struct_sheet_hbond.range_1_label_seq_id 
_pdbx_struct_sheet_hbond.range_1_PDB_ins_code 
_pdbx_struct_sheet_hbond.range_1_auth_atom_id 
_pdbx_struct_sheet_hbond.range_1_auth_comp_id 
_pdbx_struct_sheet_hbond.range_1_auth_asym_id 
_pdbx_struct_sheet_hbond.range_1_auth_seq_id 
_pdbx_struct_sheet_hbond.range_2_label_atom_id 
_pdbx_struct_sheet_hbond.range_2_label_comp_id 
_pdbx_struct_sheet_hbond.range_2_label_asym_id 
_pdbx_struct_sheet_hbond.range_2_label_seq_id 
_pdbx_struct_sheet_hbond.range_2_PDB_ins_code 
_pdbx_struct_sheet_hbond.range_2_auth_atom_id 
_pdbx_struct_sheet_hbond.range_2_auth_comp_id 
_pdbx_struct_sheet_hbond.range_2_auth_asym_id 
_pdbx_struct_sheet_hbond.range_2_auth_seq_id 
A 1 2 O GLY A 50 ? O GLY A 130 N ALA A 41 ? N ALA A 121 
A 2 3 O HIS A 42 ? O HIS A 122 N GLN A 29 ? N GLN A 109 
A 3 4 O LEU A 28 ? O LEU A 108 N PHE A 6  ? N PHE A 86  
A 4 5 N VAL A 7  ? N VAL A 87  O ALA A 58 ? O ALA A 138 
# 
loop_
_struct_site.id 
_struct_site.pdbx_evidence_code 
_struct_site.pdbx_auth_asym_id 
_struct_site.pdbx_auth_comp_id 
_struct_site.pdbx_auth_seq_id 
_struct_site.pdbx_auth_ins_code 
_struct_site.pdbx_num_residues 
_struct_site.details 
AC1 Software A NI  201 ? 3 'BINDING SITE FOR RESIDUE NI A 201'  
AC2 Software A GOL 202 ? 5 'BINDING SITE FOR RESIDUE GOL A 202' 
# 
loop_
_struct_site_gen.id 
_struct_site_gen.site_id 
_struct_site_gen.pdbx_num_res 
_struct_site_gen.label_comp_id 
_struct_site_gen.label_asym_id 
_struct_site_gen.label_seq_id 
_struct_site_gen.pdbx_auth_ins_code 
_struct_site_gen.auth_comp_id 
_struct_site_gen.auth_asym_id 
_struct_site_gen.auth_seq_id 
_struct_site_gen.label_atom_id 
_struct_site_gen.label_alt_id 
_struct_site_gen.symmetry 
_struct_site_gen.details 
1 AC1 3 GLY A 1  ? GLY A 81  . ? 1_555 ? 
2 AC1 3 SER A 2  ? SER A 82  . ? 1_555 ? 
3 AC1 3 HIS A 3  ? HIS A 83  . ? 1_555 ? 
4 AC2 5 THR A 18 ? THR A 98  . ? 1_555 ? 
5 AC2 5 LEU A 40 ? LEU A 120 . ? 1_555 ? 
6 AC2 5 SER A 60 ? SER A 140 . ? 3_444 ? 
7 AC2 5 ASP A 61 ? ASP A 141 . ? 3_444 ? 
8 AC2 5 HOH E .  ? HOH A 338 . ? 1_555 ? 
# 
_atom_sites.entry_id                    4RTZ 
_atom_sites.fract_transf_matrix[1][1]   0.02996090 
_atom_sites.fract_transf_matrix[1][2]   -0.00503541 
_atom_sites.fract_transf_matrix[1][3]   -0.00077599 
_atom_sites.fract_transf_matrix[2][1]   -0.00394333 
_atom_sites.fract_transf_matrix[2][2]   -0.02388515 
_atom_sites.fract_transf_matrix[2][3]   0.00273960 
_atom_sites.fract_transf_matrix[3][1]   -0.00099087 
_atom_sites.fract_transf_matrix[3][2]   -0.00242191 
_atom_sites.fract_transf_matrix[3][3]   -0.02254162 
_atom_sites.fract_transf_vector[1]      -0.431834 
_atom_sites.fract_transf_vector[2]      0.129084 
_atom_sites.fract_transf_vector[3]      -0.149445 
# 
loop_
_atom_type.symbol 
C  
H  
N  
NI 
O  
S  
# 
loop_
_atom_site.group_PDB 
_atom_site.id 
_atom_site.type_symbol 
_atom_site.label_atom_id 
_atom_site.label_alt_id 
_atom_site.label_comp_id 
_atom_site.label_asym_id 
_atom_site.label_entity_id 
_atom_site.label_seq_id 
_atom_site.pdbx_PDB_ins_code 
_atom_site.Cartn_x 
_atom_site.Cartn_y 
_atom_site.Cartn_z 
_atom_site.occupancy 
_atom_site.B_iso_or_equiv 
_atom_site.pdbx_formal_charge 
_atom_site.auth_seq_id 
_atom_site.auth_comp_id 
_atom_site.auth_asym_id 
_atom_site.auth_atom_id 
_atom_site.pdbx_PDB_model_num 
ATOM   1    N  N    . GLY A 1 1  ? -13.826 9.437   8.080   1.00 11.66 ? 81  GLY A N    1 
ATOM   2    C  CA   . GLY A 1 1  ? -14.324 10.430  7.150   1.00 11.99 ? 81  GLY A CA   1 
ATOM   3    C  C    . GLY A 1 1  ? -13.276 10.746  6.107   1.00 11.73 ? 81  GLY A C    1 
ATOM   4    O  O    . GLY A 1 1  ? -13.496 11.513  5.164   1.00 13.54 ? 81  GLY A O    1 
ATOM   5    H  HA2  . GLY A 1 1  ? -15.120 10.097  6.706   1.00 14.39 ? 81  GLY A HA2  1 
ATOM   6    H  HA3  . GLY A 1 1  ? -14.548 11.244  7.628   1.00 14.39 ? 81  GLY A HA3  1 
ATOM   7    N  N    . SER A 1 2  ? -12.144 10.083  6.274   1.00 10.66 ? 82  SER A N    1 
ATOM   8    C  CA   . SER A 1 2  ? -11.037 10.146  5.337   1.00 9.65  ? 82  SER A CA   1 
ATOM   9    C  C    . SER A 1 2  ? -10.081 9.054   5.732   1.00 9.06  ? 82  SER A C    1 
ATOM   10   O  O    . SER A 1 2  ? -9.057  8.833   5.054   1.00 9.90  ? 82  SER A O    1 
ATOM   11   C  CB   . SER A 1 2  ? -10.326 11.513  5.326   1.00 10.34 ? 82  SER A CB   1 
ATOM   12   O  OG   . SER A 1 2  ? -9.740  11.865  6.568   1.00 10.02 ? 82  SER A OG   1 
ATOM   13   H  HA   . SER A 1 2  ? -11.362 9.961   4.442   1.00 11.58 ? 82  SER A HA   1 
ATOM   14   H  HB2  . SER A 1 2  ? -9.627  11.488  4.654   1.00 12.41 ? 82  SER A HB2  1 
ATOM   15   H  HB3  . SER A 1 2  ? -10.976 12.193  5.090   1.00 12.41 ? 82  SER A HB3  1 
ATOM   16   H  HG   . SER A 1 2  ? -10.331 11.902  7.164   1.00 12.02 ? 82  SER A HG   1 
ATOM   17   N  N    . HIS A 1 3  ? -10.426 8.364   6.816   1.00 9.42  ? 83  HIS A N    1 
ATOM   18   C  CA   . HIS A 1 3  ? -9.549  7.277   7.208   1.00 9.65  ? 83  HIS A CA   1 
ATOM   19   C  C    . HIS A 1 3  ? -9.853  6.065   6.343   1.00 9.56  ? 83  HIS A C    1 
ATOM   20   O  O    . HIS A 1 3  ? -11.003 5.682   6.133   1.00 11.04 ? 83  HIS A O    1 
ATOM   21   C  CB   . HIS A 1 3  ? -9.664  6.975   8.679   1.00 11.30 ? 83  HIS A CB   1 
ATOM   22   C  CG   . HIS A 1 3  ? -11.021 6.544   9.077   1.00 12.30 ? 83  HIS A CG   1 
ATOM   23   N  ND1  . HIS A 1 3  ? -12.154 7.247   8.726   1.00 11.44 ? 83  HIS A ND1  1 
ATOM   24   C  CD2  . HIS A 1 3  ? -11.435 5.459   9.770   1.00 14.55 ? 83  HIS A CD2  1 
ATOM   25   C  CE1  . HIS A 1 3  ? -13.209 6.616   9.210   1.00 13.37 ? 83  HIS A CE1  1 
ATOM   26   N  NE2  . HIS A 1 3  ? -12.803 5.527   9.839   1.00 15.62 ? 83  HIS A NE2  1 
ATOM   27   H  HA   . HIS A 1 3  ? -8.631  7.540   7.033   1.00 11.58 ? 83  HIS A HA   1 
ATOM   28   H  HB2  . HIS A 1 3  ? -9.046  6.263   8.903   1.00 13.56 ? 83  HIS A HB2  1 
ATOM   29   H  HB3  . HIS A 1 3  ? -9.445  7.774   9.183   1.00 13.56 ? 83  HIS A HB3  1 
ATOM   30   H  HD2  . HIS A 1 3  ? -10.894 4.795   10.134  1.00 17.46 ? 83  HIS A HD2  1 
ATOM   31   H  HE1  . HIS A 1 3  ? -14.094 6.887   9.114   1.00 16.05 ? 83  HIS A HE1  1 
ATOM   32   H  HE2  . HIS A 1 3  ? -13.312 4.959   10.236  1.00 18.74 ? 83  HIS A HE2  1 
ATOM   33   N  N    . MET A 1 4  ? -8.792  5.455   5.852   1.00 9.06  ? 84  MET A N    1 
ATOM   34   C  CA   A MET A 1 4  ? -8.887  4.283   5.018   0.59 9.80  ? 84  MET A CA   1 
ATOM   35   C  CA   B MET A 1 4  ? -8.881  4.279   4.998   0.41 8.85  ? 84  MET A CA   1 
ATOM   36   C  C    . MET A 1 4  ? -7.760  3.367   5.449   1.00 8.49  ? 84  MET A C    1 
ATOM   37   O  O    . MET A 1 4  ? -6.677  3.346   4.856   1.00 8.65  ? 84  MET A O    1 
ATOM   38   C  CB   A MET A 1 4  ? -8.765  4.694   3.566   0.59 12.71 ? 84  MET A CB   1 
ATOM   39   C  CB   B MET A 1 4  ? -8.700  4.659   3.524   0.41 9.92  ? 84  MET A CB   1 
ATOM   40   C  CG   A MET A 1 4  ? -9.253  3.649   2.630   0.59 17.07 ? 84  MET A CG   1 
ATOM   41   C  CG   B MET A 1 4  ? -9.904  5.270   2.856   0.41 12.82 ? 84  MET A CG   1 
ATOM   42   S  SD   A MET A 1 4  ? -9.259  4.185   0.927   0.59 21.09 ? 84  MET A SD   1 
ATOM   43   S  SD   B MET A 1 4  ? -11.169 4.055   2.497   0.41 17.91 ? 84  MET A SD   1 
ATOM   44   C  CE   A MET A 1 4  ? -10.230 5.656   1.016   0.59 22.64 ? 84  MET A CE   1 
ATOM   45   C  CE   B MET A 1 4  ? -10.449 3.188   1.105   0.41 19.25 ? 84  MET A CE   1 
ATOM   46   H  H    . MET A 1 4  ? -7.985  5.712   5.999   1.00 10.87 ? 84  MET A H    1 
ATOM   47   H  HA   . MET A 1 4  ? -9.741  3.843   5.134   0.59 10.62 ? 84  MET A HA   1 
ATOM   48   H  HB2  A MET A 1 4  ? -9.289  5.496   3.419   0.59 15.26 ? 84  MET A HB2  1 
ATOM   49   H  HB2  B MET A 1 4  ? -7.976  5.301   3.459   0.41 11.90 ? 84  MET A HB2  1 
ATOM   50   H  HB3  A MET A 1 4  ? -7.832  4.866   3.364   0.59 15.26 ? 84  MET A HB3  1 
ATOM   51   H  HB3  B MET A 1 4  ? -8.468  3.859   3.027   0.41 11.90 ? 84  MET A HB3  1 
ATOM   52   H  HG2  A MET A 1 4  ? -8.677  2.871   2.697   0.59 20.48 ? 84  MET A HG2  1 
ATOM   53   H  HG2  B MET A 1 4  ? -10.287 5.939   3.444   0.41 15.38 ? 84  MET A HG2  1 
ATOM   54   H  HG3  A MET A 1 4  ? -10.161 3.410   2.870   0.59 20.48 ? 84  MET A HG3  1 
ATOM   55   H  HG3  B MET A 1 4  ? -9.631  5.677   2.020   0.41 15.38 ? 84  MET A HG3  1 
ATOM   56   H  HE1  A MET A 1 4  ? -9.798  6.284   1.615   0.59 27.17 ? 84  MET A HE1  1 
ATOM   57   H  HE1  B MET A 1 4  ? -10.303 3.819   0.382   0.41 23.10 ? 84  MET A HE1  1 
ATOM   58   H  HE2  A MET A 1 4  ? -10.301 6.041   0.128   0.59 27.17 ? 84  MET A HE2  1 
ATOM   59   H  HE2  B MET A 1 4  ? -9.605  2.797   1.380   0.41 23.10 ? 84  MET A HE2  1 
ATOM   60   H  HE3  A MET A 1 4  ? -11.113 5.432   1.352   0.59 27.17 ? 84  MET A HE3  1 
ATOM   61   H  HE3  B MET A 1 4  ? -11.060 2.491   0.818   0.41 23.10 ? 84  MET A HE3  1 
ATOM   62   N  N    . THR A 1 5  ? -8.031  2.622   6.505   1.00 9.03  ? 85  THR A N    1 
ATOM   63   C  CA   . THR A 1 5  ? -7.000  1.842   7.155   1.00 9.45  ? 85  THR A CA   1 
ATOM   64   C  C    . THR A 1 5  ? -6.963  0.441   6.560   1.00 9.18  ? 85  THR A C    1 
ATOM   65   O  O    . THR A 1 5  ? -7.975  -0.256  6.478   1.00 9.51  ? 85  THR A O    1 
ATOM   66   C  CB   . THR A 1 5  ? -7.288  1.744   8.661   1.00 11.60 ? 85  THR A CB   1 
ATOM   67   O  OG1  . THR A 1 5  ? -7.580  3.056   9.156   1.00 13.07 ? 85  THR A OG1  1 
ATOM   68   C  CG2  . THR A 1 5  ? -6.126  1.136   9.418   1.00 13.83 ? 85  THR A CG2  1 
ATOM   69   H  H    . THR A 1 5  ? -8.809  2.550   6.865   1.00 10.84 ? 85  THR A H    1 
ATOM   70   H  HA   . THR A 1 5  ? -6.135  2.263   7.026   1.00 11.34 ? 85  THR A HA   1 
ATOM   71   H  HB   . THR A 1 5  ? -8.062  1.177   8.798   1.00 13.92 ? 85  THR A HB   1 
ATOM   72   H  HG1  . THR A 1 5  ? -6.924  3.564   9.027   1.00 15.68 ? 85  THR A HG1  1 
ATOM   73   H  HG21 . THR A 1 5  ? -5.947  0.241   9.087   1.00 16.59 ? 85  THR A HG21 1 
ATOM   74   H  HG22 . THR A 1 5  ? -5.331  1.680   9.299   1.00 16.59 ? 85  THR A HG22 1 
ATOM   75   H  HG23 . THR A 1 5  ? -6.335  1.086   10.363  1.00 16.59 ? 85  THR A HG23 1 
ATOM   76   N  N    . PHE A 1 6  ? -5.773  0.035   6.152   1.00 8.43  ? 86  PHE A N    1 
ATOM   77   C  CA   . PHE A 1 6  ? -5.538  -1.272  5.556   1.00 8.18  ? 86  PHE A CA   1 
ATOM   78   C  C    . PHE A 1 6  ? -4.380  -1.950  6.275   1.00 8.39  ? 86  PHE A C    1 
ATOM   79   O  O    . PHE A 1 6  ? -3.569  -1.293  6.932   1.00 10.96 ? 86  PHE A O    1 
ATOM   80   C  CB   . PHE A 1 6  ? -5.251  -1.121  4.056   1.00 8.18  ? 86  PHE A CB   1 
ATOM   81   C  CG   . PHE A 1 6  ? -6.484  -0.952  3.212   1.00 8.05  ? 86  PHE A CG   1 
ATOM   82   C  CD1  . PHE A 1 6  ? -7.279  0.178   3.323   1.00 9.14  ? 86  PHE A CD1  1 
ATOM   83   C  CD2  . PHE A 1 6  ? -6.866  -1.934  2.336   1.00 8.86  ? 86  PHE A CD2  1 
ATOM   84   C  CE1  . PHE A 1 6  ? -8.423  0.316   2.568   1.00 10.54 ? 86  PHE A CE1  1 
ATOM   85   C  CE2  . PHE A 1 6  ? -8.003  -1.799  1.574   1.00 10.25 ? 86  PHE A CE2  1 
ATOM   86   C  CZ   . PHE A 1 6  ? -8.787  -0.676  1.696   1.00 10.99 ? 86  PHE A CZ   1 
ATOM   87   H  H    . PHE A 1 6  ? -5.060  0.515   6.211   1.00 10.11 ? 86  PHE A H    1 
ATOM   88   H  HA   . PHE A 1 6  ? -6.330  -1.823  5.663   1.00 9.82  ? 86  PHE A HA   1 
ATOM   89   H  HB2  . PHE A 1 6  ? -4.691  -0.340  3.923   1.00 9.82  ? 86  PHE A HB2  1 
ATOM   90   H  HB3  . PHE A 1 6  ? -4.786  -1.914  3.746   1.00 9.82  ? 86  PHE A HB3  1 
ATOM   91   H  HD1  . PHE A 1 6  ? -7.041  0.849   3.920   1.00 10.97 ? 86  PHE A HD1  1 
ATOM   92   H  HD2  . PHE A 1 6  ? -6.348  -2.701  2.253   1.00 10.63 ? 86  PHE A HD2  1 
ATOM   93   H  HE1  . PHE A 1 6  ? -8.946  1.081   2.647   1.00 12.64 ? 86  PHE A HE1  1 
ATOM   94   H  HE2  . PHE A 1 6  ? -8.247  -2.473  0.983   1.00 12.30 ? 86  PHE A HE2  1 
ATOM   95   H  HZ   . PHE A 1 6  ? -9.551  -0.583  1.176   1.00 13.19 ? 86  PHE A HZ   1 
ATOM   96   N  N    . VAL A 1 7  ? -4.321  -3.272  6.159   1.00 7.66  ? 87  VAL A N    1 
ATOM   97   C  CA   . VAL A 1 7  ? -3.218  -4.038  6.689   1.00 7.39  ? 87  VAL A CA   1 
ATOM   98   C  C    . VAL A 1 7  ? -2.503  -4.747  5.546   1.00 7.38  ? 87  VAL A C    1 
ATOM   99   O  O    . VAL A 1 7  ? -3.136  -5.254  4.616   1.00 7.41  ? 87  VAL A O    1 
ATOM   100  C  CB   . VAL A 1 7  ? -3.685  -5.019  7.795   1.00 8.36  ? 87  VAL A CB   1 
ATOM   101  C  CG1  . VAL A 1 7  ? -4.678  -6.050  7.279   1.00 9.94  ? 87  VAL A CG1  1 
ATOM   102  C  CG2  . VAL A 1 7  ? -2.490  -5.681  8.472   1.00 8.94  ? 87  VAL A CG2  1 
ATOM   103  H  H    . VAL A 1 7  ? -4.921  -3.750  5.771   1.00 9.19  ? 87  VAL A H    1 
ATOM   104  H  HA   . VAL A 1 7  ? -2.584  -3.425  7.093   1.00 8.86  ? 87  VAL A HA   1 
ATOM   105  H  HB   . VAL A 1 7  ? -4.145  -4.503  8.476   1.00 10.04 ? 87  VAL A HB   1 
ATOM   106  H  HG11 . VAL A 1 7  ? -4.935  -6.633  8.009   1.00 11.93 ? 87  VAL A HG11 1 
ATOM   107  H  HG12 . VAL A 1 7  ? -5.459  -5.589  6.934   1.00 11.93 ? 87  VAL A HG12 1 
ATOM   108  H  HG13 . VAL A 1 7  ? -4.259  -6.566  6.573   1.00 11.93 ? 87  VAL A HG13 1 
ATOM   109  H  HG21 . VAL A 1 7  ? -1.674  -5.349  8.067   1.00 10.73 ? 87  VAL A HG21 1 
ATOM   110  H  HG22 . VAL A 1 7  ? -2.503  -5.465  9.418   1.00 10.73 ? 87  VAL A HG22 1 
ATOM   111  H  HG23 . VAL A 1 7  ? -2.552  -6.642  8.351   1.00 10.73 ? 87  VAL A HG23 1 
ATOM   112  N  N    . ALA A 1 8  ? -1.172  -4.774  5.616   1.00 7.70  ? 88  ALA A N    1 
ATOM   113  C  CA   . ALA A 1 8  ? -0.368  -5.499  4.649   1.00 7.50  ? 88  ALA A CA   1 
ATOM   114  C  C    . ALA A 1 8  ? -0.477  -7.000  4.855   1.00 7.25  ? 88  ALA A C    1 
ATOM   115  O  O    . ALA A 1 8  ? -0.206  -7.523  5.945   1.00 7.90  ? 88  ALA A O    1 
ATOM   116  C  CB   . ALA A 1 8  ? 1.078   -5.080  4.771   1.00 8.54  ? 88  ALA A CB   1 
ATOM   117  H  H    . ALA A 1 8  ? -0.712  -4.375  6.222   1.00 9.24  ? 88  ALA A H    1 
ATOM   118  H  HA   . ALA A 1 8  ? -0.675  -5.289  3.753   1.00 9.00  ? 88  ALA A HA   1 
ATOM   119  H  HB1  . ALA A 1 8  ? 1.145   -4.128  4.601   1.00 10.25 ? 88  ALA A HB1  1 
ATOM   120  H  HB2  . ALA A 1 8  ? 1.389   -5.280  5.668   1.00 10.25 ? 88  ALA A HB2  1 
ATOM   121  H  HB3  . ALA A 1 8  ? 1.603   -5.571  4.121   1.00 10.25 ? 88  ALA A HB3  1 
ATOM   122  N  N    . LEU A 1 9  ? -0.857  -7.700  3.797   1.00 7.14  ? 89  LEU A N    1 
ATOM   123  C  CA   . LEU A 1 9  ? -1.054  -9.143  3.834   1.00 7.11  ? 89  LEU A CA   1 
ATOM   124  C  C    . LEU A 1 9  ? 0.232   -9.926  3.620   1.00 7.38  ? 89  LEU A C    1 
ATOM   125  O  O    . LEU A 1 9  ? 0.327   -11.081 4.027   1.00 8.11  ? 89  LEU A O    1 
ATOM   126  C  CB   . LEU A 1 9  ? -2.078  -9.544  2.797   1.00 7.90  ? 89  LEU A CB   1 
ATOM   127  C  CG   . LEU A 1 9  ? -3.453  -8.905  2.923   1.00 8.40  ? 89  LEU A CG   1 
ATOM   128  C  CD1  . LEU A 1 9  ? -4.299  -9.302  1.727   1.00 9.87  ? 89  LEU A CD1  1 
ATOM   129  C  CD2  . LEU A 1 9  ? -4.100  -9.292  4.232   1.00 9.17  ? 89  LEU A CD2  1 
ATOM   130  H  H    . LEU A 1 9  ? -1.010  -7.354  3.025   1.00 8.57  ? 89  LEU A H    1 
ATOM   131  H  HA   . LEU A 1 9  ? -1.404  -9.386  4.705   1.00 8.53  ? 89  LEU A HA   1 
ATOM   132  H  HB2  . LEU A 1 9  ? -1.732  -9.311  1.922   1.00 9.48  ? 89  LEU A HB2  1 
ATOM   133  H  HB3  . LEU A 1 9  ? -2.202  -10.505 2.848   1.00 9.48  ? 89  LEU A HB3  1 
ATOM   134  H  HG   . LEU A 1 9  ? -3.355  -7.940  2.913   1.00 10.08 ? 89  LEU A HG   1 
ATOM   135  H  HD11 . LEU A 1 9  ? -3.864  -8.992  0.918   1.00 11.84 ? 89  LEU A HD11 1 
ATOM   136  H  HD12 . LEU A 1 9  ? -4.384  -10.268 1.709   1.00 11.84 ? 89  LEU A HD12 1 
ATOM   137  H  HD13 . LEU A 1 9  ? -5.174  -8.894  1.811   1.00 11.84 ? 89  LEU A HD13 1 
ATOM   138  H  HD21 . LEU A 1 9  ? -4.973  -8.874  4.289   1.00 11.01 ? 89  LEU A HD21 1 
ATOM   139  H  HD22 . LEU A 1 9  ? -4.193  -10.258 4.266   1.00 11.01 ? 89  LEU A HD22 1 
ATOM   140  H  HD23 . LEU A 1 9  ? -3.538  -8.988  4.963   1.00 11.01 ? 89  LEU A HD23 1 
ATOM   141  N  N    . TYR A 1 10 ? 1.195   -9.292  2.960   1.00 7.48  ? 90  TYR A N    1 
ATOM   142  C  CA   . TYR A 1 10 ? 2.491   -9.868  2.600   1.00 7.86  ? 90  TYR A CA   1 
ATOM   143  C  C    . TYR A 1 10 ? 3.513   -8.741  2.657   1.00 8.10  ? 90  TYR A C    1 
ATOM   144  O  O    . TYR A 1 10 ? 3.149   -7.552  2.697   1.00 8.88  ? 90  TYR A O    1 
ATOM   145  C  CB   . TYR A 1 10 ? 2.496   -10.414 1.165   1.00 8.96  ? 90  TYR A CB   1 
ATOM   146  C  CG   . TYR A 1 10 ? 1.361   -11.343 0.867   1.00 9.05  ? 90  TYR A CG   1 
ATOM   147  C  CD1  . TYR A 1 10 ? 1.454   -12.691 1.181   1.00 9.33  ? 90  TYR A CD1  1 
ATOM   148  C  CD2  . TYR A 1 10 ? 0.179   -10.866 0.305   1.00 9.29  ? 90  TYR A CD2  1 
ATOM   149  C  CE1  . TYR A 1 10 ? 0.383   -13.542 0.931   1.00 9.93  ? 90  TYR A CE1  1 
ATOM   150  C  CE2  . TYR A 1 10 ? -0.902  -11.708 0.056   1.00 10.00 ? 90  TYR A CE2  1 
ATOM   151  C  CZ   . TYR A 1 10 ? -0.782  -13.040 0.381   1.00 9.62  ? 90  TYR A CZ   1 
ATOM   152  O  OH   . TYR A 1 10 ? -1.845  -13.897 0.167   1.00 12.01 ? 90  TYR A OH   1 
ATOM   153  H  H    . TYR A 1 10 ? 1.115   -8.477  2.695   1.00 8.98  ? 90  TYR A H    1 
ATOM   154  H  HA   . TYR A 1 10 ? 2.742   -10.571 3.221   1.00 9.43  ? 90  TYR A HA   1 
ATOM   155  H  HB2  . TYR A 1 10 ? 2.438   -9.667  0.547   1.00 10.76 ? 90  TYR A HB2  1 
ATOM   156  H  HB3  . TYR A 1 10 ? 3.322   -10.899 1.017   1.00 10.76 ? 90  TYR A HB3  1 
ATOM   157  H  HD1  . TYR A 1 10 ? 2.234   -13.026 1.564   1.00 11.20 ? 90  TYR A HD1  1 
ATOM   158  H  HD2  . TYR A 1 10 ? 0.106   -9.963  0.103   1.00 11.15 ? 90  TYR A HD2  1 
ATOM   159  H  HE1  . TYR A 1 10 ? 0.443   -14.444 1.149   1.00 11.92 ? 90  TYR A HE1  1 
ATOM   160  H  HE2  . TYR A 1 10 ? -1.689  -11.377 -0.313  1.00 12.00 ? 90  TYR A HE2  1 
ATOM   161  H  HH   . TYR A 1 10 ? -2.490  -13.477 -0.169  1.00 14.42 ? 90  TYR A HH   1 
ATOM   162  N  N    . ASP A 1 11 ? 4.791   -9.100  2.645   1.00 8.18  ? 91  ASP A N    1 
ATOM   163  C  CA   . ASP A 1 11 ? 5.836   -8.112  2.415   1.00 8.45  ? 91  ASP A CA   1 
ATOM   164  C  C    . ASP A 1 11 ? 5.768   -7.608  0.976   1.00 8.43  ? 91  ASP A C    1 
ATOM   165  O  O    . ASP A 1 11 ? 5.421   -8.354  0.053   1.00 9.16  ? 91  ASP A O    1 
ATOM   166  C  CB   . ASP A 1 11 ? 7.226   -8.727  2.559   1.00 9.90  ? 91  ASP A CB   1 
ATOM   167  C  CG   . ASP A 1 11 ? 7.616   -9.114  3.971   1.00 11.17 ? 91  ASP A CG   1 
ATOM   168  O  OD1  . ASP A 1 11 ? 6.863   -8.859  4.938   1.00 10.78 ? 91  ASP A OD1  1 
ATOM   169  O  OD2  . ASP A 1 11 ? 8.725   -9.688  4.076   1.00 14.01 ? 91  ASP A OD2  1 
ATOM   170  H  H    . ASP A 1 11 ? 5.078   -9.902  2.766   1.00 9.82  ? 91  ASP A H    1 
ATOM   171  H  HA   . ASP A 1 11 ? 5.743   -7.365  3.028   1.00 10.14 ? 91  ASP A HA   1 
ATOM   172  H  HB2  . ASP A 1 11 ? 7.266   -9.528  2.016   1.00 11.87 ? 91  ASP A HB2  1 
ATOM   173  H  HB3  . ASP A 1 11 ? 7.880   -8.085  2.241   1.00 11.87 ? 91  ASP A HB3  1 
ATOM   174  N  N    . TYR A 1 12 ? 6.178   -6.361  0.768   1.00 8.87  ? 92  TYR A N    1 
ATOM   175  C  CA   . TYR A 1 12 ? 6.394   -5.822  -0.573  1.00 8.97  ? 92  TYR A CA   1 
ATOM   176  C  C    . TYR A 1 12 ? 7.649   -4.969  -0.553  1.00 9.00  ? 92  TYR A C    1 
ATOM   177  O  O    . TYR A 1 12 ? 7.788   -4.069  0.282   1.00 10.20 ? 92  TYR A O    1 
ATOM   178  C  CB   . TYR A 1 12 ? 5.200   -4.973  -1.022  1.00 9.06  ? 92  TYR A CB   1 
ATOM   179  C  CG   . TYR A 1 12 ? 5.440   -4.350  -2.364  1.00 9.29  ? 92  TYR A CG   1 
ATOM   180  C  CD1  . TYR A 1 12 ? 5.455   -5.135  -3.524  1.00 9.49  ? 92  TYR A CD1  1 
ATOM   181  C  CD2  . TYR A 1 12 ? 5.711   -2.990  -2.477  1.00 9.40  ? 92  TYR A CD2  1 
ATOM   182  C  CE1  . TYR A 1 12 ? 5.726   -4.562  -4.755  1.00 10.19 ? 92  TYR A CE1  1 
ATOM   183  C  CE2  . TYR A 1 12 ? 5.975   -2.405  -3.701  1.00 9.83  ? 92  TYR A CE2  1 
ATOM   184  C  CZ   . TYR A 1 12 ? 6.003   -3.207  -4.835  1.00 10.12 ? 92  TYR A CZ   1 
ATOM   185  O  OH   . TYR A 1 12 ? 6.279   -2.696  -6.088  1.00 12.05 ? 92  TYR A OH   1 
ATOM   186  H  H    . TYR A 1 12 ? 6.342   -5.798  1.397   1.00 10.65 ? 92  TYR A H    1 
ATOM   187  H  HA   . TYR A 1 12 ? 6.518   -6.547  -1.204  1.00 10.76 ? 92  TYR A HA   1 
ATOM   188  H  HB2  . TYR A 1 12 ? 4.413   -5.535  -1.085  1.00 10.87 ? 92  TYR A HB2  1 
ATOM   189  H  HB3  . TYR A 1 12 ? 5.053   -4.261  -0.379  1.00 10.87 ? 92  TYR A HB3  1 
ATOM   190  H  HD1  . TYR A 1 12 ? 5.293   -6.049  -3.465  1.00 11.39 ? 92  TYR A HD1  1 
ATOM   191  H  HD2  . TYR A 1 12 ? 5.713   -2.462  -1.712  1.00 11.27 ? 92  TYR A HD2  1 
ATOM   192  H  HE1  . TYR A 1 12 ? 5.743   -5.087  -5.522  1.00 12.22 ? 92  TYR A HE1  1 
ATOM   193  H  HE2  . TYR A 1 12 ? 6.163   -1.496  -3.760  1.00 11.80 ? 92  TYR A HE2  1 
ATOM   194  H  HH   . TYR A 1 12 ? 6.433   -1.872  -6.034  1.00 14.46 ? 92  TYR A HH   1 
ATOM   195  N  N    . GLU A 1 13 ? 8.555   -5.243  -1.480  1.00 10.08 ? 93  GLU A N    1 
ATOM   196  C  CA   . GLU A 1 13 ? 9.782   -4.471  -1.659  1.00 11.99 ? 93  GLU A CA   1 
ATOM   197  C  C    . GLU A 1 13 ? 9.603   -3.460  -2.785  1.00 11.91 ? 93  GLU A C    1 
ATOM   198  O  O    . GLU A 1 13 ? 9.209   -3.822  -3.903  1.00 12.69 ? 93  GLU A O    1 
ATOM   199  C  CB   . GLU A 1 13 ? 10.937  -5.428  -1.996  1.00 18.55 ? 93  GLU A CB   1 
ATOM   200  C  CG   . GLU A 1 13 ? 12.244  -4.766  -2.389  1.00 28.98 ? 93  GLU A CG   1 
ATOM   201  C  CD   . GLU A 1 13 ? 12.926  -4.083  -1.229  1.00 38.33 ? 93  GLU A CD   1 
ATOM   202  O  OE1  . GLU A 1 13 ? 12.390  -4.119  -0.102  1.00 41.74 ? 93  GLU A OE1  1 
ATOM   203  O  OE2  . GLU A 1 13 ? 14.010  -3.508  -1.452  1.00 41.67 ? 93  GLU A OE2  1 
ATOM   204  H  HA   . GLU A 1 13 ? 9.995   -3.996  -0.840  1.00 14.39 ? 93  GLU A HA   1 
ATOM   205  H  HB2  . GLU A 1 13 ? 11.113  -5.981  -1.219  1.00 22.26 ? 93  GLU A HB2  1 
ATOM   206  H  HB3  . GLU A 1 13 ? 10.662  -5.990  -2.737  1.00 22.26 ? 93  GLU A HB3  1 
ATOM   207  H  HG2  . GLU A 1 13 ? 12.848  -5.440  -2.737  1.00 34.77 ? 93  GLU A HG2  1 
ATOM   208  H  HG3  . GLU A 1 13 ? 12.067  -4.096  -3.069  1.00 34.77 ? 93  GLU A HG3  1 
ATOM   209  N  N    A SER A 1 14 ? 9.904   -2.198  -2.488  0.71 12.65 ? 94  SER A N    1 
ATOM   210  N  N    B SER A 1 14 ? 9.901   -2.196  -2.496  0.29 12.66 ? 94  SER A N    1 
ATOM   211  C  CA   A SER A 1 14 ? 9.862   -1.145  -3.484  0.71 13.60 ? 94  SER A CA   1 
ATOM   212  C  CA   B SER A 1 14 ? 9.774   -1.130  -3.481  0.29 13.28 ? 94  SER A CA   1 
ATOM   213  C  C    A SER A 1 14 ? 10.724  -1.521  -4.679  0.71 15.28 ? 94  SER A C    1 
ATOM   214  C  C    B SER A 1 14 ? 10.743  -1.340  -4.637  0.29 15.08 ? 94  SER A C    1 
ATOM   215  O  O    A SER A 1 14 ? 11.792  -2.132  -4.543  0.71 16.12 ? 94  SER A O    1 
ATOM   216  O  O    B SER A 1 14 ? 11.914  -1.651  -4.426  0.29 15.86 ? 94  SER A O    1 
ATOM   217  C  CB   A SER A 1 14 ? 10.371  0.165   -2.879  0.71 14.94 ? 94  SER A CB   1 
ATOM   218  C  CB   B SER A 1 14 ? 10.057  0.224   -2.826  0.29 13.52 ? 94  SER A CB   1 
ATOM   219  O  OG   A SER A 1 14 ? 10.580  1.164   -3.864  0.71 16.67 ? 94  SER A OG   1 
ATOM   220  O  OG   B SER A 1 14 ? 11.301  0.206   -2.146  0.29 15.08 ? 94  SER A OG   1 
ATOM   221  H  H    A SER A 1 14 ? 10.138  -1.928  -1.706  0.71 15.18 ? 94  SER A H    1 
ATOM   222  H  H    B SER A 1 14 ? 10.182  -1.930  -1.728  0.29 15.19 ? 94  SER A H    1 
ATOM   223  H  HA   A SER A 1 14 ? 8.950   -1.016  -3.787  0.71 16.32 ? 94  SER A HA   1 
ATOM   224  H  HA   B SER A 1 14 ? 8.871   -1.120  -3.833  0.29 15.93 ? 94  SER A HA   1 
ATOM   225  H  HB2  A SER A 1 14 ? 9.716   0.489   -2.242  0.71 17.92 ? 94  SER A HB2  1 
ATOM   226  H  HB2  B SER A 1 14 ? 10.083  0.908   -3.514  0.29 16.22 ? 94  SER A HB2  1 
ATOM   227  H  HB3  A SER A 1 14 ? 11.211  -0.006  -2.426  0.71 17.92 ? 94  SER A HB3  1 
ATOM   228  H  HB3  B SER A 1 14 ? 9.351   0.421   -2.190  0.29 16.22 ? 94  SER A HB3  1 
ATOM   229  H  HG   A SER A 1 14 ? 11.149  0.901   -4.422  0.71 20.00 ? 94  SER A HG   1 
ATOM   230  H  HG   B SER A 1 14 ? 11.921  0.036   -2.686  0.29 18.09 ? 94  SER A HG   1 
ATOM   231  N  N    . ARG A 1 15 ? 10.256  -1.155  -5.857  1.00 16.42 ? 95  ARG A N    1 
ATOM   232  C  CA   . ARG A 1 15 ? 11.103  -1.294  -7.023  1.00 17.35 ? 95  ARG A CA   1 
ATOM   233  C  C    . ARG A 1 15 ? 10.996  -0.101  -7.964  1.00 17.71 ? 95  ARG A C    1 
ATOM   234  O  O    . ARG A 1 15 ? 11.353  -0.201  -9.131  1.00 19.35 ? 95  ARG A O    1 
ATOM   235  C  CB   . ARG A 1 15 ? 10.804  -2.595  -7.749  1.00 17.25 ? 95  ARG A CB   1 
ATOM   236  C  CG   . ARG A 1 15 ? 9.374   -2.701  -8.212  1.00 16.99 ? 95  ARG A CG   1 
ATOM   237  C  CD   . ARG A 1 15 ? 8.947   -4.174  -8.191  1.00 17.05 ? 95  ARG A CD   1 
ATOM   238  N  NE   . ARG A 1 15 ? 8.932   -4.686  -6.824  1.00 17.31 ? 95  ARG A NE   1 
ATOM   239  C  CZ   . ARG A 1 15 ? 9.010   -5.969  -6.472  1.00 18.62 ? 95  ARG A CZ   1 
ATOM   240  N  NH1  . ARG A 1 15 ? 8.989   -6.303  -5.202  1.00 18.21 ? 95  ARG A NH1  1 
ATOM   241  N  NH2  . ARG A 1 15 ? 9.125   -6.921  -7.379  1.00 21.26 ? 95  ARG A NH2  1 
ATOM   242  N  N    . THR A 1 16 ? 10.527  1.032   -7.447  1.00 15.52 ? 96  THR A N    1 
ATOM   243  C  CA   . THR A 1 16 ? 10.616  2.305   -8.157  1.00 13.26 ? 96  THR A CA   1 
ATOM   244  C  C    . THR A 1 16 ? 10.940  3.383   -7.147  1.00 13.57 ? 96  THR A C    1 
ATOM   245  O  O    . THR A 1 16 ? 10.884  3.146   -5.954  1.00 15.92 ? 96  THR A O    1 
ATOM   246  C  CB   . THR A 1 16 ? 9.291   2.729   -8.810  1.00 13.03 ? 96  THR A CB   1 
ATOM   247  O  OG1  . THR A 1 16 ? 8.416   3.211   -7.785  1.00 13.53 ? 96  THR A OG1  1 
ATOM   248  C  CG2  . THR A 1 16 ? 8.643   1.594   -9.606  1.00 14.55 ? 96  THR A CG2  1 
ATOM   249  H  H    . THR A 1 16 ? 10.149  1.090   -6.678  1.00 18.63 ? 96  THR A H    1 
ATOM   250  H  HA   . THR A 1 16 ? 11.314  2.271   -8.830  1.00 15.92 ? 96  THR A HA   1 
ATOM   251  H  HB   . THR A 1 16 ? 9.470   3.455   -9.429  1.00 15.64 ? 96  THR A HB   1 
ATOM   252  H  HG1  . THR A 1 16 ? 8.272   2.604   -7.221  1.00 16.23 ? 96  THR A HG1  1 
ATOM   253  H  HG21 . THR A 1 16 ? 8.457   0.845   -9.020  1.00 17.46 ? 96  THR A HG21 1 
ATOM   254  H  HG22 . THR A 1 16 ? 7.812   1.900   -10.002 1.00 17.46 ? 96  THR A HG22 1 
ATOM   255  H  HG23 . THR A 1 16 ? 9.241   1.303   -10.312 1.00 17.46 ? 96  THR A HG23 1 
ATOM   256  N  N    . GLU A 1 17 ? 11.216  4.584   -7.637  1.00 12.86 ? 97  GLU A N    1 
ATOM   257  C  CA   . GLU A 1 17 ? 11.547  5.701   -6.766  1.00 14.14 ? 97  GLU A CA   1 
ATOM   258  C  C    . GLU A 1 17 ? 10.350  6.195   -5.973  1.00 13.90 ? 97  GLU A C    1 
ATOM   259  O  O    . GLU A 1 17 ? 10.524  6.957   -5.027  1.00 16.48 ? 97  GLU A O    1 
ATOM   260  C  CB   . GLU A 1 17 ? 12.083  6.872   -7.578  1.00 16.48 ? 97  GLU A CB   1 
ATOM   261  C  CG   . GLU A 1 17 ? 13.343  6.579   -8.337  1.00 20.04 ? 97  GLU A CG   1 
ATOM   262  C  CD   . GLU A 1 17 ? 14.476  6.149   -7.440  1.00 25.09 ? 97  GLU A CD   1 
ATOM   263  O  OE1  . GLU A 1 17 ? 14.592  6.697   -6.318  1.00 27.22 ? 97  GLU A OE1  1 
ATOM   264  O  OE2  . GLU A 1 17 ? 15.255  5.262   -7.866  1.00 28.85 ? 97  GLU A OE2  1 
ATOM   265  H  H    . GLU A 1 17 ? 11.218  4.778   -8.476  1.00 15.43 ? 97  GLU A H    1 
ATOM   266  H  HA   . GLU A 1 17 ? 12.233  5.425   -6.140  1.00 16.96 ? 97  GLU A HA   1 
ATOM   267  N  N    . THR A 1 18 ? 9.152   5.772   -6.354  1.00 12.03 ? 98  THR A N    1 
ATOM   268  C  CA   . THR A 1 18 ? 7.940   6.268   -5.732  1.00 11.78 ? 98  THR A CA   1 
ATOM   269  C  C    . THR A 1 18 ? 7.156   5.186   -4.959  1.00 10.67 ? 98  THR A C    1 
ATOM   270  O  O    . THR A 1 18 ? 6.157   5.517   -4.335  1.00 11.65 ? 98  THR A O    1 
ATOM   271  C  CB   . THR A 1 18 ? 7.021   6.979   -6.763  1.00 13.73 ? 98  THR A CB   1 
ATOM   272  O  OG1  . THR A 1 18 ? 6.629   6.044   -7.765  1.00 14.18 ? 98  THR A OG1  1 
ATOM   273  C  CG2  . THR A 1 18 ? 7.762   8.144   -7.421  1.00 15.94 ? 98  THR A CG2  1 
ATOM   274  N  N    . ASP A 1 19 ? 7.618   3.930   -4.989  1.00 9.89  ? 99  ASP A N    1 
ATOM   275  C  CA   . ASP A 1 19 ? 6.960   2.853   -4.251  1.00 9.60  ? 99  ASP A CA   1 
ATOM   276  C  C    . ASP A 1 19 ? 7.244   2.984   -2.756  1.00 9.35  ? 99  ASP A C    1 
ATOM   277  O  O    . ASP A 1 19 ? 8.247   3.552   -2.336  1.00 12.15 ? 99  ASP A O    1 
ATOM   278  C  CB   . ASP A 1 19 ? 7.500   1.472   -4.670  1.00 11.03 ? 99  ASP A CB   1 
ATOM   279  C  CG   . ASP A 1 19 ? 6.919   0.922   -5.974  1.00 12.07 ? 99  ASP A CG   1 
ATOM   280  O  OD1  . ASP A 1 19 ? 6.056   1.559   -6.594  1.00 15.34 ? 99  ASP A OD1  1 
ATOM   281  O  OD2  . ASP A 1 19 ? 7.366   -0.204  -6.334  1.00 13.01 ? 99  ASP A OD2  1 
ATOM   282  H  H    . ASP A 1 19 ? 8.313   3.679   -5.430  1.00 11.87 ? 99  ASP A H    1 
ATOM   283  H  HA   . ASP A 1 19 ? 6.002   2.880   -4.399  1.00 11.52 ? 99  ASP A HA   1 
ATOM   284  H  HB2  . ASP A 1 19 ? 8.462   1.537   -4.783  1.00 13.24 ? 99  ASP A HB2  1 
ATOM   285  H  HB3  . ASP A 1 19 ? 7.297   0.834   -3.968  1.00 13.24 ? 99  ASP A HB3  1 
ATOM   286  N  N    . LEU A 1 20 ? 6.336   2.406   -1.971  1.00 8.37  ? 100 LEU A N    1 
ATOM   287  C  CA   . LEU A 1 20 ? 6.519   2.199   -0.545  1.00 8.50  ? 100 LEU A CA   1 
ATOM   288  C  C    . LEU A 1 20 ? 6.832   0.732   -0.269  1.00 8.74  ? 100 LEU A C    1 
ATOM   289  O  O    . LEU A 1 20 ? 6.044   -0.139  -0.634  1.00 10.09 ? 100 LEU A O    1 
ATOM   290  C  CB   . LEU A 1 20 ? 5.228   2.566   0.183   1.00 8.99  ? 100 LEU A CB   1 
ATOM   291  C  CG   . LEU A 1 20 ? 5.188   2.291   1.690   1.00 9.69  ? 100 LEU A CG   1 
ATOM   292  C  CD1  . LEU A 1 20 ? 6.251   3.087   2.441   1.00 10.74 ? 100 LEU A CD1  1 
ATOM   293  C  CD2  . LEU A 1 20 ? 3.795   2.638   2.202   1.00 11.75 ? 100 LEU A CD2  1 
ATOM   294  H  H    . LEU A 1 20 ? 5.579   2.117   -2.258  1.00 10.05 ? 100 LEU A H    1 
ATOM   295  H  HA   . LEU A 1 20 ? 7.244   2.751   -0.213  1.00 10.20 ? 100 LEU A HA   1 
ATOM   296  H  HB2  . LEU A 1 20 ? 5.071   3.515   0.059   1.00 10.79 ? 100 LEU A HB2  1 
ATOM   297  H  HB3  . LEU A 1 20 ? 4.502   2.066   -0.220  1.00 10.79 ? 100 LEU A HB3  1 
ATOM   298  H  HG   . LEU A 1 20 ? 5.344   1.347   1.849   1.00 11.62 ? 100 LEU A HG   1 
ATOM   299  H  HD11 . LEU A 1 20 ? 6.097   4.033   2.296   1.00 12.89 ? 100 LEU A HD11 1 
ATOM   300  H  HD12 . LEU A 1 20 ? 6.189   2.882   3.387   1.00 12.89 ? 100 LEU A HD12 1 
ATOM   301  H  HD13 . LEU A 1 20 ? 7.127   2.838   2.105   1.00 12.89 ? 100 LEU A HD13 1 
ATOM   302  H  HD21 . LEU A 1 20 ? 3.143   2.087   1.741   1.00 14.10 ? 100 LEU A HD21 1 
ATOM   303  H  HD22 . LEU A 1 20 ? 3.759   2.467   3.156   1.00 14.10 ? 100 LEU A HD22 1 
ATOM   304  H  HD23 . LEU A 1 20 ? 3.620   3.576   2.026   1.00 14.10 ? 100 LEU A HD23 1 
ATOM   305  N  N    . SER A 1 21 ? 7.954   0.454   0.391   1.00 9.40  ? 101 SER A N    1 
ATOM   306  C  CA   . SER A 1 21 ? 8.217   -0.882  0.913   1.00 10.01 ? 101 SER A CA   1 
ATOM   307  C  C    . SER A 1 21 ? 7.503   -1.063  2.230   1.00 10.01 ? 101 SER A C    1 
ATOM   308  O  O    . SER A 1 21 ? 7.429   -0.142  3.042   1.00 11.79 ? 101 SER A O    1 
ATOM   309  C  CB   . SER A 1 21 ? 9.694   -1.057  1.212   1.00 12.74 ? 101 SER A CB   1 
ATOM   310  O  OG   . SER A 1 21 ? 10.466  -1.074  0.040   1.00 13.95 ? 101 SER A OG   1 
ATOM   311  H  H    . SER A 1 21 ? 8.578   1.024   0.550   1.00 11.28 ? 101 SER A H    1 
ATOM   312  H  HA   . SER A 1 21 ? 7.925   -1.562  0.285   1.00 12.01 ? 101 SER A HA   1 
ATOM   313  H  HB2  . SER A 1 21 ? 9.989   -0.320  1.769   1.00 15.29 ? 101 SER A HB2  1 
ATOM   314  H  HB3  . SER A 1 21 ? 9.820   -1.896  1.682   1.00 15.29 ? 101 SER A HB3  1 
ATOM   315  H  HG   . SER A 1 21 ? 10.371  -0.353  -0.378  1.00 16.74 ? 101 SER A HG   1 
ATOM   316  N  N    . PHE A 1 22 ? 7.008   -2.264  2.472   1.00 9.02  ? 102 PHE A N    1 
ATOM   317  C  CA   . PHE A 1 22 ? 6.353   -2.547  3.741   1.00 9.04  ? 102 PHE A CA   1 
ATOM   318  C  C    . PHE A 1 22 ? 6.499   -4.015  4.080   1.00 8.79  ? 102 PHE A C    1 
ATOM   319  O  O    . PHE A 1 22 ? 6.691   -4.873  3.210   1.00 9.38  ? 102 PHE A O    1 
ATOM   320  C  CB   . PHE A 1 22 ? 4.877   -2.126  3.733   1.00 9.31  ? 102 PHE A CB   1 
ATOM   321  C  CG   . PHE A 1 22 ? 4.069   -2.689  2.596   1.00 8.69  ? 102 PHE A CG   1 
ATOM   322  C  CD1  . PHE A 1 22 ? 3.503   -3.953  2.678   1.00 9.18  ? 102 PHE A CD1  1 
ATOM   323  C  CD2  . PHE A 1 22 ? 3.843   -1.931  1.444   1.00 9.29  ? 102 PHE A CD2  1 
ATOM   324  C  CE1  . PHE A 1 22 ? 2.730   -4.448  1.646   1.00 8.98  ? 102 PHE A CE1  1 
ATOM   325  C  CE2  . PHE A 1 22 ? 3.075   -2.426  0.414   1.00 9.69  ? 102 PHE A CE2  1 
ATOM   326  C  CZ   . PHE A 1 22 ? 2.494   -3.680  0.516   1.00 9.62  ? 102 PHE A CZ   1 
ATOM   327  H  H    . PHE A 1 22 ? 7.036   -2.928  1.926   1.00 10.83 ? 102 PHE A H    1 
ATOM   328  H  HA   . PHE A 1 22 ? 6.798   -2.040  4.438   1.00 10.85 ? 102 PHE A HA   1 
ATOM   329  H  HB2  . PHE A 1 22 ? 4.466   -2.421  4.560   1.00 11.17 ? 102 PHE A HB2  1 
ATOM   330  H  HB3  . PHE A 1 22 ? 4.832   -1.158  3.674   1.00 11.17 ? 102 PHE A HB3  1 
ATOM   331  H  HD1  . PHE A 1 22 ? 3.634   -4.466  3.442   1.00 11.01 ? 102 PHE A HD1  1 
ATOM   332  H  HD2  . PHE A 1 22 ? 4.207   -1.078  1.378   1.00 11.15 ? 102 PHE A HD2  1 
ATOM   333  H  HE1  . PHE A 1 22 ? 2.355   -5.296  1.714   1.00 10.77 ? 102 PHE A HE1  1 
ATOM   334  H  HE2  . PHE A 1 22 ? 2.931   -1.909  -0.345  1.00 11.63 ? 102 PHE A HE2  1 
ATOM   335  H  HZ   . PHE A 1 22 ? 1.994   -4.024  -0.188  1.00 11.55 ? 102 PHE A HZ   1 
ATOM   336  N  N    . LYS A 1 23 ? 6.413   -4.291  5.371   1.00 8.94  ? 103 LYS A N    1 
ATOM   337  C  CA   . LYS A 1 23 ? 6.378   -5.647  5.883   1.00 9.60  ? 103 LYS A CA   1 
ATOM   338  C  C    . LYS A 1 23 ? 4.952   -6.082  6.147   1.00 8.53  ? 103 LYS A C    1 
ATOM   339  O  O    . LYS A 1 23 ? 4.084   -5.282  6.510   1.00 8.83  ? 103 LYS A O    1 
ATOM   340  C  CB   . LYS A 1 23 ? 7.170   -5.718  7.183   1.00 12.62 ? 103 LYS A CB   1 
ATOM   341  C  CG   . LYS A 1 23 ? 8.654   -5.374  7.023   1.00 19.25 ? 103 LYS A CG   1 
ATOM   342  C  CD   . LYS A 1 23 ? 9.390   -6.393  6.152   1.00 28.52 ? 103 LYS A CD   1 
ATOM   343  C  CE   . LYS A 1 23 ? 10.771  -5.904  5.711   1.00 36.06 ? 103 LYS A CE   1 
ATOM   344  N  NZ   . LYS A 1 23 ? 11.752  -5.803  6.824   1.00 40.64 ? 103 LYS A NZ   1 
ATOM   345  H  H    . LYS A 1 23 ? 6.374   -3.691  5.987   1.00 10.73 ? 103 LYS A H    1 
ATOM   346  H  HA   . LYS A 1 23 ? 6.777   -6.253  5.239   1.00 11.52 ? 103 LYS A HA   1 
ATOM   347  H  HB2  . LYS A 1 23 ? 6.786   -5.091  7.817   1.00 15.15 ? 103 LYS A HB2  1 
ATOM   348  H  HB3  . LYS A 1 23 ? 7.111   -6.619  7.536   1.00 15.15 ? 103 LYS A HB3  1 
ATOM   349  H  HG2  . LYS A 1 23 ? 8.735   -4.503  6.603   1.00 23.10 ? 103 LYS A HG2  1 
ATOM   350  H  HG3  . LYS A 1 23 ? 9.074   -5.363  7.897   1.00 23.10 ? 103 LYS A HG3  1 
ATOM   351  H  HD2  . LYS A 1 23 ? 9.509   -7.213  6.656   1.00 34.22 ? 103 LYS A HD2  1 
ATOM   352  H  HD3  . LYS A 1 23 ? 8.864   -6.567  5.355   1.00 34.22 ? 103 LYS A HD3  1 
ATOM   353  H  HE2  . LYS A 1 23 ? 11.129  -6.522  5.056   1.00 43.27 ? 103 LYS A HE2  1 
ATOM   354  H  HE3  . LYS A 1 23 ? 10.680  -5.022  5.317   1.00 43.27 ? 103 LYS A HE3  1 
ATOM   355  H  HZ1  . LYS A 1 23 ? 11.866  -6.601  7.201   1.00 48.77 ? 103 LYS A HZ1  1 
ATOM   356  H  HZ2  . LYS A 1 23 ? 12.535  -5.515  6.514   1.00 48.77 ? 103 LYS A HZ2  1 
ATOM   357  H  HZ3  . LYS A 1 23 ? 11.456  -5.232  7.439   1.00 48.77 ? 103 LYS A HZ3  1 
ATOM   358  N  N    . LYS A 1 24 ? 4.729   -7.385  5.993   1.00 8.81  ? 104 LYS A N    1 
ATOM   359  C  CA   . LYS A 1 24 ? 3.467   -7.984  6.375   1.00 8.67  ? 104 LYS A CA   1 
ATOM   360  C  C    . LYS A 1 24 ? 3.073   -7.529  7.772   1.00 8.73  ? 104 LYS A C    1 
ATOM   361  O  O    . LYS A 1 24 ? 3.887   -7.533  8.697   1.00 9.54  ? 104 LYS A O    1 
ATOM   362  C  CB   . LYS A 1 24 ? 3.601   -9.499  6.340   1.00 9.26  ? 104 LYS A CB   1 
ATOM   363  C  CG   . LYS A 1 24 ? 2.322   -10.220 6.660   1.00 8.36  ? 104 LYS A CG   1 
ATOM   364  C  CD   . LYS A 1 24 ? 2.445   -11.711 6.470   1.00 8.82  ? 104 LYS A CD   1 
ATOM   365  C  CE   . LYS A 1 24 ? 3.309   -12.376 7.492   1.00 9.47  ? 104 LYS A CE   1 
ATOM   366  N  NZ   . LYS A 1 24 ? 3.269   -13.871 7.358   1.00 9.79  ? 104 LYS A NZ   1 
ATOM   367  H  H    . LYS A 1 24 ? 5.298   -7.941  5.666   1.00 10.58 ? 104 LYS A H    1 
ATOM   368  H  HA   . LYS A 1 24 ? 2.774   -7.716  5.751   1.00 10.41 ? 104 LYS A HA   1 
ATOM   369  H  HB2  . LYS A 1 24 ? 3.882   -9.768  5.452   1.00 11.12 ? 104 LYS A HB2  1 
ATOM   370  H  HB3  . LYS A 1 24 ? 4.266   -9.770  6.992   1.00 11.12 ? 104 LYS A HB3  1 
ATOM   371  H  HG2  . LYS A 1 24 ? 2.085   -10.053 7.585   1.00 10.03 ? 104 LYS A HG2  1 
ATOM   372  H  HG3  . LYS A 1 24 ? 1.620   -9.898  6.073   1.00 10.03 ? 104 LYS A HG3  1 
ATOM   373  H  HD2  . LYS A 1 24 ? 1.562   -12.107 6.523   1.00 10.58 ? 104 LYS A HD2  1 
ATOM   374  H  HD3  . LYS A 1 24 ? 2.831   -11.884 5.596   1.00 10.58 ? 104 LYS A HD3  1 
ATOM   375  H  HE2  . LYS A 1 24 ? 4.226   -12.084 7.374   1.00 11.36 ? 104 LYS A HE2  1 
ATOM   376  H  HE3  . LYS A 1 24 ? 2.993   -12.140 8.378   1.00 11.36 ? 104 LYS A HE3  1 
ATOM   377  H  HZ1  . LYS A 1 24 ? 3.789   -14.245 7.977   1.00 11.74 ? 104 LYS A HZ1  1 
ATOM   378  H  HZ2  . LYS A 1 24 ? 2.436   -14.164 7.467   1.00 11.74 ? 104 LYS A HZ2  1 
ATOM   379  H  HZ3  . LYS A 1 24 ? 3.559   -14.113 6.552   1.00 11.74 ? 104 LYS A HZ3  1 
ATOM   380  N  N    . GLY A 1 25 ? 1.797   -7.177  7.931   1.00 8.74  ? 105 GLY A N    1 
ATOM   381  C  CA   . GLY A 1 25 ? 1.258   -6.798  9.213   1.00 9.37  ? 105 GLY A CA   1 
ATOM   382  C  C    . GLY A 1 25 ? 1.310   -5.309  9.487   1.00 9.47  ? 105 GLY A C    1 
ATOM   383  O  O    . GLY A 1 25 ? 0.682   -4.869  10.447  1.00 10.48 ? 105 GLY A O    1 
ATOM   384  H  H    . GLY A 1 25 ? 1.221   -7.155  7.292   1.00 10.49 ? 105 GLY A H    1 
ATOM   385  H  HA2  . GLY A 1 25 ? 0.332   -7.081  9.266   1.00 11.25 ? 105 GLY A HA2  1 
ATOM   386  H  HA3  . GLY A 1 25 ? 1.754   -7.250  9.913   1.00 11.25 ? 105 GLY A HA3  1 
ATOM   387  N  N    . GLU A 1 26 ? 2.048   -4.543  8.688   1.00 8.99  ? 106 GLU A N    1 
ATOM   388  C  CA   . GLU A 1 26 ? 1.993   -3.091  8.846   1.00 9.78  ? 106 GLU A CA   1 
ATOM   389  C  C    . GLU A 1 26 ? 0.596   -2.593  8.556   1.00 8.83  ? 106 GLU A C    1 
ATOM   390  O  O    . GLU A 1 26 ? -0.101  -3.119  7.698   1.00 10.10 ? 106 GLU A O    1 
ATOM   391  C  CB   . GLU A 1 26 ? 2.957   -2.373  7.908   1.00 11.11 ? 106 GLU A CB   1 
ATOM   392  C  CG   . GLU A 1 26 ? 4.417   -2.472  8.288   1.00 12.85 ? 106 GLU A CG   1 
ATOM   393  C  CD   . GLU A 1 26 ? 5.338   -1.613  7.426   1.00 13.06 ? 106 GLU A CD   1 
ATOM   394  O  OE1  . GLU A 1 26 ? 4.951   -0.492  6.998   1.00 13.12 ? 106 GLU A OE1  1 
ATOM   395  O  OE2  . GLU A 1 26 ? 6.475   -2.088  7.177   1.00 14.05 ? 106 GLU A OE2  1 
ATOM   396  H  H    . GLU A 1 26 ? 2.571   -4.825  8.066   1.00 10.79 ? 106 GLU A H    1 
ATOM   397  H  HA   . GLU A 1 26 ? 2.222   -2.857  9.759   1.00 11.74 ? 106 GLU A HA   1 
ATOM   398  H  HB2  . GLU A 1 26 ? 2.860   -2.751  7.020   1.00 13.33 ? 106 GLU A HB2  1 
ATOM   399  H  HB3  . GLU A 1 26 ? 2.724   -1.433  7.888   1.00 13.33 ? 106 GLU A HB3  1 
ATOM   400  H  HG2  . GLU A 1 26 ? 4.520   -2.185  9.208   1.00 15.42 ? 106 GLU A HG2  1 
ATOM   401  H  HG3  . GLU A 1 26 ? 4.702   -3.394  8.197   1.00 15.42 ? 106 GLU A HG3  1 
ATOM   402  N  N    . ARG A 1 27 ? 0.216   -1.528  9.252   1.00 10.07 ? 107 ARG A N    1 
ATOM   403  C  CA   . ARG A 1 27 ? -1.036  -0.836  8.972   1.00 10.53 ? 107 ARG A CA   1 
ATOM   404  C  C    . ARG A 1 27 ? -0.723  0.402   8.156   1.00 8.56  ? 107 ARG A C    1 
ATOM   405  O  O    . ARG A 1 27 ? 0.283   1.080   8.392   1.00 9.80  ? 107 ARG A O    1 
ATOM   406  C  CB   . ARG A 1 27 ? -1.750  -0.481  10.266  1.00 14.64 ? 107 ARG A CB   1 
ATOM   407  C  CG   . ARG A 1 27 ? -2.257  -1.722  11.006  1.00 18.54 ? 107 ARG A CG   1 
ATOM   408  C  CD   . ARG A 1 27 ? -2.612  -1.415  12.449  0.79 22.83 ? 107 ARG A CD   1 
ATOM   409  N  NE   . ARG A 1 27 ? -3.868  -0.670  12.557  1.00 26.55 ? 107 ARG A NE   1 
ATOM   410  C  CZ   . ARG A 1 27 ? -3.985  0.586   12.969  1.00 29.43 ? 107 ARG A CZ   1 
ATOM   411  N  NH1  . ARG A 1 27 ? -2.917  1.303   13.303  0.70 30.73 ? 107 ARG A NH1  1 
ATOM   412  N  NH2  . ARG A 1 27 ? -5.190  1.132   13.034  1.00 29.79 ? 107 ARG A NH2  1 
ATOM   413  H  H    . ARG A 1 27 ? 0.670   -1.184  9.897   1.00 12.09 ? 107 ARG A H    1 
ATOM   414  H  HA   . ARG A 1 27 ? -1.615  -1.411  8.448   1.00 12.64 ? 107 ARG A HA   1 
ATOM   415  H  HB2  . ARG A 1 27 ? -1.135  -0.012  10.850  1.00 17.57 ? 107 ARG A HB2  1 
ATOM   416  H  HB3  . ARG A 1 27 ? -2.514  0.081   10.063  1.00 17.57 ? 107 ARG A HB3  1 
ATOM   417  H  HG2  . ARG A 1 27 ? -3.054  -2.055  10.563  1.00 22.24 ? 107 ARG A HG2  1 
ATOM   418  H  HG3  . ARG A 1 27 ? -1.565  -2.401  11.003  1.00 22.24 ? 107 ARG A HG3  1 
ATOM   419  H  HD2  . ARG A 1 27 ? -2.712  -2.247  12.937  0.79 27.39 ? 107 ARG A HD2  1 
ATOM   420  H  HD3  . ARG A 1 27 ? -1.907  -0.878  12.843  0.79 27.39 ? 107 ARG A HD3  1 
ATOM   421  H  HE   . ARG A 1 27 ? -4.590  -1.080  12.333  0.79 31.85 ? 107 ARG A HE   1 
ATOM   422  H  HH11 . ARG A 1 27 ? -2.134  0.951   13.265  0.70 36.87 ? 107 ARG A HH11 1 
ATOM   423  H  HH12 . ARG A 1 27 ? -3.010  2.117   13.563  0.70 36.87 ? 107 ARG A HH12 1 
ATOM   424  H  HH21 . ARG A 1 27 ? -5.882  0.673   12.813  1.00 35.75 ? 107 ARG A HH21 1 
ATOM   425  H  HH22 . ARG A 1 27 ? -5.279  1.948   13.290  1.00 35.75 ? 107 ARG A HH22 1 
ATOM   426  N  N    . LEU A 1 28 ? -1.597  0.676   7.209   1.00 8.25  ? 108 LEU A N    1 
ATOM   427  C  CA   . LEU A 1 28 ? -1.412  1.732   6.240   1.00 8.38  ? 108 LEU A CA   1 
ATOM   428  C  C    . LEU A 1 28 ? -2.666  2.591   6.167   1.00 8.84  ? 108 LEU A C    1 
ATOM   429  O  O    . LEU A 1 28 ? -3.793  2.085   6.233   1.00 10.60 ? 108 LEU A O    1 
ATOM   430  C  CB   . LEU A 1 28 ? -1.192  1.138   4.852   1.00 10.02 ? 108 LEU A CB   1 
ATOM   431  C  CG   . LEU A 1 28 ? -0.074  0.107   4.708   1.00 13.38 ? 108 LEU A CG   1 
ATOM   432  C  CD1  . LEU A 1 28 ? -0.151  -0.558  3.346   1.00 18.43 ? 108 LEU A CD1  1 
ATOM   433  C  CD2  . LEU A 1 28 ? 1.291   0.654   4.922   1.00 16.38 ? 108 LEU A CD2  1 
ATOM   434  H  H    . LEU A 1 28 ? -2.335  0.246   7.106   1.00 9.90  ? 108 LEU A H    1 
ATOM   435  H  HA   . LEU A 1 28 ? -0.653  2.285   6.479   1.00 10.06 ? 108 LEU A HA   1 
ATOM   436  H  HB2  . LEU A 1 28 ? -2.015  0.707   4.575   1.00 12.02 ? 108 LEU A HB2  1 
ATOM   437  H  HB3  . LEU A 1 28 ? -0.992  1.864   4.242   1.00 12.02 ? 108 LEU A HB3  1 
ATOM   438  H  HG   . LEU A 1 28 ? -0.214  -0.585  5.373   1.00 16.06 ? 108 LEU A HG   1 
ATOM   439  H  HD11 . LEU A 1 28 ? -1.010  -0.999  3.258   1.00 22.12 ? 108 LEU A HD11 1 
ATOM   440  H  HD12 . LEU A 1 28 ? -0.056  0.120   2.659   1.00 22.12 ? 108 LEU A HD12 1 
ATOM   441  H  HD13 . LEU A 1 28 ? 0.565   -1.208  3.272   1.00 22.12 ? 108 LEU A HD13 1 
ATOM   442  H  HD21 . LEU A 1 28 ? 1.937   -0.061  4.813   1.00 19.65 ? 108 LEU A HD21 1 
ATOM   443  H  HD22 . LEU A 1 28 ? 1.457   1.352   4.270   1.00 19.65 ? 108 LEU A HD22 1 
ATOM   444  H  HD23 . LEU A 1 28 ? 1.348   1.018   5.819   1.00 19.65 ? 108 LEU A HD23 1 
ATOM   445  N  N    . GLN A 1 29 ? -2.459  3.895   5.980   1.00 7.93  ? 109 GLN A N    1 
ATOM   446  C  CA   . GLN A 1 29 ? -3.519  4.827   5.625   1.00 7.23  ? 109 GLN A CA   1 
ATOM   447  C  C    . GLN A 1 29 ? -3.463  5.038   4.109   1.00 7.26  ? 109 GLN A C    1 
ATOM   448  O  O    . GLN A 1 29 ? -2.405  5.389   3.573   1.00 7.80  ? 109 GLN A O    1 
ATOM   449  C  CB   . GLN A 1 29 ? -3.302  6.146   6.359   1.00 7.92  ? 109 GLN A CB   1 
ATOM   450  C  CG   . GLN A 1 29 ? -4.029  7.368   5.785   1.00 8.27  ? 109 GLN A CG   1 
ATOM   451  C  CD   . GLN A 1 29 ? -5.535  7.301   5.841   1.00 8.15  ? 109 GLN A CD   1 
ATOM   452  O  OE1  . GLN A 1 29 ? -6.127  6.298   6.283   1.00 8.83  ? 109 GLN A OE1  1 
ATOM   453  N  NE2  . GLN A 1 29 ? -6.181  8.376   5.390   1.00 8.26  ? 109 GLN A NE2  1 
ATOM   454  H  H    . GLN A 1 29 ? -1.689  4.271   6.056   1.00 9.52  ? 109 GLN A H    1 
ATOM   455  H  HA   . GLN A 1 29 ? -4.385  4.462   5.868   1.00 8.67  ? 109 GLN A HA   1 
ATOM   456  H  HB2  . GLN A 1 29 ? -3.600  6.038   7.276   1.00 9.51  ? 109 GLN A HB2  1 
ATOM   457  H  HB3  . GLN A 1 29 ? -2.352  6.346   6.351   1.00 9.51  ? 109 GLN A HB3  1 
ATOM   458  H  HG2  . GLN A 1 29 ? -3.753  8.152   6.282   1.00 9.92  ? 109 GLN A HG2  1 
ATOM   459  H  HG3  . GLN A 1 29 ? -3.776  7.467   4.854   1.00 9.92  ? 109 GLN A HG3  1 
ATOM   460  H  HE21 . GLN A 1 29 ? -7.041  8.396   5.398   1.00 9.91  ? 109 GLN A HE21 1 
ATOM   461  H  HE22 . GLN A 1 29 ? -5.738  9.050   5.093   1.00 9.91  ? 109 GLN A HE22 1 
ATOM   462  N  N    . ILE A 1 30 ? -4.576  4.828   3.431   1.00 6.96  ? 110 ILE A N    1 
ATOM   463  C  CA   . ILE A 1 30 ? -4.613  5.034   1.987   1.00 7.43  ? 110 ILE A CA   1 
ATOM   464  C  C    . ILE A 1 30 ? -4.932  6.494   1.729   1.00 7.72  ? 110 ILE A C    1 
ATOM   465  O  O    . ILE A 1 30 ? -5.987  7.005   2.124   1.00 9.26  ? 110 ILE A O    1 
ATOM   466  C  CB   . ILE A 1 30 ? -5.610  4.096   1.277   1.00 8.34  ? 110 ILE A CB   1 
ATOM   467  C  CG1  . ILE A 1 30 ? -5.343  2.636   1.675   1.00 9.22  ? 110 ILE A CG1  1 
ATOM   468  C  CG2  . ILE A 1 30 ? -5.544  4.327   -0.208  1.00 8.96  ? 110 ILE A CG2  1 
ATOM   469  C  CD1  . ILE A 1 30 ? -3.930  2.155   1.457   1.00 9.89  ? 110 ILE A CD1  1 
ATOM   470  H  H    . ILE A 1 30 ? -5.320  4.566   3.775   1.00 8.35  ? 110 ILE A H    1 
ATOM   471  H  HA   . ILE A 1 30 ? -3.730  4.856   1.624   1.00 8.92  ? 110 ILE A HA   1 
ATOM   472  H  HB   . ILE A 1 30 ? -6.503  4.328   1.575   1.00 10.01 ? 110 ILE A HB   1 
ATOM   473  H  HG12 . ILE A 1 30 ? -5.544  2.534   2.618   1.00 11.07 ? 110 ILE A HG12 1 
ATOM   474  H  HG13 . ILE A 1 30 ? -5.928  2.064   1.155   1.00 11.07 ? 110 ILE A HG13 1 
ATOM   475  H  HG21 . ILE A 1 30 ? -5.773  5.252   -0.394  1.00 10.76 ? 110 ILE A HG21 1 
ATOM   476  H  HG22 . ILE A 1 30 ? -4.643  4.141   -0.515  1.00 10.76 ? 110 ILE A HG22 1 
ATOM   477  H  HG23 . ILE A 1 30 ? -6.173  3.734   -0.647  1.00 10.76 ? 110 ILE A HG23 1 
ATOM   478  H  HD11 . ILE A 1 30 ? -3.712  2.231   0.515   1.00 11.86 ? 110 ILE A HD11 1 
ATOM   479  H  HD12 . ILE A 1 30 ? -3.326  2.702   1.983   1.00 11.86 ? 110 ILE A HD12 1 
ATOM   480  H  HD13 . ILE A 1 30 ? -3.867  1.228   1.738   1.00 11.86 ? 110 ILE A HD13 1 
ATOM   481  N  N    . VAL A 1 31 ? -3.982  7.167   1.094   1.00 7.57  ? 111 VAL A N    1 
ATOM   482  C  CA   . VAL A 1 31 ? -4.055  8.595   0.814   1.00 8.06  ? 111 VAL A CA   1 
ATOM   483  C  C    . VAL A 1 31 ? -4.764  8.881   -0.495  1.00 8.26  ? 111 VAL A C    1 
ATOM   484  O  O    . VAL A 1 31 ? -5.539  9.835   -0.574  1.00 9.60  ? 111 VAL A O    1 
ATOM   485  C  CB   . VAL A 1 31 ? -2.636  9.184   0.808   1.00 8.80  ? 111 VAL A CB   1 
ATOM   486  C  CG1  . VAL A 1 31 ? -2.652  10.652  0.468   1.00 10.02 ? 111 VAL A CG1  1 
ATOM   487  C  CG2  . VAL A 1 31 ? -1.963  8.968   2.147   1.00 10.62 ? 111 VAL A CG2  1 
ATOM   488  H  H    . VAL A 1 31 ? -3.257  6.804   0.804   1.00 9.08  ? 111 VAL A H    1 
ATOM   489  H  HA   . VAL A 1 31 ? -4.554  9.028   1.524   1.00 9.67  ? 111 VAL A HA   1 
ATOM   490  H  HB   . VAL A 1 31 ? -2.109  8.728   0.132   1.00 10.56 ? 111 VAL A HB   1 
ATOM   491  H  HG11 . VAL A 1 31 ? -1.743  10.987  0.473   1.00 12.02 ? 111 VAL A HG11 1 
ATOM   492  H  HG12 . VAL A 1 31 ? -3.043  10.768  -0.413  1.00 12.02 ? 111 VAL A HG12 1 
ATOM   493  H  HG13 . VAL A 1 31 ? -3.183  11.123  1.130   1.00 12.02 ? 111 VAL A HG13 1 
ATOM   494  H  HG21 . VAL A 1 31 ? -2.575  8.499   2.736   1.00 12.74 ? 111 VAL A HG21 1 
ATOM   495  H  HG22 . VAL A 1 31 ? -1.159  8.441   2.017   1.00 12.74 ? 111 VAL A HG22 1 
ATOM   496  H  HG23 . VAL A 1 31 ? -1.734  9.831   2.529   1.00 12.74 ? 111 VAL A HG23 1 
ATOM   497  N  N    . ASN A 1 32 ? -4.507  8.074   -1.522  1.00 8.81  ? 112 ASN A N    1 
ATOM   498  C  CA   . ASN A 1 32 ? -5.097  8.302   -2.820  1.00 11.16 ? 112 ASN A CA   1 
ATOM   499  C  C    . ASN A 1 32 ? -5.206  6.950   -3.508  1.00 11.13 ? 112 ASN A C    1 
ATOM   500  O  O    . ASN A 1 32 ? -4.253  6.198   -3.555  1.00 15.28 ? 112 ASN A O    1 
ATOM   501  C  CB   . ASN A 1 32 ? -4.192  9.313   -3.570  1.00 16.40 ? 112 ASN A CB   1 
ATOM   502  C  CG   . ASN A 1 32 ? -4.783  9.834   -4.850  1.00 22.79 ? 112 ASN A CG   1 
ATOM   503  O  OD1  . ASN A 1 32 ? -5.507  9.136   -5.529  1.00 23.52 ? 112 ASN A OD1  1 
ATOM   504  N  ND2  . ASN A 1 32 ? -4.425  11.070  -5.209  1.00 26.23 ? 112 ASN A ND2  1 
ATOM   505  H  H    . ASN A 1 32 ? -3.990  7.387   -1.485  1.00 10.57 ? 112 ASN A H    1 
ATOM   506  H  HA   . ASN A 1 32 ? -5.985  8.681   -2.721  1.00 13.39 ? 112 ASN A HA   1 
ATOM   507  H  HB2  . ASN A 1 32 ? -4.026  10.072  -2.991  1.00 19.68 ? 112 ASN A HB2  1 
ATOM   508  H  HB3  . ASN A 1 32 ? -3.353  8.878   -3.788  1.00 19.68 ? 112 ASN A HB3  1 
ATOM   509  H  HD21 . ASN A 1 32 ? -4.736  11.414  -5.933  1.00 31.47 ? 112 ASN A HD21 1 
ATOM   510  H  HD22 . ASN A 1 32 ? -3.884  11.522  -4.717  1.00 31.47 ? 112 ASN A HD22 1 
ATOM   511  N  N    . ASN A 1 33 ? -6.387  6.604   -3.972  1.00 9.51  ? 113 ASN A N    1 
ATOM   512  C  CA   . ASN A 1 33 ? -6.588  5.357   -4.703  1.00 10.08 ? 113 ASN A CA   1 
ATOM   513  C  C    . ASN A 1 33 ? -7.075  5.614   -6.131  1.00 10.73 ? 113 ASN A C    1 
ATOM   514  O  O    . ASN A 1 33 ? -7.650  4.735   -6.764  1.00 11.25 ? 113 ASN A O    1 
ATOM   515  C  CB   . ASN A 1 33 ? -7.527  4.419   -3.943  1.00 11.33 ? 113 ASN A CB   1 
ATOM   516  C  CG   . ASN A 1 33 ? -8.843  5.060   -3.607  1.00 12.98 ? 113 ASN A CG   1 
ATOM   517  O  OD1  . ASN A 1 33 ? -9.692  5.279   -4.492  1.00 14.49 ? 113 ASN A OD1  1 
ATOM   518  N  ND2  . ASN A 1 33 ? -9.061  5.333   -2.332  1.00 15.64 ? 113 ASN A ND2  1 
ATOM   519  H  H    . ASN A 1 33 ? -7.100  7.075   -3.879  1.00 11.41 ? 113 ASN A H    1 
ATOM   520  H  HA   . ASN A 1 33 ? -5.732  4.907   -4.771  1.00 12.10 ? 113 ASN A HA   1 
ATOM   521  H  HB2  . ASN A 1 33 ? -7.704  3.638   -4.489  1.00 13.60 ? 113 ASN A HB2  1 
ATOM   522  H  HB3  . ASN A 1 33 ? -7.103  4.154   -3.111  1.00 13.60 ? 113 ASN A HB3  1 
ATOM   523  H  HD21 . ASN A 1 33 ? -9.800  5.700   -2.091  1.00 18.77 ? 113 ASN A HD21 1 
ATOM   524  H  HD22 . ASN A 1 33 ? -8.463  5.144   -1.744  1.00 18.77 ? 113 ASN A HD22 1 
ATOM   525  N  N    A THR A 1 34 ? -6.783  6.814   -6.631  0.61 12.06 ? 114 THR A N    1 
ATOM   526  N  N    B THR A 1 34 ? -6.843  6.810   -6.661  0.39 11.14 ? 114 THR A N    1 
ATOM   527  C  CA   A THR A 1 34 ? -7.249  7.264   -7.936  0.61 13.25 ? 114 THR A CA   1 
ATOM   528  C  CA   B THR A 1 34 ? -7.417  7.138   -7.963  0.39 11.51 ? 114 THR A CA   1 
ATOM   529  C  C    A THR A 1 34 ? -6.863  6.302   -9.065  0.61 12.44 ? 114 THR A C    1 
ATOM   530  C  C    B THR A 1 34 ? -6.887  6.259   -9.103  0.39 11.55 ? 114 THR A C    1 
ATOM   531  O  O    A THR A 1 34 ? -7.640  6.086   -9.992  0.61 12.84 ? 114 THR A O    1 
ATOM   532  O  O    B THR A 1 34 ? -7.590  6.063   -10.097 0.39 11.90 ? 114 THR A O    1 
ATOM   533  C  CB   A THR A 1 34 ? -6.708  8.678   -8.226  0.61 16.06 ? 114 THR A CB   1 
ATOM   534  C  CB   B THR A 1 34 ? -7.210  8.608   -8.329  0.39 12.39 ? 114 THR A CB   1 
ATOM   535  O  OG1  A THR A 1 34 ? -7.098  9.559   -7.165  0.61 19.75 ? 114 THR A OG1  1 
ATOM   536  O  OG1  B THR A 1 34 ? -5.815  8.897   -8.300  0.39 13.97 ? 114 THR A OG1  1 
ATOM   537  C  CG2  A THR A 1 34 ? -7.247  9.207   -9.554  0.61 16.28 ? 114 THR A CG2  1 
ATOM   538  C  CG2  B THR A 1 34 ? -7.970  9.518   -7.366  0.39 12.32 ? 114 THR A CG2  1 
ATOM   539  H  H    A THR A 1 34 ? -6.303  7.397   -6.220  0.61 14.47 ? 114 THR A H    1 
ATOM   540  H  H    B THR A 1 34 ? -6.372  7.433   -6.302  0.39 13.37 ? 114 THR A H    1 
ATOM   541  H  HA   A THR A 1 34 ? -8.218  7.318   -7.917  0.61 15.90 ? 114 THR A HA   1 
ATOM   542  H  HA   B THR A 1 34 ? -8.375  6.990   -7.913  0.39 13.82 ? 114 THR A HA   1 
ATOM   543  H  HB   A THR A 1 34 ? -5.739  8.648   -8.279  0.61 19.28 ? 114 THR A HB   1 
ATOM   544  H  HB   B THR A 1 34 ? -7.549  8.763   -9.224  0.39 14.87 ? 114 THR A HB   1 
ATOM   545  H  HG1  A THR A 1 34 ? -7.936  9.588   -7.110  0.61 23.71 ? 114 THR A HG1  1 
ATOM   546  H  HG1  B THR A 1 34 ? -5.684  9.702   -8.499  0.39 16.76 ? 114 THR A HG1  1 
ATOM   547  H  HG21 A THR A 1 34 ? -8.216  9.247   -9.525  0.61 19.54 ? 114 THR A HG21 1 
ATOM   548  H  HG21 B THR A 1 34 ? -7.830  10.447  -7.609  0.39 14.79 ? 114 THR A HG21 1 
ATOM   549  H  HG22 A THR A 1 34 ? -6.899  10.096  -9.723  0.61 19.54 ? 114 THR A HG22 1 
ATOM   550  H  HG22 B THR A 1 34 ? -8.920  9.321   -7.404  0.39 14.79 ? 114 THR A HG22 1 
ATOM   551  H  HG23 A THR A 1 34 ? -6.978  8.620   -10.277 0.61 19.54 ? 114 THR A HG23 1 
ATOM   552  H  HG23 B THR A 1 34 ? -7.655  9.378   -6.460  0.39 14.79 ? 114 THR A HG23 1 
ATOM   553  N  N    . GLU A 1 35 ? -5.667  5.733   -8.997  1.00 11.72 ? 115 GLU A N    1 
ATOM   554  C  CA   . GLU A 1 35 ? -5.192  4.883   -10.082 1.00 11.89 ? 115 GLU A CA   1 
ATOM   555  C  C    . GLU A 1 35 ? -5.950  3.563   -10.158 1.00 11.01 ? 115 GLU A C    1 
ATOM   556  O  O    . GLU A 1 35 ? -5.967  2.900   -11.200 1.00 11.55 ? 115 GLU A O    1 
ATOM   557  C  CB   . GLU A 1 35 ? -3.715  4.590   -9.966  1.00 15.38 ? 115 GLU A CB   1 
ATOM   558  C  CG   . GLU A 1 35 ? -2.855  5.821   -10.115 1.00 25.08 ? 115 GLU A CG   1 
ATOM   559  C  CD   . GLU A 1 35 ? -2.897  6.386   -11.522 1.00 34.77 ? 115 GLU A CD   1 
ATOM   560  O  OE1  . GLU A 1 35 ? -2.982  5.589   -12.482 1.00 37.61 ? 115 GLU A OE1  1 
ATOM   561  O  OE2  . GLU A 1 35 ? -2.850  7.624   -11.669 1.00 37.93 ? 115 GLU A OE2  1 
ATOM   562  H  H    . GLU A 1 35 ? -5.122  5.837   -8.339  1.00 14.06 ? 115 GLU A H    1 
ATOM   563  H  HA   . GLU A 1 35 ? -5.332  5.348   -10.921 1.00 14.27 ? 115 GLU A HA   1 
ATOM   564  H  HB2  . GLU A 1 35 ? -3.538  4.205   -9.093  1.00 18.46 ? 115 GLU A HB2  1 
ATOM   565  H  HB3  . GLU A 1 35 ? -3.462  3.963   -10.661 1.00 18.46 ? 115 GLU A HB3  1 
ATOM   566  H  HG2  . GLU A 1 35 ? -3.173  6.506   -9.506  1.00 30.09 ? 115 GLU A HG2  1 
ATOM   567  H  HG3  . GLU A 1 35 ? -1.935  5.593   -9.909  1.00 30.09 ? 115 GLU A HG3  1 
ATOM   568  N  N    . GLY A 1 36 ? -6.542  3.161   -9.039  1.00 10.88 ? 116 GLY A N    1 
ATOM   569  C  CA   . GLY A 1 36 ? -7.296  1.923   -8.984  1.00 10.28 ? 116 GLY A CA   1 
ATOM   570  C  C    . GLY A 1 36 ? -6.450  0.734   -8.577  1.00 9.21  ? 116 GLY A C    1 
ATOM   571  O  O    . GLY A 1 36 ? -6.799  0.022   -7.634  1.00 11.12 ? 116 GLY A O    1 
ATOM   572  H  H    . GLY A 1 36 ? -6.522  3.592   -8.297  1.00 13.05 ? 116 GLY A H    1 
ATOM   573  H  HA2  . GLY A 1 36 ? -8.019  2.015   -8.345  1.00 12.33 ? 116 GLY A HA2  1 
ATOM   574  H  HA3  . GLY A 1 36 ? -7.679  1.741   -9.857  1.00 12.33 ? 116 GLY A HA3  1 
ATOM   575  N  N    . ASP A 1 37 ? -5.367  0.508   -9.308  1.00 9.51  ? 117 ASP A N    1 
ATOM   576  C  CA   . ASP A 1 37 ? -4.482  -0.609  -9.037  1.00 10.18 ? 117 ASP A CA   1 
ATOM   577  C  C    . ASP A 1 37 ? -3.418  -0.297  -7.975  1.00 8.71  ? 117 ASP A C    1 
ATOM   578  O  O    . ASP A 1 37 ? -3.293  -1.031  -7.003  1.00 9.17  ? 117 ASP A O    1 
ATOM   579  C  CB   . ASP A 1 37 ? -3.840  -1.110  -10.353 1.00 13.70 ? 117 ASP A CB   1 
ATOM   580  C  CG   . ASP A 1 37 ? -3.402  0.038   -11.341 1.00 17.96 ? 117 ASP A CG   1 
ATOM   581  O  OD1  . ASP A 1 37 ? -3.236  1.229   -10.936 1.00 16.40 ? 117 ASP A OD1  1 
ATOM   582  O  OD2  . ASP A 1 37 ? -3.187  -0.291  -12.537 1.00 22.98 ? 117 ASP A OD2  1 
ATOM   583  H  H    . ASP A 1 37 ? -5.121  0.996   -9.972  1.00 11.41 ? 117 ASP A H    1 
ATOM   584  H  HA   . ASP A 1 37 ? -5.020  -1.339  -8.690  1.00 12.22 ? 117 ASP A HA   1 
ATOM   585  H  HB2  . ASP A 1 37 ? -3.050  -1.629  -10.136 1.00 16.44 ? 117 ASP A HB2  1 
ATOM   586  H  HB3  . ASP A 1 37 ? -4.481  -1.670  -10.819 1.00 16.44 ? 117 ASP A HB3  1 
ATOM   587  N  N    . TRP A 1 38 ? -2.664  0.777   -8.201  1.00 8.12  ? 118 TRP A N    1 
ATOM   588  C  CA   . TRP A 1 38 ? -1.592  1.212   -7.328  1.00 7.71  ? 118 TRP A CA   1 
ATOM   589  C  C    . TRP A 1 38 ? -2.099  2.394   -6.539  1.00 7.54  ? 118 TRP A C    1 
ATOM   590  O  O    . TRP A 1 38 ? -2.608  3.354   -7.102  1.00 9.72  ? 118 TRP A O    1 
ATOM   591  C  CB   . TRP A 1 38 ? -0.362  1.597   -8.160  1.00 8.48  ? 118 TRP A CB   1 
ATOM   592  C  CG   . TRP A 1 38 ? 0.256   0.398   -8.820  1.00 8.96  ? 118 TRP A CG   1 
ATOM   593  C  CD1  . TRP A 1 38 ? -0.104  -0.167  -10.012 1.00 9.75  ? 118 TRP A CD1  1 
ATOM   594  C  CD2  . TRP A 1 38 ? 1.316   -0.399  -8.302  1.00 8.84  ? 118 TRP A CD2  1 
ATOM   595  N  NE1  . TRP A 1 38 ? 0.679   -1.268  -10.259 1.00 10.25 ? 118 TRP A NE1  1 
ATOM   596  C  CE2  . TRP A 1 38 ? 1.545   -1.440  -9.214  1.00 9.45  ? 118 TRP A CE2  1 
ATOM   597  C  CE3  . TRP A 1 38 ? 2.090   -0.335  -7.143  1.00 9.18  ? 118 TRP A CE3  1 
ATOM   598  C  CZ2  . TRP A 1 38 ? 2.535   -2.403  -9.021  1.00 10.18 ? 118 TRP A CZ2  1 
ATOM   599  C  CZ3  . TRP A 1 38 ? 3.093   -1.298  -6.944  1.00 10.00 ? 118 TRP A CZ3  1 
ATOM   600  C  CH2  . TRP A 1 38 ? 3.292   -2.313  -7.882  1.00 9.99  ? 118 TRP A CH2  1 
ATOM   601  H  H    . TRP A 1 38 ? -2.767  1.286   -8.885  1.00 9.75  ? 118 TRP A H    1 
ATOM   602  H  HA   . TRP A 1 38 ? -1.351  0.500   -6.715  1.00 9.25  ? 118 TRP A HA   1 
ATOM   603  H  HB2  . TRP A 1 38 ? -0.626  2.222   -8.852  1.00 10.18 ? 118 TRP A HB2  1 
ATOM   604  H  HB3  . TRP A 1 38 ? 0.303   2.000   -7.580  1.00 10.18 ? 118 TRP A HB3  1 
ATOM   605  H  HD1  . TRP A 1 38 ? -0.787  0.140   -10.564 1.00 11.69 ? 118 TRP A HD1  1 
ATOM   606  H  HE1  . TRP A 1 38 ? 0.621   -1.779  -10.949 1.00 12.30 ? 118 TRP A HE1  1 
ATOM   607  H  HE3  . TRP A 1 38 ? 1.950   0.339   -6.517  1.00 11.02 ? 118 TRP A HE3  1 
ATOM   608  H  HZ2  . TRP A 1 38 ? 2.684   -3.072  -9.649  1.00 12.21 ? 118 TRP A HZ2  1 
ATOM   609  H  HZ3  . TRP A 1 38 ? 3.610   -1.273  -6.172  1.00 12.00 ? 118 TRP A HZ3  1 
ATOM   610  H  HH2  . TRP A 1 38 ? 3.957   -2.945  -7.730  1.00 11.99 ? 118 TRP A HH2  1 
ATOM   611  N  N    . TRP A 1 39 ? -2.007  2.293   -5.212  1.00 7.16  ? 119 TRP A N    1 
ATOM   612  C  CA   . TRP A 1 39 ? -2.542  3.312   -4.318  1.00 7.11  ? 119 TRP A CA   1 
ATOM   613  C  C    . TRP A 1 39 ? -1.413  4.050   -3.609  1.00 7.16  ? 119 TRP A C    1 
ATOM   614  O  O    . TRP A 1 39 ? -0.403  3.449   -3.248  1.00 8.22  ? 119 TRP A O    1 
ATOM   615  C  CB   . TRP A 1 39 ? -3.419  2.661   -3.253  1.00 7.66  ? 119 TRP A CB   1 
ATOM   616  C  CG   . TRP A 1 39 ? -4.650  1.968   -3.752  1.00 7.54  ? 119 TRP A CG   1 
ATOM   617  C  CD1  . TRP A 1 39 ? -5.172  1.985   -5.006  1.00 8.24  ? 119 TRP A CD1  1 
ATOM   618  C  CD2  . TRP A 1 39 ? -5.521  1.172   -2.955  1.00 7.65  ? 119 TRP A CD2  1 
ATOM   619  N  NE1  . TRP A 1 39 ? -6.335  1.233   -5.031  1.00 8.74  ? 119 TRP A NE1  1 
ATOM   620  C  CE2  . TRP A 1 39 ? -6.560  0.725   -3.783  1.00 8.06  ? 119 TRP A CE2  1 
ATOM   621  C  CE3  . TRP A 1 39 ? -5.495  0.766   -1.617  1.00 8.52  ? 119 TRP A CE3  1 
ATOM   622  C  CZ2  . TRP A 1 39 ? -7.575  -0.111  -3.325  1.00 9.10  ? 119 TRP A CZ2  1 
ATOM   623  C  CZ3  . TRP A 1 39 ? -6.509  -0.054  -1.153  1.00 9.68  ? 119 TRP A CZ3  1 
ATOM   624  C  CH2  . TRP A 1 39 ? -7.535  -0.481  -2.008  1.00 9.55  ? 119 TRP A CH2  1 
ATOM   625  H  H    . TRP A 1 39 ? -1.634  1.635   -4.805  1.00 8.59  ? 119 TRP A H    1 
ATOM   626  H  HA   . TRP A 1 39 ? -3.073  3.950   -4.818  1.00 8.54  ? 119 TRP A HA   1 
ATOM   627  H  HB2  . TRP A 1 39 ? -2.887  2.001   -2.781  1.00 9.20  ? 119 TRP A HB2  1 
ATOM   628  H  HB3  . TRP A 1 39 ? -3.706  3.349   -2.632  1.00 9.20  ? 119 TRP A HB3  1 
ATOM   629  H  HD1  . TRP A 1 39 ? -4.819  2.455   -5.727  1.00 9.89  ? 119 TRP A HD1  1 
ATOM   630  H  HE1  . TRP A 1 39 ? -6.832  1.106   -5.720  1.00 10.49 ? 119 TRP A HE1  1 
ATOM   631  H  HE3  . TRP A 1 39 ? -4.817  1.051   -1.048  1.00 10.22 ? 119 TRP A HE3  1 
ATOM   632  H  HZ2  . TRP A 1 39 ? -8.258  -0.397  -3.889  1.00 10.92 ? 119 TRP A HZ2  1 
ATOM   633  H  HZ3  . TRP A 1 39 ? -6.512  -0.319  -0.262  1.00 11.62 ? 119 TRP A HZ3  1 
ATOM   634  H  HH2  . TRP A 1 39 ? -8.206  -1.029  -1.670  1.00 11.46 ? 119 TRP A HH2  1 
ATOM   635  N  N    . LEU A 1 40 ? -1.599  5.343   -3.390  1.00 7.51  ? 120 LEU A N    1 
ATOM   636  C  CA   . LEU A 1 40 ? -0.659  6.095   -2.564  1.00 7.84  ? 120 LEU A CA   1 
ATOM   637  C  C    . LEU A 1 40 ? -1.012  5.831   -1.111  1.00 7.23  ? 120 LEU A C    1 
ATOM   638  O  O    . LEU A 1 40 ? -2.153  6.076   -0.697  1.00 7.91  ? 120 LEU A O    1 
ATOM   639  C  CB   . LEU A 1 40 ? -0.758  7.588   -2.866  1.00 8.68  ? 120 LEU A CB   1 
ATOM   640  C  CG   . LEU A 1 40 ? 0.235   8.460   -2.090  1.00 9.85  ? 120 LEU A CG   1 
ATOM   641  C  CD1  . LEU A 1 40 ? 1.661   8.112   -2.420  1.00 10.79 ? 120 LEU A CD1  1 
ATOM   642  C  CD2  . LEU A 1 40 ? -0.034  9.914   -2.388  1.00 11.75 ? 120 LEU A CD2  1 
ATOM   643  H  H    . LEU A 1 40 ? -2.252  5.807   -3.701  1.00 9.01  ? 120 LEU A H    1 
ATOM   644  H  HA   . LEU A 1 40 ? 0.248   5.795   -2.732  1.00 9.41  ? 120 LEU A HA   1 
ATOM   645  H  HB2  . LEU A 1 40 ? -0.594  7.724   -3.812  1.00 10.42 ? 120 LEU A HB2  1 
ATOM   646  H  HB3  . LEU A 1 40 ? -1.652  7.889   -2.643  1.00 10.42 ? 120 LEU A HB3  1 
ATOM   647  H  HG   . LEU A 1 40 ? 0.103   8.320   -1.140  1.00 11.82 ? 120 LEU A HG   1 
ATOM   648  H  HD11 . LEU A 1 40 ? 1.820   7.182   -2.190  1.00 12.95 ? 120 LEU A HD11 1 
ATOM   649  H  HD12 . LEU A 1 40 ? 1.807   8.247   -3.370  1.00 12.95 ? 120 LEU A HD12 1 
ATOM   650  H  HD13 . LEU A 1 40 ? 2.252   8.685   -1.910  1.00 12.95 ? 120 LEU A HD13 1 
ATOM   651  H  HD21 . LEU A 1 40 ? -0.940  10.129  -2.118  1.00 14.10 ? 120 LEU A HD21 1 
ATOM   652  H  HD22 . LEU A 1 40 ? 0.598   10.459  -1.893  1.00 14.10 ? 120 LEU A HD22 1 
ATOM   653  H  HD23 . LEU A 1 40 ? 0.073   10.065  -3.340  1.00 14.10 ? 120 LEU A HD23 1 
ATOM   654  N  N    . ALA A 1 41 ? -0.054  5.344   -0.336  1.00 7.79  ? 121 ALA A N    1 
ATOM   655  C  CA   . ALA A 1 41 ? -0.300  4.943   1.034   1.00 8.20  ? 121 ALA A CA   1 
ATOM   656  C  C    . ALA A 1 41 ? 0.757   5.530   1.940   1.00 7.94  ? 121 ALA A C    1 
ATOM   657  O  O    . ALA A 1 41 ? 1.866   5.909   1.537   1.00 8.98  ? 121 ALA A O    1 
ATOM   658  C  CB   . ALA A 1 41 ? -0.295  3.446   1.142   1.00 9.86  ? 121 ALA A CB   1 
ATOM   659  H  H    . ALA A 1 41 ? 0.761   5.236   -0.588  1.00 9.35  ? 121 ALA A H    1 
ATOM   660  H  HA   . ALA A 1 41 ? -1.167  5.271   1.319   1.00 9.84  ? 121 ALA A HA   1 
ATOM   661  H  HB1  . ALA A 1 41 ? -0.992  3.086   0.571   1.00 11.83 ? 121 ALA A HB1  1 
ATOM   662  H  HB2  . ALA A 1 41 ? 0.571   3.112   0.859   1.00 11.83 ? 121 ALA A HB2  1 
ATOM   663  H  HB3  . ALA A 1 41 ? -0.461  3.196   2.065   1.00 11.83 ? 121 ALA A HB3  1 
ATOM   664  N  N    . HIS A 1 42 ? 0.405   5.571   3.215   1.00 7.92  ? 122 HIS A N    1 
ATOM   665  C  CA   . HIS A 1 42 ? 1.298   6.032   4.262   1.00 8.17  ? 122 HIS A CA   1 
ATOM   666  C  C    . HIS A 1 42 ? 1.325   4.986   5.373   1.00 7.67  ? 122 HIS A C    1 
ATOM   667  O  O    . HIS A 1 42 ? 0.268   4.588   5.860   1.00 8.44  ? 122 HIS A O    1 
ATOM   668  C  CB   . HIS A 1 42 ? 0.763   7.345   4.811   1.00 9.58  ? 122 HIS A CB   1 
ATOM   669  C  CG   . HIS A 1 42 ? 1.609   7.920   5.884   1.00 10.45 ? 122 HIS A CG   1 
ATOM   670  N  ND1  . HIS A 1 42 ? 2.818   8.521   5.620   1.00 11.21 ? 122 HIS A ND1  1 
ATOM   671  C  CD2  . HIS A 1 42 ? 1.441   7.959   7.228   1.00 11.30 ? 122 HIS A CD2  1 
ATOM   672  C  CE1  . HIS A 1 42 ? 3.361   8.916   6.760   1.00 12.53 ? 122 HIS A CE1  1 
ATOM   673  N  NE2  . HIS A 1 42 ? 2.545   8.588   7.747   1.00 12.70 ? 122 HIS A NE2  1 
ATOM   674  H  H    . HIS A 1 42 ? -0.368  5.329   3.505   1.00 9.51  ? 122 HIS A H    1 
ATOM   675  H  HA   . HIS A 1 42 ? 2.194   6.163   3.915   1.00 9.81  ? 122 HIS A HA   1 
ATOM   676  H  HB2  . HIS A 1 42 ? 0.716   7.991   4.090   1.00 11.49 ? 122 HIS A HB2  1 
ATOM   677  H  HB3  . HIS A 1 42 ? -0.122  7.194   5.178   1.00 11.49 ? 122 HIS A HB3  1 
ATOM   678  H  HD1  . HIS A 1 42 ? 3.165   8.623   4.840   1.00 13.45 ? 122 HIS A HD1  1 
ATOM   679  H  HD2  . HIS A 1 42 ? 0.717   7.624   7.707   1.00 13.55 ? 122 HIS A HD2  1 
ATOM   680  H  HE1  . HIS A 1 42 ? 4.175   9.357   6.851   1.00 15.04 ? 122 HIS A HE1  1 
ATOM   681  H  HE2  . HIS A 1 42 ? 2.683   8.747   8.581   1.00 15.24 ? 122 HIS A HE2  1 
ATOM   682  N  N    . SER A 1 43 ? 2.514   4.521   5.753   1.00 7.86  ? 123 SER A N    1 
ATOM   683  C  CA   . SER A 1 43 ? 2.587   3.498   6.784   1.00 8.08  ? 123 SER A CA   1 
ATOM   684  C  C    . SER A 1 43 ? 2.392   4.112   8.166   1.00 8.95  ? 123 SER A C    1 
ATOM   685  O  O    . SER A 1 43 ? 3.136   5.006   8.582   1.00 9.96  ? 123 SER A O    1 
ATOM   686  C  CB   . SER A 1 43 ? 3.930   2.789   6.731   1.00 9.49  ? 123 SER A CB   1 
ATOM   687  O  OG   . SER A 1 43 ? 4.004   1.890   7.824   1.00 9.91  ? 123 SER A OG   1 
ATOM   688  H  H    . SER A 1 43 ? 3.272   4.775   5.436   1.00 9.43  ? 123 SER A H    1 
ATOM   689  H  HA   . SER A 1 43 ? 1.887   2.842   6.638   1.00 9.70  ? 123 SER A HA   1 
ATOM   690  H  HB2  . SER A 1 43 ? 4.002   2.294   5.900   1.00 11.38 ? 123 SER A HB2  1 
ATOM   691  H  HB3  . SER A 1 43 ? 4.643   3.442   6.801   1.00 11.38 ? 123 SER A HB3  1 
ATOM   692  H  HG   . SER A 1 43 ? 3.383   1.326   7.775   1.00 11.89 ? 123 SER A HG   1 
ATOM   693  N  N    . LEU A 1 44 ? 1.414   3.578   8.890   1.00 9.38  ? 124 LEU A N    1 
ATOM   694  C  CA   . LEU A 1 44 ? 1.176   3.967   10.272  1.00 10.06 ? 124 LEU A CA   1 
ATOM   695  C  C    . LEU A 1 44 ? 2.247   3.402   11.167  1.00 11.19 ? 124 LEU A C    1 
ATOM   696  O  O    . LEU A 1 44 ? 2.391   3.850   12.306  1.00 13.02 ? 124 LEU A O    1 
ATOM   697  C  CB   . LEU A 1 44 ? -0.205  3.470   10.707  1.00 11.13 ? 124 LEU A CB   1 
ATOM   698  C  CG   . LEU A 1 44 ? -1.374  3.960   9.850   1.00 12.35 ? 124 LEU A CG   1 
ATOM   699  C  CD1  . LEU A 1 44 ? -2.675  3.386   10.374  1.00 14.94 ? 124 LEU A CD1  1 
ATOM   700  C  CD2  . LEU A 1 44 ? -1.452  5.476   9.786   1.00 13.20 ? 124 LEU A CD2  1 
ATOM   701  H  H    . LEU A 1 44 ? 0.868   2.981   8.598   1.00 11.26 ? 124 LEU A H    1 
ATOM   702  H  HA   . LEU A 1 44 ? 1.193   4.934   10.345  1.00 12.07 ? 124 LEU A HA   1 
ATOM   703  H  HB2  . LEU A 1 44 ? -0.208  2.501   10.676  1.00 13.36 ? 124 LEU A HB2  1 
ATOM   704  H  HB3  . LEU A 1 44 ? -0.367  3.766   11.616  1.00 13.36 ? 124 LEU A HB3  1 
ATOM   705  H  HG   . LEU A 1 44 ? -1.252  3.634   8.944   1.00 14.82 ? 124 LEU A HG   1 
ATOM   706  H  HD11 . LEU A 1 44 ? -3.405  3.705   9.821   1.00 17.93 ? 124 LEU A HD11 1 
ATOM   707  H  HD12 . LEU A 1 44 ? -2.629  2.418   10.338  1.00 17.93 ? 124 LEU A HD12 1 
ATOM   708  H  HD13 . LEU A 1 44 ? -2.801  3.678   11.290  1.00 17.93 ? 124 LEU A HD13 1 
ATOM   709  H  HD21 . LEU A 1 44 ? -0.629  5.819   9.403   1.00 15.84 ? 124 LEU A HD21 1 
ATOM   710  H  HD22 . LEU A 1 44 ? -2.207  5.730   9.232   1.00 15.84 ? 124 LEU A HD22 1 
ATOM   711  H  HD23 . LEU A 1 44 ? -1.569  5.824   10.684  1.00 15.84 ? 124 LEU A HD23 1 
ATOM   712  N  N    . THR A 1 45 ? 2.954   2.394   10.670  1.00 11.98 ? 125 THR A N    1 
ATOM   713  C  CA   . THR A 1 45 ? 3.999   1.749   11.412  1.00 13.95 ? 125 THR A CA   1 
ATOM   714  C  C    . THR A 1 45 ? 5.341   2.492   11.272  1.00 14.42 ? 125 THR A C    1 
ATOM   715  O  O    . THR A 1 45 ? 6.000   2.766   12.274  1.00 18.69 ? 125 THR A O    1 
ATOM   716  C  CB   . THR A 1 45 ? 4.124   0.282   10.934  1.00 16.04 ? 125 THR A CB   1 
ATOM   717  O  OG1  . THR A 1 45 ? 2.839   -0.377  11.029  1.00 18.39 ? 125 THR A OG1  1 
ATOM   718  C  CG2  . THR A 1 45 ? 5.160   -0.463  11.743  1.00 18.20 ? 125 THR A CG2  1 
ATOM   719  H  H    . THR A 1 45 ? 2.835   2.066   9.885   1.00 14.37 ? 125 THR A H    1 
ATOM   720  H  HA   . THR A 1 45 ? 3.760   1.738   12.351  1.00 16.74 ? 125 THR A HA   1 
ATOM   721  N  N    . THR A 1 46 ? 5.726   2.828   10.037  1.00 12.17 ? 126 THR A N    1 
ATOM   722  C  CA   . THR A 1 46 ? 7.048   3.376   9.743   1.00 12.21 ? 126 THR A CA   1 
ATOM   723  C  C    . THR A 1 46 ? 7.059   4.859   9.396   1.00 11.68 ? 126 THR A C    1 
ATOM   724  O  O    . THR A 1 46 ? 8.130   5.455   9.392   1.00 14.13 ? 126 THR A O    1 
ATOM   725  C  CB   . THR A 1 46 ? 7.735   2.652   8.572   1.00 12.98 ? 126 THR A CB   1 
ATOM   726  O  OG1  . THR A 1 46 ? 7.048   3.007   7.370   1.00 11.68 ? 126 THR A OG1  1 
ATOM   727  C  CG2  . THR A 1 46 ? 7.752   1.138   8.764   1.00 14.66 ? 126 THR A CG2  1 
ATOM   728  H  H    . THR A 1 46 ? 5.227   2.742   9.341   1.00 14.60 ? 126 THR A H    1 
ATOM   729  H  HA   . THR A 1 46 ? 7.608   3.259   10.527  1.00 14.66 ? 126 THR A HA   1 
ATOM   730  H  HB   . THR A 1 46 ? 8.654   2.956   8.510   1.00 15.58 ? 126 THR A HB   1 
ATOM   731  H  HG1  . THR A 1 46 ? 7.404   2.624   6.712   1.00 14.02 ? 126 THR A HG1  1 
ATOM   732  H  HG21 . THR A 1 46 ? 6.846   0.802   8.831   1.00 17.59 ? 126 THR A HG21 1 
ATOM   733  H  HG22 . THR A 1 46 ? 8.191   0.714   8.010   1.00 17.59 ? 126 THR A HG22 1 
ATOM   734  H  HG23 . THR A 1 46 ? 8.234   0.913   9.575   1.00 17.59 ? 126 THR A HG23 1 
ATOM   735  N  N    . GLY A 1 47 ? 5.913   5.442   9.059   1.00 10.40 ? 127 GLY A N    1 
ATOM   736  C  CA   . GLY A 1 47 ? 5.866   6.849   8.675   1.00 10.52 ? 127 GLY A CA   1 
ATOM   737  C  C    . GLY A 1 47 ? 6.345   7.158   7.272   1.00 10.33 ? 127 GLY A C    1 
ATOM   738  O  O    . GLY A 1 47 ? 6.510   8.326   6.936   1.00 11.86 ? 127 GLY A O    1 
ATOM   739  H  H    . GLY A 1 47 ? 5.150   5.046   9.043   1.00 12.47 ? 127 GLY A H    1 
ATOM   740  H  HA2  . GLY A 1 47 ? 4.952   7.164   8.753   1.00 12.63 ? 127 GLY A HA2  1 
ATOM   741  H  HA3  . GLY A 1 47 ? 6.411   7.360   9.294   1.00 12.63 ? 127 GLY A HA3  1 
ATOM   742  N  N    . GLN A 1 48 ? 6.570   6.132   6.452   1.00 10.46 ? 128 GLN A N    1 
ATOM   743  C  CA   . GLN A 1 48 ? 6.978   6.319   5.065   1.00 10.72 ? 128 GLN A CA   1 
ATOM   744  C  C    . GLN A 1 48 ? 5.756   6.357   4.158   1.00 9.71  ? 128 GLN A C    1 
ATOM   745  O  O    . GLN A 1 48 ? 4.696   5.852   4.518   1.00 9.78  ? 128 GLN A O    1 
ATOM   746  C  CB   . GLN A 1 48 ? 7.934   5.207   4.654   1.00 13.53 ? 128 GLN A CB   1 
ATOM   747  C  CG   . GLN A 1 48 ? 9.219   5.203   5.482   1.00 17.63 ? 128 GLN A CG   1 
ATOM   748  C  CD   . GLN A 1 48 ? 10.072  3.954   5.286   1.00 22.26 ? 128 GLN A CD   1 
ATOM   749  O  OE1  . GLN A 1 48 ? 9.887   3.196   4.336   1.00 24.74 ? 128 GLN A OE1  1 
ATOM   750  N  NE2  . GLN A 1 48 ? 11.008  3.737   6.197   1.00 24.04 ? 128 GLN A NE2  1 
ATOM   751  H  H    . GLN A 1 48 ? 6.492   5.306   6.681   1.00 12.55 ? 128 GLN A H    1 
ATOM   752  H  HA   . GLN A 1 48 ? 7.445   7.166   4.981   1.00 12.87 ? 128 GLN A HA   1 
ATOM   753  N  N    . THR A 1 49 ? 5.916   6.967   2.987   1.00 9.96  ? 129 THR A N    1 
ATOM   754  C  CA   . THR A 1 49 ? 4.812   7.184   2.058   1.00 9.80  ? 129 THR A CA   1 
ATOM   755  C  C    . THR A 1 49 ? 5.222   6.751   0.669   1.00 10.00 ? 129 THR A C    1 
ATOM   756  O  O    . THR A 1 49 ? 6.366   6.961   0.259   1.00 13.10 ? 129 THR A O    1 
ATOM   757  C  CB   . THR A 1 49 ? 4.435   8.694   2.014   1.00 12.49 ? 129 THR A CB   1 
ATOM   758  O  OG1  . THR A 1 49 ? 4.312   9.191   3.350   1.00 12.76 ? 129 THR A OG1  1 
ATOM   759  C  CG2  . THR A 1 49 ? 3.136   8.950   1.278   1.00 14.85 ? 129 THR A CG2  1 
ATOM   760  H  H    . THR A 1 49 ? 6.670   7.272   2.704   1.00 11.95 ? 129 THR A H    1 
ATOM   761  H  HA   . THR A 1 49 ? 4.037   6.670   2.336   1.00 11.75 ? 129 THR A HA   1 
ATOM   762  H  HB   . THR A 1 49 ? 5.139   9.181   1.560   1.00 14.98 ? 129 THR A HB   1 
ATOM   763  H  HG1  . THR A 1 49 ? 4.107   10.006  3.335   1.00 15.32 ? 129 THR A HG1  1 
ATOM   764  H  HG21 . THR A 1 49 ? 2.940   9.900   1.274   1.00 17.82 ? 129 THR A HG21 1 
ATOM   765  H  HG22 . THR A 1 49 ? 3.208   8.639   0.362   1.00 17.82 ? 129 THR A HG22 1 
ATOM   766  H  HG23 . THR A 1 49 ? 2.409   8.480   1.715   1.00 17.82 ? 129 THR A HG23 1 
ATOM   767  N  N    . GLY A 1 50 ? 4.303   6.162   -0.085  1.00 8.12  ? 130 GLY A N    1 
ATOM   768  C  CA   . GLY A 1 50 ? 4.581   5.817   -1.459  1.00 8.57  ? 130 GLY A CA   1 
ATOM   769  C  C    . GLY A 1 50 ? 3.507   4.907   -2.004  1.00 7.51  ? 130 GLY A C    1 
ATOM   770  O  O    . GLY A 1 50 ? 2.530   4.584   -1.331  1.00 7.72  ? 130 GLY A O    1 
ATOM   771  H  H    . GLY A 1 50 ? 3.511   5.955   0.182   1.00 9.74  ? 130 GLY A H    1 
ATOM   772  H  HA2  . GLY A 1 50 ? 4.614   6.620   -2.000  1.00 10.28 ? 130 GLY A HA2  1 
ATOM   773  H  HA3  . GLY A 1 50 ? 5.436   5.363   -1.518  1.00 10.28 ? 130 GLY A HA3  1 
ATOM   774  N  N    . TYR A 1 51 ? 3.688   4.526   -3.263  1.00 7.62  ? 131 TYR A N    1 
ATOM   775  C  CA   . TYR A 1 51 ? 2.707   3.676   -3.939  1.00 7.78  ? 131 TYR A CA   1 
ATOM   776  C  C    . TYR A 1 51 ? 2.842   2.218   -3.538  1.00 7.82  ? 131 TYR A C    1 
ATOM   777  O  O    . TYR A 1 51 ? 3.942   1.686   -3.345  1.00 8.07  ? 131 TYR A O    1 
ATOM   778  C  CB   . TYR A 1 51 ? 2.813   3.838   -5.468  1.00 8.90  ? 131 TYR A CB   1 
ATOM   779  C  CG   . TYR A 1 51 ? 2.284   5.173   -5.899  1.00 10.60 ? 131 TYR A CG   1 
ATOM   780  C  CD1  . TYR A 1 51 ? 0.921   5.362   -6.094  1.00 13.51 ? 131 TYR A CD1  1 
ATOM   781  C  CD2  . TYR A 1 51 ? 3.122   6.264   -6.053  1.00 14.48 ? 131 TYR A CD2  1 
ATOM   782  C  CE1  . TYR A 1 51 ? 0.406   6.590   -6.451  1.00 17.73 ? 131 TYR A CE1  1 
ATOM   783  C  CE2  . TYR A 1 51 ? 2.613   7.505   -6.413  1.00 18.40 ? 131 TYR A CE2  1 
ATOM   784  C  CZ   . TYR A 1 51 ? 1.261   7.652   -6.603  1.00 20.46 ? 131 TYR A CZ   1 
ATOM   785  O  OH   . TYR A 1 51 ? 0.771   8.878   -6.961  1.00 25.75 ? 131 TYR A OH   1 
ATOM   786  H  H    . TYR A 1 51 ? 4.364   4.743   -3.748  1.00 9.15  ? 131 TYR A H    1 
ATOM   787  H  HA   . TYR A 1 51 ? 1.820   3.968   -3.678  1.00 9.34  ? 131 TYR A HA   1 
ATOM   788  H  HB2  . TYR A 1 51 ? 3.744   3.779   -5.735  1.00 10.68 ? 131 TYR A HB2  1 
ATOM   789  H  HB3  . TYR A 1 51 ? 2.291   3.146   -5.903  1.00 10.68 ? 131 TYR A HB3  1 
ATOM   790  H  HD1  . TYR A 1 51 ? 0.343   4.642   -5.981  1.00 16.21 ? 131 TYR A HD1  1 
ATOM   791  H  HD2  . TYR A 1 51 ? 4.037   6.165   -5.916  1.00 17.38 ? 131 TYR A HD2  1 
ATOM   792  H  HE1  . TYR A 1 51 ? -0.507  6.698   -6.584  1.00 21.28 ? 131 TYR A HE1  1 
ATOM   793  H  HE2  . TYR A 1 51 ? 3.184   8.232   -6.523  1.00 22.08 ? 131 TYR A HE2  1 
ATOM   794  H  HH   . TYR A 1 51 ? 1.400   9.433   -7.018  1.00 30.90 ? 131 TYR A HH   1 
ATOM   795  N  N    . ILE A 1 52 ? 1.685   1.576   -3.435  1.00 7.48  ? 132 ILE A N    1 
ATOM   796  C  CA   . ILE A 1 52 ? 1.603   0.189   -3.039  1.00 7.51  ? 132 ILE A CA   1 
ATOM   797  C  C    . ILE A 1 52 ? 0.693   -0.564  -3.997  1.00 6.95  ? 132 ILE A C    1 
ATOM   798  O  O    . ILE A 1 52 ? -0.248  0.006   -4.572  1.00 6.92  ? 132 ILE A O    1 
ATOM   799  C  CB   . ILE A 1 52 ? 1.084   0.011   -1.583  1.00 7.72  ? 132 ILE A CB   1 
ATOM   800  C  CG1  . ILE A 1 52 ? -0.368  0.519   -1.419  1.00 8.51  ? 132 ILE A CG1  1 
ATOM   801  C  CG2  . ILE A 1 52 ? 2.031   0.702   -0.631  1.00 8.27  ? 132 ILE A CG2  1 
ATOM   802  C  CD1  . ILE A 1 52 ? -1.051  0.033   -0.192  1.00 11.75 ? 132 ILE A CD1  1 
ATOM   803  H  H    . ILE A 1 52 ? 0.919   1.935   -3.594  1.00 8.98  ? 132 ILE A H    1 
ATOM   804  H  HA   . ILE A 1 52 ? 2.486   -0.207  -3.092  1.00 9.01  ? 132 ILE A HA   1 
ATOM   805  H  HB   . ILE A 1 52 ? 1.094   -0.936  -1.377  1.00 9.26  ? 132 ILE A HB   1 
ATOM   806  H  HG12 . ILE A 1 52 ? -0.357  1.487   -1.386  1.00 10.21 ? 132 ILE A HG12 1 
ATOM   807  H  HG13 . ILE A 1 52 ? -0.888  0.223   -2.182  1.00 10.21 ? 132 ILE A HG13 1 
ATOM   808  H  HG21 . ILE A 1 52 ? 2.912   0.304   -0.719  1.00 9.92  ? 132 ILE A HG21 1 
ATOM   809  H  HG22 . ILE A 1 52 ? 2.070   1.645   -0.855  1.00 9.92  ? 132 ILE A HG22 1 
ATOM   810  H  HG23 . ILE A 1 52 ? 1.705   0.590   0.275   1.00 9.92  ? 132 ILE A HG23 1 
ATOM   811  H  HD11 . ILE A 1 52 ? -1.951  0.395   -0.169  1.00 14.10 ? 132 ILE A HD11 1 
ATOM   812  H  HD12 . ILE A 1 52 ? -1.086  -0.936  -0.214  1.00 14.10 ? 132 ILE A HD12 1 
ATOM   813  H  HD13 . ILE A 1 52 ? -0.553  0.330   0.584   1.00 14.10 ? 132 ILE A HD13 1 
ATOM   814  N  N    . PRO A 1 53 ? 0.943   -1.867  -4.138  1.00 6.83  ? 133 PRO A N    1 
ATOM   815  C  CA   . PRO A 1 53 ? 0.058   -2.703  -4.953  1.00 6.95  ? 133 PRO A CA   1 
ATOM   816  C  C    . PRO A 1 53 ? -1.189  -3.042  -4.119  1.00 6.84  ? 133 PRO A C    1 
ATOM   817  O  O    . PRO A 1 53 ? -1.087  -3.670  -3.065  1.00 7.55  ? 133 PRO A O    1 
ATOM   818  C  CB   . PRO A 1 53 ? 0.904   -3.941  -5.240  1.00 7.75  ? 133 PRO A CB   1 
ATOM   819  C  CG   . PRO A 1 53 ? 1.859   -4.050  -4.084  1.00 7.90  ? 133 PRO A CG   1 
ATOM   820  C  CD   . PRO A 1 53 ? 2.123   -2.631  -3.648  1.00 7.41  ? 133 PRO A CD   1 
ATOM   821  H  HA   . PRO A 1 53 ? -0.191  -2.260  -5.779  1.00 8.33  ? 133 PRO A HA   1 
ATOM   822  H  HB2  . PRO A 1 53 ? 0.332   -4.723  -5.288  1.00 9.30  ? 133 PRO A HB2  1 
ATOM   823  H  HB3  . PRO A 1 53 ? 1.388   -3.818  -6.073  1.00 9.30  ? 133 PRO A HB3  1 
ATOM   824  H  HG2  . PRO A 1 53 ? 1.446   -4.557  -3.367  1.00 9.48  ? 133 PRO A HG2  1 
ATOM   825  H  HG3  . PRO A 1 53 ? 2.680   -4.477  -4.376  1.00 9.48  ? 133 PRO A HG3  1 
ATOM   826  H  HD2  . PRO A 1 53 ? 2.177   -2.581  -2.681  1.00 8.89  ? 133 PRO A HD2  1 
ATOM   827  H  HD3  . PRO A 1 53 ? 2.934   -2.299  -4.063  1.00 8.89  ? 133 PRO A HD3  1 
ATOM   828  N  N    . SER A 1 54 ? -2.368  -2.649  -4.593  1.00 7.25  ? 134 SER A N    1 
ATOM   829  C  CA   . SER A 1 54 ? -3.563  -2.767  -3.772  1.00 8.08  ? 134 SER A CA   1 
ATOM   830  C  C    . SER A 1 54 ? -3.965  -4.200  -3.482  1.00 8.29  ? 134 SER A C    1 
ATOM   831  O  O    . SER A 1 54 ? -4.669  -4.454  -2.506  1.00 10.00 ? 134 SER A O    1 
ATOM   832  C  CB   . SER A 1 54 ? -4.725  -1.967  -4.371  1.00 9.42  ? 134 SER A CB   1 
ATOM   833  O  OG   . SER A 1 54 ? -5.116  -2.523  -5.597  1.00 10.62 ? 134 SER A OG   1 
ATOM   834  H  H    . SER A 1 54 ? -2.500  -2.315  -5.374  1.00 8.70  ? 134 SER A H    1 
ATOM   835  H  HA   . SER A 1 54 ? -3.365  -2.362  -2.914  1.00 9.70  ? 134 SER A HA   1 
ATOM   836  H  HB2  . SER A 1 54 ? -5.476  -1.990  -3.758  1.00 11.30 ? 134 SER A HB2  1 
ATOM   837  H  HB3  . SER A 1 54 ? -4.439  -1.052  -4.516  1.00 11.30 ? 134 SER A HB3  1 
ATOM   838  H  HG   . SER A 1 54 ? -5.365  -3.318  -5.486  1.00 12.75 ? 134 SER A HG   1 
ATOM   839  N  N    . ASN A 1 55 ? -3.518  -5.139  -4.310  1.00 7.92  ? 135 ASN A N    1 
ATOM   840  C  CA   . ASN A 1 55 ? -3.809  -6.550  -4.053  1.00 8.99  ? 135 ASN A CA   1 
ATOM   841  C  C    . ASN A 1 55 ? -3.043  -7.149  -2.868  1.00 8.59  ? 135 ASN A C    1 
ATOM   842  O  O    . ASN A 1 55 ? -3.352  -8.254  -2.431  1.00 10.70 ? 135 ASN A O    1 
ATOM   843  C  CB   . ASN A 1 55 ? -3.622  -7.401  -5.322  1.00 8.94  ? 135 ASN A CB   1 
ATOM   844  C  CG   . ASN A 1 55 ? -2.212  -7.366  -5.871  1.00 8.85  ? 135 ASN A CG   1 
ATOM   845  O  OD1  . ASN A 1 55 ? -1.496  -6.378  -5.729  1.00 8.56  ? 135 ASN A OD1  1 
ATOM   846  N  ND2  . ASN A 1 55 ? -1.822  -8.444  -6.550  1.00 9.48  ? 135 ASN A ND2  1 
ATOM   847  H  H    . ASN A 1 55 ? -3.051  -4.991  -5.017  1.00 9.50  ? 135 ASN A H    1 
ATOM   848  H  HA   . ASN A 1 55 ? -4.750  -6.609  -3.823  1.00 10.79 ? 135 ASN A HA   1 
ATOM   849  H  HB2  . ASN A 1 55 ? -3.838  -8.324  -5.115  1.00 10.72 ? 135 ASN A HB2  1 
ATOM   850  H  HB3  . ASN A 1 55 ? -4.218  -7.071  -6.012  1.00 10.72 ? 135 ASN A HB3  1 
ATOM   851  H  HD21 . ASN A 1 55 ? -2.361  -9.105  -6.654  1.00 11.38 ? 135 ASN A HD21 1 
ATOM   852  H  HD22 . ASN A 1 55 ? -1.030  -8.478  -6.885  1.00 11.38 ? 135 ASN A HD22 1 
ATOM   853  N  N    . TYR A 1 56 ? -2.082  -6.406  -2.321  1.00 8.08  ? 136 TYR A N    1 
ATOM   854  C  CA   . TYR A 1 56 ? -1.292  -6.860  -1.178  1.00 8.06  ? 136 TYR A CA   1 
ATOM   855  C  C    . TYR A 1 56 ? -1.851  -6.412  0.169   1.00 8.58  ? 136 TYR A C    1 
ATOM   856  O  O    . TYR A 1 56 ? -1.238  -6.694  1.194   1.00 9.55  ? 136 TYR A O    1 
ATOM   857  C  CB   . TYR A 1 56 ? 0.177   -6.413  -1.292  1.00 8.71  ? 136 TYR A CB   1 
ATOM   858  C  CG   . TYR A 1 56 ? 1.070   -7.305  -2.140  1.00 8.94  ? 136 TYR A CG   1 
ATOM   859  C  CD1  . TYR A 1 56 ? 0.698   -7.743  -3.416  1.00 11.01 ? 136 TYR A CD1  1 
ATOM   860  C  CD2  . TYR A 1 56 ? 2.315   -7.690  -1.665  1.00 8.97  ? 136 TYR A CD2  1 
ATOM   861  C  CE1  . TYR A 1 56 ? 1.528   -8.564  -4.160  1.00 11.25 ? 136 TYR A CE1  1 
ATOM   862  C  CE2  . TYR A 1 56 ? 3.145   -8.497  -2.409  1.00 9.70  ? 136 TYR A CE2  1 
ATOM   863  C  CZ   . TYR A 1 56 ? 2.747   -8.933  -3.652  1.00 10.19 ? 136 TYR A CZ   1 
ATOM   864  O  OH   . TYR A 1 56 ? 3.604   -9.746  -4.354  1.00 11.47 ? 136 TYR A OH   1 
ATOM   865  H  H    . TYR A 1 56 ? -1.865  -5.622  -2.599  1.00 9.70  ? 136 TYR A H    1 
ATOM   866  H  HA   . TYR A 1 56 ? -1.294  -7.829  -1.178  1.00 9.67  ? 136 TYR A HA   1 
ATOM   867  H  HB2  . TYR A 1 56 ? 0.198   -5.525  -1.684  1.00 10.46 ? 136 TYR A HB2  1 
ATOM   868  H  HB3  . TYR A 1 56 ? 0.558   -6.382  -0.401  1.00 10.46 ? 136 TYR A HB3  1 
ATOM   869  H  HD1  . TYR A 1 56 ? -0.133  -7.502  -3.758  1.00 13.21 ? 136 TYR A HD1  1 
ATOM   870  H  HD2  . TYR A 1 56 ? 2.589   -7.409  -0.822  1.00 10.76 ? 136 TYR A HD2  1 
ATOM   871  H  HE1  . TYR A 1 56 ? 1.263   -8.855  -5.002  1.00 13.50 ? 136 TYR A HE1  1 
ATOM   872  H  HE2  . TYR A 1 56 ? 3.971   -8.756  -2.068  1.00 11.64 ? 136 TYR A HE2  1 
ATOM   873  H  HH   . TYR A 1 56 ? 3.263   -9.954  -5.093  1.00 13.76 ? 136 TYR A HH   1 
ATOM   874  N  N    . VAL A 1 57 ? -2.971  -5.693  0.162   1.00 8.41  ? 137 VAL A N    1 
ATOM   875  C  CA   . VAL A 1 57 ? -3.527  -5.137  1.394   1.00 8.02  ? 137 VAL A CA   1 
ATOM   876  C  C    . VAL A 1 57 ? -5.008  -5.454  1.511   1.00 7.97  ? 137 VAL A C    1 
ATOM   877  O  O    . VAL A 1 57 ? -5.673  -5.736  0.507   1.00 9.57  ? 137 VAL A O    1 
ATOM   878  C  CB   . VAL A 1 57 ? -3.283  -3.605  1.486   1.00 8.82  ? 137 VAL A CB   1 
ATOM   879  C  CG1  . VAL A 1 57 ? -1.785  -3.291  1.507   1.00 10.03 ? 137 VAL A CG1  1 
ATOM   880  C  CG2  . VAL A 1 57 ? -3.945  -2.850  0.354   1.00 8.96  ? 137 VAL A CG2  1 
ATOM   881  H  H    . VAL A 1 57 ? -3.428  -5.512  -0.543  1.00 10.09 ? 137 VAL A H    1 
ATOM   882  H  HA   . VAL A 1 57 ? -3.079  -5.551  2.149   1.00 9.62  ? 137 VAL A HA   1 
ATOM   883  H  HB   . VAL A 1 57 ? -3.662  -3.281  2.318   1.00 10.58 ? 137 VAL A HB   1 
ATOM   884  H  HG11 . VAL A 1 57 ? -1.665  -2.330  1.564   1.00 12.04 ? 137 VAL A HG11 1 
ATOM   885  H  HG12 . VAL A 1 57 ? -1.383  -3.722  2.276   1.00 12.04 ? 137 VAL A HG12 1 
ATOM   886  H  HG13 . VAL A 1 57 ? -1.382  -3.627  0.690   1.00 12.04 ? 137 VAL A HG13 1 
ATOM   887  H  HG21 . VAL A 1 57 ? -4.404  -3.483  -0.221  1.00 10.75 ? 137 VAL A HG21 1 
ATOM   888  H  HG22 . VAL A 1 57 ? -4.582  -2.219  0.725   1.00 10.75 ? 137 VAL A HG22 1 
ATOM   889  H  HG23 . VAL A 1 57 ? -3.265  -2.377  -0.150  1.00 10.75 ? 137 VAL A HG23 1 
ATOM   890  N  N    . ALA A 1 58 ? -5.521  -5.376  2.735   1.00 7.65  ? 138 ALA A N    1 
ATOM   891  C  CA   . ALA A 1 58 ? -6.944  -5.583  2.975   1.00 8.13  ? 138 ALA A CA   1 
ATOM   892  C  C    . ALA A 1 58 ? -7.408  -4.598  4.036   1.00 7.94  ? 138 ALA A C    1 
ATOM   893  O  O    . ALA A 1 58 ? -6.626  -4.185  4.889   1.00 7.58  ? 138 ALA A O    1 
ATOM   894  C  CB   . ALA A 1 58 ? -7.219  -7.004  3.435   1.00 10.45 ? 138 ALA A CB   1 
ATOM   895  H  H    . ALA A 1 58 ? -5.065  -5.206  3.443   1.00 9.18  ? 138 ALA A H    1 
ATOM   896  H  HA   . ALA A 1 58 ? -7.442  -5.418  2.158   1.00 9.76  ? 138 ALA A HA   1 
ATOM   897  H  HB1  . ALA A 1 58 ? -6.923  -7.622  2.748   1.00 12.54 ? 138 ALA A HB1  1 
ATOM   898  H  HB2  . ALA A 1 58 ? -6.733  -7.169  4.259   1.00 12.54 ? 138 ALA A HB2  1 
ATOM   899  H  HB3  . ALA A 1 58 ? -8.172  -7.108  3.587   1.00 12.54 ? 138 ALA A HB3  1 
ATOM   900  N  N    . PRO A 1 59 ? -8.700  -4.242  4.030   1.00 8.21  ? 139 PRO A N    1 
ATOM   901  C  CA   . PRO A 1 59 ? -9.198  -3.312  5.038   1.00 9.24  ? 139 PRO A CA   1 
ATOM   902  C  C    . PRO A 1 59 ? -8.998  -3.839  6.441   1.00 9.18  ? 139 PRO A C    1 
ATOM   903  O  O    . PRO A 1 59 ? -9.158  -5.045  6.701   1.00 10.54 ? 139 PRO A O    1 
ATOM   904  C  CB   . PRO A 1 59 ? -10.691 -3.217  4.726   1.00 12.33 ? 139 PRO A CB   1 
ATOM   905  C  CG   . PRO A 1 59 ? -10.817 -3.635  3.352   1.00 13.13 ? 139 PRO A CG   1 
ATOM   906  C  CD   . PRO A 1 59 ? -9.720  -4.554  3.017   1.00 10.00 ? 139 PRO A CD   1 
ATOM   907  H  HA   . PRO A 1 59 ? -8.783  -2.441  4.945   1.00 11.09 ? 139 PRO A HA   1 
ATOM   908  H  HB2  . PRO A 1 59 ? -11.187 -3.810  5.312   1.00 14.80 ? 139 PRO A HB2  1 
ATOM   909  H  HB3  . PRO A 1 59 ? -10.990 -2.300  4.834   1.00 14.80 ? 139 PRO A HB3  1 
ATOM   910  H  HG2  . PRO A 1 59 ? -11.669 -4.084  3.237   1.00 15.76 ? 139 PRO A HG2  1 
ATOM   911  H  HG3  . PRO A 1 59 ? -10.777 -2.853  2.781   1.00 15.76 ? 139 PRO A HG3  1 
ATOM   912  H  HD2  . PRO A 1 59 ? -10.011 -5.476  3.103   1.00 11.99 ? 139 PRO A HD2  1 
ATOM   913  H  HD3  . PRO A 1 59 ? -9.382  -4.369  2.128   1.00 11.99 ? 139 PRO A HD3  1 
ATOM   914  N  N    . SER A 1 60 ? -8.721  -2.920  7.354   1.00 9.93  ? 140 SER A N    1 
ATOM   915  C  CA   . SER A 1 60 ? -8.378  -3.255  8.720   1.00 12.49 ? 140 SER A CA   1 
ATOM   916  C  C    . SER A 1 60 ? -9.010  -2.275  9.681   1.00 17.00 ? 140 SER A C    1 
ATOM   917  O  O    . SER A 1 60 ? -9.301  -1.129  9.336   1.00 17.13 ? 140 SER A O    1 
ATOM   918  C  CB   . SER A 1 60 ? -6.859  -3.165  8.865   1.00 16.50 ? 140 SER A CB   1 
ATOM   919  O  OG   . SER A 1 60 ? -6.461  -3.379  10.199  1.00 19.03 ? 140 SER A OG   1 
ATOM   920  H  H    . SER A 1 60 ? -8.726  -2.075  7.199   1.00 11.92 ? 140 SER A H    1 
ATOM   921  H  HA   . SER A 1 60 ? -8.671  -4.154  8.934   1.00 14.99 ? 140 SER A HA   1 
ATOM   922  H  HB2  . SER A 1 60 ? -6.448  -3.839  8.301   1.00 19.80 ? 140 SER A HB2  1 
ATOM   923  H  HB3  . SER A 1 60 ? -6.567  -2.282  8.588   1.00 19.80 ? 140 SER A HB3  1 
ATOM   924  H  HG   . SER A 1 60 ? -6.705  -4.142  10.453  1.00 22.83 ? 140 SER A HG   1 
ATOM   925  N  N    . ASP A 1 61 ? -9.196  -2.736  10.906  1.00 22.25 ? 141 ASP A N    1 
ATOM   926  C  CA   . ASP A 1 61 ? -9.484  -1.836  12.010  1.00 30.18 ? 141 ASP A CA   1 
ATOM   927  C  C    . ASP A 1 61 ? -8.185  -1.131  12.395  1.00 34.47 ? 141 ASP A C    1 
ATOM   928  O  O    . ASP A 1 61 ? -7.092  -1.572  12.027  1.00 33.97 ? 141 ASP A O    1 
ATOM   929  C  CB   . ASP A 1 61 ? -10.052 -2.611  13.198  1.00 34.68 ? 141 ASP A CB   1 
ATOM   930  C  CG   . ASP A 1 61 ? -11.289 -3.404  12.833  1.00 40.11 ? 141 ASP A CG   1 
ATOM   931  O  OD1  . ASP A 1 61 ? -12.337 -2.781  12.568  1.00 42.04 ? 141 ASP A OD1  1 
ATOM   932  O  OD2  . ASP A 1 61 ? -11.214 -4.651  12.807  1.00 42.96 ? 141 ASP A OD2  1 
ATOM   933  O  OXT  . ASP A 1 61 ? -8.185  -0.102  13.072  1.00 38.46 ? 141 ASP A OXT  1 
ATOM   934  H  H    . ASP A 1 61 ? -9.160  -3.566  11.126  1.00 26.70 ? 141 ASP A H    1 
ATOM   935  H  HA   . ASP A 1 61 ? -10.130 -1.170  11.731  1.00 36.22 ? 141 ASP A HA   1 
ATOM   936  H  HB2  . ASP A 1 61 ? -9.381  -3.232  13.521  1.00 41.62 ? 141 ASP A HB2  1 
ATOM   937  H  HB3  . ASP A 1 61 ? -10.291 -1.985  13.899  1.00 41.62 ? 141 ASP A HB3  1 
ATOM   938  N  N    . ARG B 2 5  ? 0.415   0.510   -18.939 1.00 34.72 ? 5   ARG B N    1 
ATOM   939  C  CA   . ARG B 2 5  ? -0.078  0.073   -17.641 1.00 32.92 ? 5   ARG B CA   1 
ATOM   940  C  C    . ARG B 2 5  ? 1.065   -0.427  -16.763 1.00 27.80 ? 5   ARG B C    1 
ATOM   941  O  O    . ARG B 2 5  ? 2.168   -0.699  -17.248 1.00 29.05 ? 5   ARG B O    1 
ATOM   942  C  CB   . ARG B 2 5  ? -1.116  -1.040  -17.807 1.00 35.65 ? 5   ARG B CB   1 
ATOM   943  H  HA   . ARG B 2 5  ? -0.503  0.821   -17.191 1.00 39.51 ? 5   ARG B HA   1 
ATOM   944  N  N    . ARG B 2 6  ? 0.801   -0.537  -15.466 1.00 21.03 ? 6   ARG B N    1 
ATOM   945  C  CA   . ARG B 2 6  ? 1.714   -1.179  -14.550 1.00 15.03 ? 6   ARG B CA   1 
ATOM   946  C  C    . ARG B 2 6  ? 0.955   -2.333  -13.918 1.00 12.23 ? 6   ARG B C    1 
ATOM   947  O  O    . ARG B 2 6  ? 0.159   -2.121  -12.991 1.00 12.47 ? 6   ARG B O    1 
ATOM   948  C  CB   . ARG B 2 6  ? 2.178   -0.212  -13.467 1.00 13.14 ? 6   ARG B CB   1 
ATOM   949  C  CG   . ARG B 2 6  ? 3.268   -0.827  -12.647 1.00 12.51 ? 6   ARG B CG   1 
ATOM   950  C  CD   . ARG B 2 6  ? 3.755   0.053   -11.537 1.00 13.40 ? 6   ARG B CD   1 
ATOM   951  N  NE   . ARG B 2 6  ? 4.821   -0.620  -10.807 1.00 14.62 ? 6   ARG B NE   1 
ATOM   952  C  CZ   . ARG B 2 6  ? 5.312   -0.212  -9.643  1.00 15.75 ? 6   ARG B CZ   1 
ATOM   953  N  NH1  . ARG B 2 6  ? 4.878   0.907   -9.106  1.00 16.58 ? 6   ARG B NH1  1 
ATOM   954  N  NH2  . ARG B 2 6  ? 6.248   -0.919  -9.014  1.00 16.53 ? 6   ARG B NH2  1 
ATOM   955  H  H    . ARG B 2 6  ? 0.084   -0.239  -15.093 1.00 25.24 ? 6   ARG B H    1 
ATOM   956  H  HA   . ARG B 2 6  ? 2.484   -1.523  -15.027 1.00 18.04 ? 6   ARG B HA   1 
ATOM   957  H  HB2  . ARG B 2 6  ? 2.523   0.595   -13.880 1.00 15.77 ? 6   ARG B HB2  1 
ATOM   958  H  HB3  . ARG B 2 6  ? 1.435   -0.001  -12.880 1.00 15.77 ? 6   ARG B HB3  1 
ATOM   959  H  HG2  . ARG B 2 6  ? 2.937   -1.648  -12.253 1.00 15.02 ? 6   ARG B HG2  1 
ATOM   960  H  HG3  . ARG B 2 6  ? 4.022   -1.021  -13.225 1.00 15.02 ? 6   ARG B HG3  1 
ATOM   961  H  HD2  . ARG B 2 6  ? 4.107   0.878   -11.906 1.00 16.08 ? 6   ARG B HD2  1 
ATOM   962  H  HD3  . ARG B 2 6  ? 3.026   0.236   -10.924 1.00 16.08 ? 6   ARG B HD3  1 
ATOM   963  H  HE   . ARG B 2 6  ? 5.155   -1.333  -11.154 1.00 17.54 ? 6   ARG B HE   1 
ATOM   964  H  HH11 . ARG B 2 6  ? 4.263   1.362   -9.498  1.00 19.90 ? 6   ARG B HH11 1 
ATOM   965  H  HH12 . ARG B 2 6  ? 5.202   1.178   -8.356  1.00 19.90 ? 6   ARG B HH12 1 
ATOM   966  H  HH21 . ARG B 2 6  ? 6.548   -1.644  -9.366  1.00 19.84 ? 6   ARG B HH21 1 
ATOM   967  H  HH22 . ARG B 2 6  ? 6.578   -0.631  -8.275  1.00 19.84 ? 6   ARG B HH22 1 
ATOM   968  N  N    . PRO B 2 7  ? 1.173   -3.562  -14.409 1.00 12.43 ? 7   PRO B N    1 
ATOM   969  C  CA   . PRO B 2 7  ? 0.482   -4.686  -13.797 1.00 12.20 ? 7   PRO B CA   1 
ATOM   970  C  C    . PRO B 2 7  ? 0.806   -4.785  -12.317 1.00 11.26 ? 7   PRO B C    1 
ATOM   971  O  O    . PRO B 2 7  ? 1.910   -4.471  -11.883 1.00 12.85 ? 7   PRO B O    1 
ATOM   972  C  CB   . PRO B 2 7  ? 1.032   -5.893  -14.570 1.00 13.94 ? 7   PRO B CB   1 
ATOM   973  C  CG   . PRO B 2 7  ? 1.433   -5.326  -15.886 1.00 14.50 ? 7   PRO B CG   1 
ATOM   974  C  CD   . PRO B 2 7  ? 2.004   -3.989  -15.552 1.00 13.18 ? 7   PRO B CD   1 
ATOM   975  H  HA   . PRO B 2 7  ? -0.477  -4.617  -13.926 1.00 14.64 ? 7   PRO B HA   1 
ATOM   976  H  HB2  . PRO B 2 7  ? 1.798   -6.261  -14.104 1.00 16.73 ? 7   PRO B HB2  1 
ATOM   977  H  HB3  . PRO B 2 7  ? 0.336   -6.560  -14.678 1.00 16.73 ? 7   PRO B HB3  1 
ATOM   978  H  HG2  . PRO B 2 7  ? 2.102   -5.894  -16.299 1.00 17.40 ? 7   PRO B HG2  1 
ATOM   979  H  HG3  . PRO B 2 7  ? 0.655   -5.237  -16.457 1.00 17.40 ? 7   PRO B HG3  1 
ATOM   980  H  HD2  . PRO B 2 7  ? 2.933   -4.072  -15.286 1.00 15.81 ? 7   PRO B HD2  1 
ATOM   981  H  HD3  . PRO B 2 7  ? 1.896   -3.377  -16.298 1.00 15.81 ? 7   PRO B HD3  1 
ATOM   982  N  N    . LEU B 2 8  ? -0.150  -5.259  -11.552 1.00 10.20 ? 8   LEU B N    1 
ATOM   983  C  CA   . LEU B 2 8  ? 0.101   -5.578  -10.153 1.00 9.45  ? 8   LEU B CA   1 
ATOM   984  C  C    . LEU B 2 8  ? 0.992   -6.823  -10.061 1.00 9.88  ? 8   LEU B C    1 
ATOM   985  O  O    . LEU B 2 8  ? 0.933   -7.700  -10.926 1.00 11.19 ? 8   LEU B O    1 
ATOM   986  C  CB   . LEU B 2 8  ? -1.224  -5.807  -9.436  1.00 10.16 ? 8   LEU B CB   1 
ATOM   987  C  CG   . LEU B 2 8  ? -2.012  -4.520  -9.201  1.00 10.44 ? 8   LEU B CG   1 
ATOM   988  C  CD1  . LEU B 2 8  ? -3.411  -4.823  -8.731  1.00 12.97 ? 8   LEU B CD1  1 
ATOM   989  C  CD2  . LEU B 2 8  ? -1.332  -3.645  -8.174  1.00 9.89  ? 8   LEU B CD2  1 
ATOM   990  H  H    . LEU B 2 8  ? -0.956  -5.409  -11.811 1.00 12.23 ? 8   LEU B H    1 
ATOM   991  H  HA   . LEU B 2 8  ? 0.560   -4.837  -9.728  1.00 11.34 ? 8   LEU B HA   1 
ATOM   992  H  HB2  . LEU B 2 8  ? -1.773  -6.399  -9.973  1.00 12.19 ? 8   LEU B HB2  1 
ATOM   993  H  HB3  . LEU B 2 8  ? -1.047  -6.211  -8.572  1.00 12.19 ? 8   LEU B HB3  1 
ATOM   994  H  HG   . LEU B 2 8  ? -2.071  -4.025  -10.033 1.00 12.53 ? 8   LEU B HG   1 
ATOM   995  H  HD11 . LEU B 2 8  ? -3.884  -3.987  -8.592  1.00 15.56 ? 8   LEU B HD11 1 
ATOM   996  H  HD12 . LEU B 2 8  ? -3.864  -5.351  -9.407  1.00 15.56 ? 8   LEU B HD12 1 
ATOM   997  H  HD13 . LEU B 2 8  ? -3.363  -5.320  -7.900  1.00 15.56 ? 8   LEU B HD13 1 
ATOM   998  H  HD21 . LEU B 2 8  ? -1.858  -2.839  -8.049  1.00 11.87 ? 8   LEU B HD21 1 
ATOM   999  H  HD22 . LEU B 2 8  ? -1.267  -4.131  -7.337  1.00 11.87 ? 8   LEU B HD22 1 
ATOM   1000 H  HD23 . LEU B 2 8  ? -0.446  -3.414  -8.492  1.00 11.87 ? 8   LEU B HD23 1 
ATOM   1001 N  N    . PRO B 2 9  ? 1.793   -6.925  -9.003  1.00 9.59  ? 9   PRO B N    1 
ATOM   1002 C  CA   . PRO B 2 9  ? 2.609   -8.119  -8.832  1.00 9.92  ? 9   PRO B CA   1 
ATOM   1003 C  C    . PRO B 2 9  ? 1.720   -9.311  -8.496  1.00 9.93  ? 9   PRO B C    1 
ATOM   1004 O  O    . PRO B 2 9  ? 0.643   -9.149  -7.918  1.00 10.66 ? 9   PRO B O    1 
ATOM   1005 C  CB   . PRO B 2 9  ? 3.527   -7.756  -7.660  1.00 11.60 ? 9   PRO B CB   1 
ATOM   1006 C  CG   . PRO B 2 9  ? 2.911   -6.598  -6.999  1.00 14.09 ? 9   PRO B CG   1 
ATOM   1007 C  CD   . PRO B 2 9  ? 1.917   -5.983  -7.875  1.00 10.54 ? 9   PRO B CD   1 
ATOM   1008 H  HA   . PRO B 2 9  ? 3.135   -8.303  -9.626  1.00 11.91 ? 9   PRO B HA   1 
ATOM   1009 H  HB2  . PRO B 2 9  ? 3.582   -8.507  -7.047  1.00 13.92 ? 9   PRO B HB2  1 
ATOM   1010 H  HB3  . PRO B 2 9  ? 4.407   -7.527  -7.996  1.00 13.92 ? 9   PRO B HB3  1 
ATOM   1011 H  HG2  . PRO B 2 9  ? 2.484   -6.897  -6.181  1.00 16.90 ? 9   PRO B HG2  1 
ATOM   1012 H  HG3  . PRO B 2 9  ? 3.605   -5.953  -6.789  1.00 16.90 ? 9   PRO B HG3  1 
ATOM   1013 H  HD2  . PRO B 2 9  ? 1.068   -5.899  -7.414  1.00 12.65 ? 9   PRO B HD2  1 
ATOM   1014 H  HD3  . PRO B 2 9  ? 2.234   -5.123  -8.191  1.00 12.65 ? 9   PRO B HD3  1 
ATOM   1015 N  N    . PRO B 2 10 ? 2.175   -10.514 -8.824  1.00 10.92 ? 10  PRO B N    1 
ATOM   1016 C  CA   . PRO B 2 10 ? 1.469   -11.709 -8.367  1.00 11.32 ? 10  PRO B CA   1 
ATOM   1017 C  C    . PRO B 2 10 ? 1.570   -11.837 -6.854  1.00 11.36 ? 10  PRO B C    1 
ATOM   1018 O  O    . PRO B 2 10 ? 2.503   -11.339 -6.227  1.00 11.71 ? 10  PRO B O    1 
ATOM   1019 C  CB   . PRO B 2 10 ? 2.248   -12.832 -9.052  1.00 12.84 ? 10  PRO B CB   1 
ATOM   1020 C  CG   . PRO B 2 10 ? 3.635   -12.309 -9.135  1.00 12.75 ? 10  PRO B CG   1 
ATOM   1021 C  CD   . PRO B 2 10 ? 3.481   -10.838 -9.419  1.00 12.40 ? 10  PRO B CD   1 
ATOM   1022 H  HA   . PRO B 2 10 ? 0.543   -11.710 -8.653  1.00 13.59 ? 10  PRO B HA   1 
ATOM   1023 H  HB2  . PRO B 2 10 ? 2.213   -13.635 -8.509  1.00 15.40 ? 10  PRO B HB2  1 
ATOM   1024 H  HB3  . PRO B 2 10 ? 1.885   -12.994 -9.936  1.00 15.40 ? 10  PRO B HB3  1 
ATOM   1025 H  HG2  . PRO B 2 10 ? 4.089   -12.449 -8.289  1.00 15.30 ? 10  PRO B HG2  1 
ATOM   1026 H  HG3  . PRO B 2 10 ? 4.108   -12.750 -9.857  1.00 15.30 ? 10  PRO B HG3  1 
ATOM   1027 H  HD2  . PRO B 2 10 ? 4.186   -10.333 -8.983  1.00 14.88 ? 10  PRO B HD2  1 
ATOM   1028 H  HD3  . PRO B 2 10 ? 3.467   -10.677 -10.376 1.00 14.88 ? 10  PRO B HD3  1 
ATOM   1029 N  N    . LEU B 2 11 ? 0.611   -12.526 -6.267  1.00 13.13 ? 11  LEU B N    1 
ATOM   1030 C  CA   . LEU B 2 11 ? 0.603   -12.701 -4.828  1.00 14.77 ? 11  LEU B CA   1 
ATOM   1031 C  C    . LEU B 2 11 ? 1.571   -13.800 -4.421  1.00 14.49 ? 11  LEU B C    1 
ATOM   1032 O  O    . LEU B 2 11 ? 1.701   -14.795 -5.127  1.00 16.51 ? 11  LEU B O    1 
ATOM   1033 C  CB   . LEU B 2 11 ? -0.793  -13.089 -4.345  1.00 18.15 ? 11  LEU B CB   1 
ATOM   1034 C  CG   . LEU B 2 11 ? -1.848  -11.987 -4.490  1.00 21.78 ? 11  LEU B CG   1 
ATOM   1035 C  CD1  . LEU B 2 11 ? -3.227  -12.502 -4.118  1.00 24.48 ? 11  LEU B CD1  1 
ATOM   1036 C  CD2  . LEU B 2 11 ? -1.510  -10.776 -3.643  1.00 22.20 ? 11  LEU B CD2  1 
ATOM   1037 H  H    . LEU B 2 11 ? -0.044  -12.902 -6.677  1.00 15.75 ? 11  LEU B H    1 
ATOM   1038 H  HA   . LEU B 2 11 ? 0.867   -11.875 -4.394  1.00 17.73 ? 11  LEU B HA   1 
ATOM   1039 H  HB2  . LEU B 2 11 ? -1.097  -13.855 -4.856  1.00 21.78 ? 11  LEU B HB2  1 
ATOM   1040 H  HB3  . LEU B 2 11 ? -0.741  -13.324 -3.405  1.00 21.78 ? 11  LEU B HB3  1 
ATOM   1041 H  HG   . LEU B 2 11 ? -1.876  -11.701 -5.416  1.00 26.13 ? 11  LEU B HG   1 
ATOM   1042 H  HD11 . LEU B 2 11 ? -3.212  -12.805 -3.196  1.00 29.38 ? 11  LEU B HD11 1 
ATOM   1043 H  HD12 . LEU B 2 11 ? -3.870  -11.783 -4.219  1.00 29.38 ? 11  LEU B HD12 1 
ATOM   1044 H  HD13 . LEU B 2 11 ? -3.457  -13.239 -4.705  1.00 29.38 ? 11  LEU B HD13 1 
ATOM   1045 H  HD21 . LEU B 2 11 ? -0.651  -10.424 -3.925  1.00 26.64 ? 11  LEU B HD21 1 
ATOM   1046 H  HD22 . LEU B 2 11 ? -2.199  -10.105 -3.763  1.00 26.64 ? 11  LEU B HD22 1 
ATOM   1047 H  HD23 . LEU B 2 11 ? -1.468  -11.045 -2.712  1.00 26.64 ? 11  LEU B HD23 1 
ATOM   1048 N  N    . PRO B 2 12 ? 2.238   -13.649 -3.266  1.00 13.58 ? 12  PRO B N    1 
ATOM   1049 C  CA   . PRO B 2 12 ? 2.997   -14.763 -2.697  1.00 13.60 ? 12  PRO B CA   1 
ATOM   1050 C  C    . PRO B 2 12 ? 2.060   -15.860 -2.231  1.00 13.97 ? 12  PRO B C    1 
ATOM   1051 O  O    . PRO B 2 12 ? 0.832   -15.650 -2.215  1.00 15.58 ? 12  PRO B O    1 
ATOM   1052 C  CB   . PRO B 2 12 ? 3.702   -14.153 -1.482  1.00 13.95 ? 12  PRO B CB   1 
ATOM   1053 C  CG   . PRO B 2 12 ? 3.597   -12.658 -1.683  1.00 12.66 ? 12  PRO B CG   1 
ATOM   1054 C  CD   . PRO B 2 12 ? 2.309   -12.464 -2.403  1.00 13.55 ? 12  PRO B CD   1 
ATOM   1055 O  OXT  . PRO B 2 12 ? 2.530   -16.967 -1.868  1.00 15.17 ? 12  PRO B OXT  1 
ATOM   1056 H  HA   . PRO B 2 12 ? 3.645   -15.113 -3.327  1.00 16.32 ? 12  PRO B HA   1 
ATOM   1057 H  HB2  . PRO B 2 12 ? 3.246   -14.423 -0.668  1.00 16.74 ? 12  PRO B HB2  1 
ATOM   1058 H  HB3  . PRO B 2 12 ? 4.630   -14.434 -1.466  1.00 16.74 ? 12  PRO B HB3  1 
ATOM   1059 H  HG2  . PRO B 2 12 ? 3.581   -12.211 -0.822  1.00 15.19 ? 12  PRO B HG2  1 
ATOM   1060 H  HG3  . PRO B 2 12 ? 4.341   -12.346 -2.220  1.00 15.19 ? 12  PRO B HG3  1 
ATOM   1061 H  HD2  . PRO B 2 12 ? 1.568   -12.456 -1.777  1.00 16.26 ? 12  PRO B HD2  1 
ATOM   1062 H  HD3  . PRO B 2 12 ? 2.337   -11.656 -2.937  1.00 16.26 ? 12  PRO B HD3  1 
HETATM 1063 NI NI   . NI  C 3 .  ? -12.129 8.755   7.548   1.00 9.84  ? 201 NI  A NI   1 
HETATM 1064 C  C1   . GOL D 4 .  ? 5.264   9.295   -3.864  1.00 30.41 ? 202 GOL A C1   1 
HETATM 1065 O  O1   . GOL D 4 .  ? 5.689   9.875   -5.085  1.00 31.01 ? 202 GOL A O1   1 
HETATM 1066 C  C2   . GOL D 4 .  ? 4.631   10.345  -2.950  1.00 30.65 ? 202 GOL A C2   1 
HETATM 1067 O  O2   . GOL D 4 .  ? 5.590   11.304  -2.590  1.00 30.29 ? 202 GOL A O2   1 
HETATM 1068 C  C3   . GOL D 4 .  ? 3.488   11.050  -3.666  1.00 30.84 ? 202 GOL A C3   1 
HETATM 1069 O  O3   . GOL D 4 .  ? 2.840   11.948  -2.785  1.00 30.74 ? 202 GOL A O3   1 
HETATM 1070 H  H11  . GOL D 4 .  ? 4.539   8.507   -4.068  1.00 36.50 ? 202 GOL A H11  1 
HETATM 1071 H  H12  . GOL D 4 .  ? 6.118   8.843   -3.360  1.00 36.50 ? 202 GOL A H12  1 
HETATM 1072 H  HO1  . GOL D 4 .  ? 6.149   9.199   -5.625  1.00 37.22 ? 202 GOL A HO1  1 
HETATM 1073 H  H2   . GOL D 4 .  ? 4.242   9.851   -2.060  1.00 36.78 ? 202 GOL A H2   1 
HETATM 1074 H  HO2  . GOL D 4 .  ? 5.916   11.759  -3.395  1.00 36.35 ? 202 GOL A HO2  1 
HETATM 1075 H  H31  . GOL D 4 .  ? 3.876   11.597  -4.526  1.00 37.01 ? 202 GOL A H31  1 
HETATM 1076 H  H32  . GOL D 4 .  ? 2.773   10.312  -4.029  1.00 37.01 ? 202 GOL A H32  1 
HETATM 1077 H  HO3  . GOL D 4 .  ? 2.743   11.528  -1.905  1.00 36.89 ? 202 GOL A HO3  1 
HETATM 1078 O  O    . HOH E 5 .  ? -3.754  5.870   -6.845  1.00 13.12 ? 301 HOH A O    1 
HETATM 1079 O  O    . HOH E 5 .  ? 6.658   1.025   5.503   1.00 14.15 ? 302 HOH A O    1 
HETATM 1080 O  O    . HOH E 5 .  ? -11.641 12.644  8.503   1.00 13.58 ? 303 HOH A O    1 
HETATM 1081 O  O    . HOH E 5 .  ? -5.791  5.007   8.680   1.00 13.75 ? 304 HOH A O    1 
HETATM 1082 O  O    . HOH E 5 .  ? 6.529   10.759  3.390   1.00 16.95 ? 305 HOH A O    1 
HETATM 1083 O  O    . HOH E 5 .  ? 6.880   -10.381 -1.168  1.00 17.22 ? 306 HOH A O    1 
HETATM 1084 O  O    . HOH E 5 .  ? -10.681 2.566   7.616   1.00 20.46 ? 307 HOH A O    1 
HETATM 1085 O  O    . HOH E 5 .  ? -4.910  -10.381 -1.617  1.00 21.01 ? 308 HOH A O    1 
HETATM 1086 O  O    . HOH E 5 .  ? -3.627  -10.560 -7.392  1.00 21.22 ? 309 HOH A O    1 
HETATM 1087 O  O    . HOH E 5 .  ? -12.143 -1.277  0.717   1.00 17.64 ? 310 HOH A O    1 
HETATM 1088 O  O    . HOH E 5 .  ? -8.489  8.513   -3.765  1.00 22.93 ? 311 HOH A O    1 
HETATM 1089 O  O    . HOH E 5 .  ? 8.968   -1.498  6.351   1.00 23.70 ? 312 HOH A O    1 
HETATM 1090 O  O    . HOH E 5 .  ? 9.724   2.707   1.317   1.00 21.58 ? 313 HOH A O    1 
HETATM 1091 O  O    . HOH E 5 .  ? -2.523  12.684  -3.573  1.00 23.07 ? 314 HOH A O    1 
HETATM 1092 O  O    . HOH E 5 .  ? 8.314   8.603   2.751   1.00 26.35 ? 315 HOH A O    1 
HETATM 1093 O  O    . HOH E 5 .  ? -7.900  7.180   -0.529  1.00 32.80 ? 316 HOH A O    1 
HETATM 1094 O  O    . HOH E 5 .  ? 8.287   -7.784  -3.001  1.00 23.94 ? 317 HOH A O    1 
HETATM 1095 O  O    . HOH E 5 .  ? 9.605   -11.061 1.657   1.00 23.61 ? 318 HOH A O    1 
HETATM 1096 O  O    . HOH E 5 .  ? 5.563   3.703   -7.901  1.00 22.05 ? 319 HOH A O    1 
HETATM 1097 O  O    . HOH E 5 .  ? 9.846   -4.900  2.478   1.00 28.71 ? 320 HOH A O    1 
HETATM 1098 O  O    . HOH E 5 .  ? -12.212 0.260   3.289   1.00 39.57 ? 321 HOH A O    1 
HETATM 1099 O  O    . HOH E 5 .  ? 10.802  4.060   -3.111  1.00 32.09 ? 322 HOH A O    1 
HETATM 1100 O  O    . HOH E 5 .  ? 3.179   10.175  9.858   1.00 30.71 ? 323 HOH A O    1 
HETATM 1101 O  O    . HOH E 5 .  ? -9.008  -1.617  -7.590  1.00 35.51 ? 324 HOH A O    1 
HETATM 1102 O  O    . HOH E 5 .  ? -12.858 3.803   6.506   1.00 34.65 ? 325 HOH A O    1 
HETATM 1103 O  O    . HOH E 5 .  ? -7.281  11.185  -2.119  1.00 26.58 ? 326 HOH A O    1 
HETATM 1104 O  O    . HOH E 5 .  ? 6.131   -9.009  9.243   1.00 29.78 ? 327 HOH A O    1 
HETATM 1105 O  O    . HOH E 5 .  ? 7.312   -10.250 7.185   1.00 36.10 ? 328 HOH A O    1 
HETATM 1106 O  O    . HOH E 5 .  ? -12.978 11.484  2.549   1.00 34.17 ? 329 HOH A O    1 
HETATM 1107 O  O    . HOH E 5 .  ? 1.061   -3.071  12.673  1.00 37.82 ? 330 HOH A O    1 
HETATM 1108 O  O    . HOH E 5 .  ? -1.603  0.712   -14.075 1.00 38.32 ? 331 HOH A O    1 
HETATM 1109 O  O    . HOH E 5 .  ? -10.479 1.523   10.172  1.00 36.62 ? 332 HOH A O    1 
HETATM 1110 O  O    . HOH E 5 .  ? 9.184   5.279   0.606   1.00 35.98 ? 333 HOH A O    1 
HETATM 1111 O  O    . HOH E 5 .  ? 7.756   -2.693  9.622   1.00 33.27 ? 334 HOH A O    1 
HETATM 1112 O  O    . HOH E 5 .  ? -13.089 6.960   4.466   1.00 37.63 ? 335 HOH A O    1 
HETATM 1113 O  O    . HOH E 5 .  ? -10.635 -3.452  -0.327  1.00 23.46 ? 336 HOH A O    1 
HETATM 1114 O  O    . HOH E 5 .  ? 10.074  -2.821  4.465   1.00 30.55 ? 337 HOH A O    1 
HETATM 1115 O  O    . HOH E 5 .  ? 0.337   13.050  -4.235  1.00 40.74 ? 338 HOH A O    1 
HETATM 1116 O  O    . HOH E 5 .  ? -10.600 0.388   5.478   1.00 25.51 ? 339 HOH A O    1 
HETATM 1117 O  O    . HOH E 5 .  ? -14.335 3.312   10.880  1.00 39.07 ? 340 HOH A O    1 
HETATM 1118 O  O    . HOH E 5 .  ? -1.982  2.669   -12.470 1.00 32.93 ? 341 HOH A O    1 
HETATM 1119 O  O    . HOH E 5 .  ? 5.741   -14.503 8.662   1.00 34.48 ? 342 HOH A O    1 
HETATM 1120 O  O    . HOH E 5 .  ? -4.215  -12.667 -0.268  1.00 20.11 ? 343 HOH A O    1 
HETATM 1121 O  O    . HOH E 5 .  ? 16.260  -3.780  -2.339  1.00 42.51 ? 344 HOH A O    1 
HETATM 1122 O  O    . HOH E 5 .  ? -9.361  1.924   -6.223  1.00 31.51 ? 345 HOH A O    1 
HETATM 1123 O  O    . HOH E 5 .  ? 1.588   7.408   10.512  1.00 39.52 ? 346 HOH A O    1 
HETATM 1124 O  O    . HOH E 5 .  ? 10.526  -7.466  2.780   1.00 49.48 ? 347 HOH A O    1 
HETATM 1125 O  O    . HOH E 5 .  ? 4.611   -5.529  11.136  1.00 44.01 ? 348 HOH A O    1 
HETATM 1126 O  O    . HOH E 5 .  ? 10.042  0.784   4.429   1.00 39.69 ? 349 HOH A O    1 
HETATM 1127 O  O    . HOH E 5 .  ? -7.418  -4.473  -1.644  1.00 21.51 ? 350 HOH A O    1 
HETATM 1128 O  O    . HOH E 5 .  ? -6.428  -7.919  -0.797  1.00 37.16 ? 351 HOH A O    1 
HETATM 1129 O  O    . HOH E 5 .  ? 5.535   10.846  8.775   1.00 36.74 ? 352 HOH A O    1 
HETATM 1130 O  O    . HOH E 5 .  ? 1.586   -0.021  13.598  1.00 29.97 ? 353 HOH A O    1 
HETATM 1131 O  O    . HOH E 5 .  ? 7.816   10.423  5.777   1.00 29.97 ? 354 HOH A O    1 
HETATM 1132 O  O    . HOH E 5 .  ? -8.098  4.184   11.743  1.00 29.97 ? 355 HOH A O    1 
HETATM 1133 O  O    . HOH F 5 .  ? -1.166  -16.432 -0.584  1.00 15.08 ? 101 HOH B O    1 
HETATM 1134 O  O    . HOH F 5 .  ? -2.367  -2.813  -12.920 1.00 32.67 ? 102 HOH B O    1 
HETATM 1135 O  O    . HOH F 5 .  ? 6.127   -3.157  -10.772 1.00 30.91 ? 103 HOH B O    1 
HETATM 1136 O  O    . HOH F 5 .  ? -1.156  -8.859  -12.144 1.00 38.93 ? 104 HOH B O    1 
HETATM 1137 O  O    . HOH F 5 .  ? 4.500   -4.426  -12.627 1.00 18.34 ? 105 HOH B O    1 
HETATM 1138 O  O    . HOH F 5 .  ? -2.853  -5.741  -12.537 1.00 34.29 ? 106 HOH B O    1 
HETATM 1139 O  O    . HOH F 5 .  ? 3.077   3.439   -9.864  1.00 30.90 ? 107 HOH B O    1 
# 
loop_
_atom_site_anisotrop.id 
_atom_site_anisotrop.type_symbol 
_atom_site_anisotrop.pdbx_label_atom_id 
_atom_site_anisotrop.pdbx_label_alt_id 
_atom_site_anisotrop.pdbx_label_comp_id 
_atom_site_anisotrop.pdbx_label_asym_id 
_atom_site_anisotrop.pdbx_label_seq_id 
_atom_site_anisotrop.pdbx_PDB_ins_code 
_atom_site_anisotrop.U[1][1] 
_atom_site_anisotrop.U[2][2] 
_atom_site_anisotrop.U[3][3] 
_atom_site_anisotrop.U[1][2] 
_atom_site_anisotrop.U[1][3] 
_atom_site_anisotrop.U[2][3] 
_atom_site_anisotrop.pdbx_auth_seq_id 
_atom_site_anisotrop.pdbx_auth_comp_id 
_atom_site_anisotrop.pdbx_auth_asym_id 
_atom_site_anisotrop.pdbx_auth_atom_id 
1    N  N   . GLY A 1  ? 0.1263 0.1432 0.1737 -0.0022 0.0427  -0.0136 81  GLY A N   
2    C  CA  . GLY A 1  ? 0.1229 0.1545 0.1782 0.0218  0.0188  -0.0070 81  GLY A CA  
3    C  C   . GLY A 1  ? 0.1104 0.1541 0.1813 0.0085  0.0075  0.0052  81  GLY A C   
4    O  O   . GLY A 1  ? 0.1351 0.1823 0.1973 0.0272  0.0132  0.0135  81  GLY A O   
7    N  N   . SER A 2  ? 0.1041 0.1315 0.1694 -0.0087 0.0216  -0.0167 82  SER A N   
8    C  CA  . SER A 2  ? 0.1108 0.1114 0.1446 0.0049  0.0184  -0.0006 82  SER A CA  
9    C  C   . SER A 2  ? 0.1172 0.0980 0.1293 0.0000  0.0279  -0.0109 82  SER A C   
10   O  O   . SER A 2  ? 0.1250 0.1149 0.1364 0.0023  0.0305  -0.0079 82  SER A O   
11   C  CB  . SER A 2  ? 0.1243 0.1135 0.1554 0.0037  0.0120  0.0023  82  SER A CB  
12   O  OG  . SER A 2  ? 0.1201 0.0993 0.1614 -0.0055 0.0112  -0.0005 82  SER A OG  
17   N  N   . HIS A 3  ? 0.1288 0.0953 0.1341 0.0062  0.0217  -0.0167 83  HIS A N   
18   C  CA  . HIS A 3  ? 0.1420 0.0952 0.1295 0.0051  0.0295  -0.0144 83  HIS A CA  
19   C  C   . HIS A 3  ? 0.1266 0.0975 0.1393 -0.0080 0.0276  -0.0173 83  HIS A C   
20   O  O   . HIS A 3  ? 0.1097 0.1352 0.1748 -0.0177 0.0309  -0.0460 83  HIS A O   
21   C  CB  . HIS A 3  ? 0.1775 0.1236 0.1285 0.0115  0.0196  0.0023  83  HIS A CB  
22   C  CG  . HIS A 3  ? 0.2140 0.1148 0.1387 0.0101  0.0510  -0.0091 83  HIS A CG  
23   N  ND1 . HIS A 3  ? 0.1603 0.1357 0.1389 -0.0066 0.0519  -0.0255 83  HIS A ND1 
24   C  CD2 . HIS A 3  ? 0.2689 0.1347 0.1494 0.0046  0.0835  0.0042  83  HIS A CD2 
25   C  CE1 . HIS A 3  ? 0.2087 0.1384 0.1611 -0.0037 0.0832  0.0005  83  HIS A CE1 
26   N  NE2 . HIS A 3  ? 0.2542 0.1660 0.1733 -0.0004 0.0921  0.0059  83  HIS A NE2 
33   N  N   . MET A 4  ? 0.1165 0.0863 0.1414 0.0026  0.0208  -0.0127 84  MET A N   
34   C  CA  A MET A 4  ? 0.1245 0.1064 0.1414 0.0095  0.0169  -0.0077 84  MET A CA  
35   C  CA  B MET A 4  ? 0.1202 0.0825 0.1336 -0.0064 0.0056  -0.0244 84  MET A CA  
36   C  C   . MET A 4  ? 0.1060 0.0853 0.1314 -0.0024 0.0187  -0.0159 84  MET A C   
37   O  O   . MET A 4  ? 0.1131 0.0926 0.1231 -0.0035 0.0223  -0.0073 84  MET A O   
38   C  CB  A MET A 4  ? 0.1484 0.1825 0.1524 0.0159  0.0083  0.0261  84  MET A CB  
39   C  CB  B MET A 4  ? 0.1410 0.1121 0.1239 -0.0286 -0.0190 -0.0243 84  MET A CB  
40   C  CG  A MET A 4  ? 0.1732 0.2905 0.1850 0.0064  0.0058  0.0494  84  MET A CG  
41   C  CG  B MET A 4  ? 0.1816 0.1829 0.1226 -0.0428 -0.0334 -0.0061 84  MET A CG  
42   S  SD  A MET A 4  ? 0.1867 0.3963 0.2183 -0.0051 0.0067  0.0796  84  MET A SD  
43   S  SD  B MET A 4  ? 0.2375 0.2710 0.1720 -0.0769 -0.0586 -0.0079 84  MET A SD  
44   C  CE  A MET A 4  ? 0.2069 0.4068 0.2468 -0.0274 0.0384  0.0580  84  MET A CE  
45   C  CE  B MET A 4  ? 0.2576 0.2997 0.1743 -0.0720 -0.0422 -0.0177 84  MET A CE  
62   N  N   . THR A 5  ? 0.1280 0.0855 0.1298 0.0026  0.0324  0.0014  85  THR A N   
63   C  CA  . THR A 5  ? 0.1424 0.0932 0.1235 0.0012  0.0225  -0.0017 85  THR A CA  
64   C  C   . THR A 5  ? 0.1313 0.0872 0.1305 -0.0065 0.0178  -0.0032 85  THR A C   
65   O  O   . THR A 5  ? 0.1194 0.0939 0.1481 -0.0017 0.0161  -0.0020 85  THR A O   
66   C  CB  . THR A 5  ? 0.1939 0.1126 0.1345 -0.0033 0.0230  -0.0123 85  THR A CB  
67   O  OG1 . THR A 5  ? 0.2176 0.1362 0.1428 -0.0127 0.0379  -0.0209 85  THR A OG1 
68   C  CG2 . THR A 5  ? 0.2218 0.1462 0.1574 -0.0008 0.0021  -0.0013 85  THR A CG2 
76   N  N   . PHE A 6  ? 0.1029 0.0853 0.1321 0.0108  0.0088  0.0020  86  PHE A N   
77   C  CA  . PHE A 6  ? 0.0955 0.0887 0.1266 0.0058  0.0055  0.0034  86  PHE A CA  
78   C  C   . PHE A 6  ? 0.1055 0.0814 0.1319 -0.0112 -0.0008 0.0024  86  PHE A C   
79   O  O   . PHE A 6  ? 0.1380 0.0924 0.1860 -0.0051 -0.0406 0.0017  86  PHE A O   
80   C  CB  . PHE A 6  ? 0.0957 0.0924 0.1229 0.0025  0.0115  0.0117  86  PHE A CB  
81   C  CG  . PHE A 6  ? 0.1068 0.0932 0.1061 0.0015  0.0069  0.0163  86  PHE A CG  
82   C  CD1 . PHE A 6  ? 0.1151 0.1027 0.1297 0.0098  -0.0018 0.0099  86  PHE A CD1 
83   C  CD2 . PHE A 6  ? 0.1204 0.1173 0.0990 -0.0091 0.0093  0.0149  86  PHE A CD2 
84   C  CE1 . PHE A 6  ? 0.1255 0.1425 0.1324 0.0109  -0.0015 0.0166  86  PHE A CE1 
85   C  CE2 . PHE A 6  ? 0.1315 0.1431 0.1150 -0.0215 0.0044  0.0293  86  PHE A CE2 
86   C  CZ  . PHE A 6  ? 0.1193 0.1708 0.1275 -0.0058 -0.0007 0.0370  86  PHE A CZ  
96   N  N   . VAL A 7  ? 0.0992 0.0859 0.1060 -0.0035 0.0036  0.0030  87  VAL A N   
97   C  CA  . VAL A 7  ? 0.0959 0.0802 0.1047 0.0031  0.0044  0.0046  87  VAL A CA  
98   C  C   . VAL A 7  ? 0.0910 0.0835 0.1059 -0.0048 0.0003  0.0063  87  VAL A C   
99   O  O   . VAL A 7  ? 0.0898 0.0978 0.0939 -0.0014 0.0081  0.0017  87  VAL A O   
100  C  CB  . VAL A 7  ? 0.1092 0.1044 0.1043 -0.0045 0.0054  0.0146  87  VAL A CB  
101  C  CG1 . VAL A 7  ? 0.1465 0.1179 0.1135 -0.0309 0.0022  0.0066  87  VAL A CG1 
102  C  CG2 . VAL A 7  ? 0.1173 0.1154 0.1071 -0.0004 0.0069  0.0196  87  VAL A CG2 
112  N  N   . ALA A 8  ? 0.0973 0.0913 0.1039 -0.0028 0.0055  0.0012  88  ALA A N   
113  C  CA  . ALA A 8  ? 0.0929 0.0872 0.1052 -0.0017 0.0080  0.0038  88  ALA A CA  
114  C  C   . ALA A 8  ? 0.0937 0.0908 0.0909 0.0022  0.0087  0.0040  88  ALA A C   
115  O  O   . ALA A 8  ? 0.1145 0.0910 0.0949 -0.0035 0.0000  0.0072  88  ALA A O   
116  C  CB  . ALA A 8  ? 0.1030 0.0976 0.1241 -0.0039 0.0095  0.0040  88  ALA A CB  
122  N  N   . LEU A 9  ? 0.0880 0.0891 0.0943 -0.0061 0.0068  0.0021  89  LEU A N   
123  C  CA  . LEU A 9  ? 0.0915 0.0810 0.0977 0.0004  0.0052  0.0043  89  LEU A CA  
124  C  C   . LEU A 9  ? 0.0939 0.0854 0.1014 -0.0037 0.0113  0.0075  89  LEU A C   
125  O  O   . LEU A 9  ? 0.1101 0.0852 0.1129 -0.0004 0.0073  0.0110  89  LEU A O   
126  C  CB  . LEU A 9  ? 0.1006 0.0939 0.1059 -0.0016 -0.0049 0.0017  89  LEU A CB  
127  C  CG  . LEU A 9  ? 0.0962 0.1073 0.1157 -0.0013 -0.0126 0.0100  89  LEU A CG  
128  C  CD1 . LEU A 9  ? 0.1110 0.1279 0.1361 -0.0074 -0.0252 0.0044  89  LEU A CD1 
129  C  CD2 . LEU A 9  ? 0.0935 0.1334 0.1217 -0.0004 -0.0032 0.0246  89  LEU A CD2 
141  N  N   . TYR A 10 ? 0.0917 0.0925 0.1002 0.0053  0.0116  -0.0023 90  TYR A N   
142  C  CA  . TYR A 10 ? 0.0901 0.1017 0.1068 -0.0027 0.0154  -0.0043 90  TYR A CA  
143  C  C   . TYR A 10 ? 0.0960 0.1008 0.1112 0.0073  0.0108  0.0076  90  TYR A C   
144  O  O   . TYR A 10 ? 0.1028 0.0919 0.1430 0.0031  0.0101  0.0000  90  TYR A O   
145  C  CB  . TYR A 10 ? 0.1055 0.1186 0.1166 -0.0140 0.0174  -0.0103 90  TYR A CB  
146  C  CG  . TYR A 10 ? 0.1201 0.1247 0.0990 -0.0168 0.0278  -0.0084 90  TYR A CG  
147  C  CD1 . TYR A 10 ? 0.1321 0.1136 0.1091 -0.0173 0.0325  0.0046  90  TYR A CD1 
148  C  CD2 . TYR A 10 ? 0.1141 0.1348 0.1043 -0.0052 0.0110  -0.0070 90  TYR A CD2 
149  C  CE1 . TYR A 10 ? 0.1383 0.1281 0.1110 -0.0035 0.0261  0.0055  90  TYR A CE1 
150  C  CE2 . TYR A 10 ? 0.1275 0.1305 0.1220 -0.0085 0.0073  -0.0102 90  TYR A CE2 
151  C  CZ  . TYR A 10 ? 0.1273 0.1281 0.1104 -0.0169 0.0079  -0.0024 90  TYR A CZ  
152  O  OH  . TYR A 10 ? 0.1435 0.1626 0.1506 -0.0324 0.0038  -0.0203 90  TYR A OH  
162  N  N   . ASP A 11 ? 0.0959 0.1022 0.1129 -0.0020 0.0122  0.0059  91  ASP A N   
163  C  CA  . ASP A 11 ? 0.0967 0.1033 0.1213 -0.0067 0.0055  0.0090  91  ASP A CA  
164  C  C   . ASP A 11 ? 0.1085 0.0965 0.1154 -0.0096 0.0097  -0.0019 91  ASP A C   
165  O  O   . ASP A 11 ? 0.1302 0.1038 0.1143 -0.0117 0.0118  -0.0065 91  ASP A O   
166  C  CB  . ASP A 11 ? 0.1108 0.1224 0.1429 0.0047  0.0012  0.0095  91  ASP A CB  
167  C  CG  . ASP A 11 ? 0.1239 0.1374 0.1632 0.0198  -0.0049 0.0074  91  ASP A CG  
168  O  OD1 . ASP A 11 ? 0.1309 0.1334 0.1454 0.0173  -0.0114 0.0046  91  ASP A OD1 
169  O  OD2 . ASP A 11 ? 0.1471 0.2005 0.1849 0.0491  -0.0069 0.0215  91  ASP A OD2 
174  N  N   . TYR A 12 ? 0.1213 0.1018 0.1141 -0.0093 0.0059  0.0065  92  TYR A N   
175  C  CA  . TYR A 12 ? 0.1109 0.1151 0.1148 -0.0139 0.0040  0.0121  92  TYR A CA  
176  C  C   . TYR A 12 ? 0.1076 0.1167 0.1178 -0.0059 -0.0012 0.0149  92  TYR A C   
177  O  O   . TYR A 12 ? 0.1161 0.1312 0.1404 -0.0264 0.0085  0.0035  92  TYR A O   
178  C  CB  . TYR A 12 ? 0.1031 0.1213 0.1198 -0.0083 0.0049  0.0173  92  TYR A CB  
179  C  CG  . TYR A 12 ? 0.1011 0.1223 0.1296 -0.0119 -0.0067 0.0110  92  TYR A CG  
180  C  CD1 . TYR A 12 ? 0.0906 0.1397 0.1304 -0.0072 -0.0079 0.0145  92  TYR A CD1 
181  C  CD2 . TYR A 12 ? 0.0972 0.1208 0.1392 -0.0011 0.0026  0.0237  92  TYR A CD2 
182  C  CE1 . TYR A 12 ? 0.0936 0.1632 0.1303 0.0035  -0.0063 0.0163  92  TYR A CE1 
183  C  CE2 . TYR A 12 ? 0.1046 0.1381 0.1310 0.0060  0.0030  0.0302  92  TYR A CE2 
184  C  CZ  . TYR A 12 ? 0.1025 0.1567 0.1253 -0.0001 -0.0042 0.0351  92  TYR A CZ  
185  O  OH  . TYR A 12 ? 0.1504 0.1752 0.1322 -0.0086 0.0025  0.0340  92  TYR A OH  
195  N  N   . GLU A 13 ? 0.1071 0.1430 0.1330 0.0066  0.0155  0.0175  93  GLU A N   
196  C  CA  . GLU A 13 ? 0.0796 0.1892 0.1870 0.0063  0.0210  0.0521  93  GLU A CA  
197  C  C   . GLU A 13 ? 0.0931 0.1801 0.1794 0.0110  0.0221  0.0554  93  GLU A C   
198  O  O   . GLU A 13 ? 0.1215 0.2031 0.1576 0.0110  0.0155  0.0481  93  GLU A O   
199  C  CB  . GLU A 13 ? 0.1249 0.3094 0.2707 -0.0261 0.0170  0.0685  93  GLU A CB  
200  C  CG  . GLU A 13 ? 0.2624 0.4512 0.3875 -0.1145 -0.0230 0.0249  93  GLU A CG  
201  C  CD  . GLU A 13 ? 0.4093 0.5716 0.4757 -0.1871 -0.0446 -0.0044 93  GLU A CD  
202  O  OE1 . GLU A 13 ? 0.4668 0.6117 0.5075 -0.1953 -0.0553 -0.0230 93  GLU A OE1 
203  O  OE2 . GLU A 13 ? 0.4613 0.6154 0.5068 -0.2253 -0.0421 -0.0017 93  GLU A OE2 
209  N  N   A SER A 14 ? 0.1090 0.1838 0.1880 0.0139  0.0367  0.0708  94  SER A N   
210  N  N   B SER A 14 ? 0.1120 0.1700 0.1992 -0.0085 0.0170  0.0477  94  SER A N   
211  C  CA  A SER A 14 ? 0.1319 0.1838 0.2011 0.0230  0.0487  0.0906  94  SER A CA  
212  C  CA  B SER A 14 ? 0.1325 0.1639 0.2083 -0.0214 0.0172  0.0471  94  SER A CA  
213  C  C   A SER A 14 ? 0.1747 0.1951 0.2109 0.0488  0.0846  0.0842  94  SER A C   
214  C  C   B SER A 14 ? 0.1784 0.1896 0.2051 0.0054  0.0406  0.0522  94  SER A C   
215  O  O   A SER A 14 ? 0.1496 0.2111 0.2519 0.0532  0.0776  0.0922  94  SER A O   
216  O  O   B SER A 14 ? 0.1800 0.2016 0.2209 0.0161  0.0498  0.0481  94  SER A O   
217  C  CB  A SER A 14 ? 0.1366 0.2116 0.2194 -0.0076 0.0035  0.1085  94  SER A CB  
218  C  CB  B SER A 14 ? 0.1351 0.1529 0.2257 -0.0498 -0.0122 0.0478  94  SER A CB  
219  O  OG  A SER A 14 ? 0.1519 0.2453 0.2362 -0.0042 0.0225  0.1006  94  SER A OG  
220  O  OG  B SER A 14 ? 0.1523 0.1790 0.2416 -0.0316 -0.0006 0.0448  94  SER A OG  
231  N  N   . ARG A 15 ? 0.2219 0.2199 0.1822 0.0394  0.0951  0.0579  95  ARG A N   
232  C  CA  . ARG A 15 ? 0.2615 0.2226 0.1751 0.0314  0.0942  0.0548  95  ARG A CA  
233  C  C   . ARG A 15 ? 0.2840 0.2291 0.1599 0.0048  0.0951  0.0435  95  ARG A C   
234  O  O   . ARG A 15 ? 0.3305 0.2382 0.1665 -0.0193 0.1139  0.0144  95  ARG A O   
235  C  CB  . ARG A 15 ? 0.2431 0.2176 0.1947 0.0217  0.0726  0.0504  95  ARG A CB  
236  C  CG  . ARG A 15 ? 0.2185 0.2209 0.2063 0.0123  0.0391  0.0309  95  ARG A CG  
237  C  CD  . ARG A 15 ? 0.2282 0.2142 0.2056 0.0297  0.0370  0.0229  95  ARG A CD  
238  N  NE  . ARG A 15 ? 0.2459 0.2234 0.1887 0.0469  0.0386  0.0017  95  ARG A NE  
239  C  CZ  . ARG A 15 ? 0.2949 0.2368 0.1758 0.0617  0.0308  0.0025  95  ARG A CZ  
240  N  NH1 . ARG A 15 ? 0.2924 0.2272 0.1724 0.0391  0.0262  0.0193  95  ARG A NH1 
241  N  NH2 . ARG A 15 ? 0.3648 0.2695 0.1735 0.0730  0.0302  -0.0110 95  ARG A NH2 
242  N  N   . THR A 16 ? 0.2381 0.2137 0.1381 0.0014  0.0521  0.0441  96  THR A N   
243  C  CA  . THR A 16 ? 0.1666 0.2235 0.1140 -0.0289 0.0263  0.0328  96  THR A CA  
244  C  C   . THR A 16 ? 0.1548 0.2509 0.1101 -0.0227 0.0130  0.0269  96  THR A C   
245  O  O   . THR A 16 ? 0.2310 0.2683 0.1058 0.0053  -0.0073 0.0363  96  THR A O   
246  C  CB  . THR A 16 ? 0.1630 0.2096 0.1226 -0.0309 0.0279  0.0201  96  THR A CB  
247  O  OG1 . THR A 16 ? 0.1667 0.2200 0.1273 -0.0316 0.0229  0.0056  96  THR A OG1 
248  C  CG2 . THR A 16 ? 0.2010 0.2028 0.1493 -0.0568 0.0120  -0.0039 96  THR A CG2 
256  N  N   . GLU A 17 ? 0.1306 0.2491 0.1091 -0.0481 0.0120  0.0088  97  GLU A N   
257  C  CA  . GLU A 17 ? 0.1429 0.2674 0.1270 -0.0825 0.0189  -0.0051 97  GLU A CA  
258  C  C   . GLU A 17 ? 0.1553 0.2450 0.1280 -0.0868 0.0062  -0.0179 97  GLU A C   
259  O  O   . GLU A 17 ? 0.1972 0.2734 0.1556 -0.0759 0.0008  -0.0404 97  GLU A O   
260  C  CB  . GLU A 17 ? 0.1724 0.2938 0.1600 -0.0978 0.0395  0.0115  97  GLU A CB  
261  C  CG  . GLU A 17 ? 0.1955 0.3595 0.2066 -0.0937 0.0498  0.0014  97  GLU A CG  
262  C  CD  . GLU A 17 ? 0.2761 0.4090 0.2684 -0.0692 0.0173  -0.0042 97  GLU A CD  
263  O  OE1 . GLU A 17 ? 0.3362 0.4142 0.2838 -0.0674 0.0312  -0.0177 97  GLU A OE1 
264  O  OE2 . GLU A 17 ? 0.3321 0.4481 0.3160 -0.0362 -0.0064 0.0059  97  GLU A OE2 
267  N  N   . THR A 18 ? 0.1578 0.1808 0.1185 -0.0699 0.0258  0.0109  98  THR A N   
268  C  CA  . THR A 18 ? 0.1640 0.1633 0.1204 -0.0557 0.0314  0.0080  98  THR A CA  
269  C  C   . THR A 18 ? 0.1376 0.1589 0.1090 -0.0607 0.0199  0.0125  98  THR A C   
270  O  O   . THR A 18 ? 0.1636 0.1460 0.1333 -0.0551 0.0485  -0.0045 98  THR A O   
271  C  CB  . THR A 18 ? 0.2214 0.1667 0.1338 -0.0316 0.0313  0.0254  98  THR A CB  
272  O  OG1 . THR A 18 ? 0.2183 0.1895 0.1312 -0.0272 0.0048  0.0112  98  THR A OG1 
273  C  CG2 . THR A 18 ? 0.2470 0.1898 0.1690 -0.0365 0.0309  0.0468  98  THR A CG2 
274  N  N   . ASP A 19 ? 0.1182 0.1432 0.1146 -0.0338 0.0067  0.0228  99  ASP A N   
275  C  CA  . ASP A 19 ? 0.1194 0.1405 0.1051 -0.0289 0.0122  0.0246  99  ASP A CA  
276  C  C   . ASP A 19 ? 0.0989 0.1447 0.1117 -0.0341 0.0032  0.0160  99  ASP A C   
277  O  O   . ASP A 19 ? 0.1258 0.2114 0.1247 -0.0634 -0.0107 0.0347  99  ASP A O   
278  C  CB  . ASP A 19 ? 0.1565 0.1509 0.1119 -0.0135 0.0082  0.0108  99  ASP A CB  
279  C  CG  . ASP A 19 ? 0.1746 0.1677 0.1163 0.0077  0.0118  0.0235  99  ASP A CG  
280  O  OD1 . ASP A 19 ? 0.2266 0.2192 0.1372 0.0395  -0.0228 0.0005  99  ASP A OD1 
281  O  OD2 . ASP A 19 ? 0.1961 0.1545 0.1437 -0.0025 0.0300  0.0186  99  ASP A OD2 
286  N  N   . LEU A 20 ? 0.0996 0.1238 0.0947 -0.0123 -0.0034 0.0148  100 LEU A N   
287  C  CA  . LEU A 20 ? 0.1078 0.1150 0.1001 -0.0262 -0.0086 0.0074  100 LEU A CA  
288  C  C   . LEU A 20 ? 0.1155 0.1115 0.1050 -0.0183 -0.0172 0.0073  100 LEU A C   
289  O  O   . LEU A 20 ? 0.1444 0.1110 0.1280 -0.0153 -0.0265 0.0007  100 LEU A O   
290  C  CB  . LEU A 20 ? 0.1222 0.1278 0.0919 -0.0194 0.0001  -0.0026 100 LEU A CB  
291  C  CG  . LEU A 20 ? 0.1400 0.1307 0.0974 -0.0260 -0.0029 -0.0063 100 LEU A CG  
292  C  CD1 . LEU A 20 ? 0.1667 0.1280 0.1135 -0.0208 -0.0187 -0.0050 100 LEU A CD1 
293  C  CD2 . LEU A 20 ? 0.1465 0.1991 0.1009 -0.0231 0.0063  -0.0191 100 LEU A CD2 
305  N  N   . SER A 21 ? 0.1151 0.1245 0.1177 -0.0211 -0.0115 0.0291  101 SER A N   
306  C  CA  . SER A 21 ? 0.1184 0.1371 0.1247 -0.0117 -0.0059 0.0280  101 SER A CA  
307  C  C   . SER A 21 ? 0.1450 0.1135 0.1219 -0.0179 -0.0031 0.0171  101 SER A C   
308  O  O   . SER A 21 ? 0.1941 0.1232 0.1306 -0.0207 0.0145  0.0139  101 SER A O   
309  C  CB  . SER A 21 ? 0.1364 0.1958 0.1519 -0.0015 0.0162  0.0456  101 SER A CB  
310  O  OG  . SER A 21 ? 0.1468 0.2001 0.1834 -0.0145 0.0033  0.0322  101 SER A OG  
316  N  N   . PHE A 22 ? 0.1184 0.1149 0.1096 -0.0149 -0.0039 0.0101  102 PHE A N   
317  C  CA  . PHE A 22 ? 0.1145 0.1126 0.1166 -0.0112 -0.0076 0.0054  102 PHE A CA  
318  C  C   . PHE A 22 ? 0.1070 0.1154 0.1117 -0.0143 -0.0097 0.0074  102 PHE A C   
319  O  O   . PHE A 22 ? 0.1291 0.1148 0.1127 -0.0135 -0.0098 0.0063  102 PHE A O   
320  C  CB  . PHE A 22 ? 0.1137 0.1186 0.1217 -0.0032 -0.0147 -0.0010 102 PHE A CB  
321  C  CG  . PHE A 22 ? 0.0940 0.1126 0.1238 -0.0014 -0.0066 0.0085  102 PHE A CG  
322  C  CD1 . PHE A 22 ? 0.0922 0.1244 0.1323 -0.0136 0.0085  0.0255  102 PHE A CD1 
323  C  CD2 . PHE A 22 ? 0.1221 0.0978 0.1332 -0.0058 -0.0233 0.0097  102 PHE A CD2 
324  C  CE1 . PHE A 22 ? 0.0947 0.1222 0.1243 -0.0056 0.0032  0.0122  102 PHE A CE1 
325  C  CE2 . PHE A 22 ? 0.1318 0.0994 0.1371 0.0079  -0.0230 0.0028  102 PHE A CE2 
326  C  CZ  . PHE A 22 ? 0.1231 0.1102 0.1324 0.0035  -0.0135 -0.0028 102 PHE A CZ  
336  N  N   . LYS A 23 ? 0.1114 0.1097 0.1186 -0.0124 -0.0066 0.0141  103 LYS A N   
337  C  CA  . LYS A 23 ? 0.1189 0.1174 0.1286 -0.0105 -0.0113 0.0306  103 LYS A CA  
338  C  C   . LYS A 23 ? 0.1110 0.1045 0.1087 -0.0076 -0.0003 0.0115  103 LYS A C   
339  O  O   . LYS A 23 ? 0.1176 0.1047 0.1133 -0.0016 -0.0065 0.0084  103 LYS A O   
340  C  CB  . LYS A 23 ? 0.1421 0.1574 0.1803 -0.0228 -0.0421 0.0542  103 LYS A CB  
341  C  CG  . LYS A 23 ? 0.1837 0.2770 0.2708 -0.0522 -0.0781 0.0462  103 LYS A CG  
342  C  CD  . LYS A 23 ? 0.2622 0.4226 0.3989 -0.0878 -0.1116 0.0277  103 LYS A CD  
343  C  CE  . LYS A 23 ? 0.3482 0.5177 0.5042 -0.1027 -0.1493 0.0074  103 LYS A CE  
344  N  NZ  . LYS A 23 ? 0.4170 0.5664 0.5608 -0.1038 -0.1602 -0.0050 103 LYS A NZ  
358  N  N   . LYS A 24 ? 0.1134 0.1129 0.1087 -0.0139 0.0067  0.0095  104 LYS A N   
359  C  CA  . LYS A 24 ? 0.1215 0.1024 0.1057 -0.0091 0.0109  0.0048  104 LYS A CA  
360  C  C   . LYS A 24 ? 0.1146 0.1106 0.1067 0.0072  0.0025  0.0084  104 LYS A C   
361  O  O   . LYS A 24 ? 0.1250 0.1250 0.1124 0.0139  -0.0157 0.0084  104 LYS A O   
362  C  CB  . LYS A 24 ? 0.1230 0.1116 0.1176 -0.0036 0.0157  0.0032  104 LYS A CB  
363  C  CG  . LYS A 24 ? 0.1065 0.1005 0.1106 0.0011  0.0199  0.0020  104 LYS A CG  
364  C  CD  . LYS A 24 ? 0.1205 0.1020 0.1127 -0.0035 0.0232  0.0047  104 LYS A CD  
365  C  CE  . LYS A 24 ? 0.1288 0.1137 0.1173 0.0049  0.0096  0.0179  104 LYS A CE  
366  N  NZ  . LYS A 24 ? 0.1267 0.1052 0.1399 0.0076  0.0116  0.0246  104 LYS A NZ  
380  N  N   . GLY A 25 ? 0.1211 0.1095 0.1015 0.0005  0.0110  0.0034  105 GLY A N   
381  C  CA  . GLY A 25 ? 0.1402 0.1142 0.1020 0.0026  0.0124  -0.0060 105 GLY A CA  
382  C  C   . GLY A 25 ? 0.1403 0.1179 0.1018 0.0087  0.0087  -0.0055 105 GLY A C   
383  O  O   . GLY A 25 ? 0.1502 0.1310 0.1172 0.0140  0.0048  -0.0125 105 GLY A O   
387  N  N   . GLU A 26 ? 0.1248 0.1116 0.1054 -0.0053 -0.0050 0.0023  106 GLU A N   
388  C  CA  . GLU A 26 ? 0.1337 0.1216 0.1164 -0.0179 -0.0184 -0.0019 106 GLU A CA  
389  C  C   . GLU A 26 ? 0.1255 0.0988 0.1112 -0.0118 -0.0128 0.0006  106 GLU A C   
390  O  O   . GLU A 26 ? 0.1228 0.1124 0.1485 -0.0157 -0.0171 -0.0241 106 GLU A O   
391  C  CB  . GLU A 26 ? 0.1397 0.1439 0.1387 -0.0337 -0.0189 0.0089  106 GLU A CB  
392  C  CG  . GLU A 26 ? 0.1857 0.1521 0.1506 -0.0359 -0.0218 -0.0145 106 GLU A CG  
393  C  CD  . GLU A 26 ? 0.2010 0.1407 0.1546 -0.0210 -0.0208 -0.0135 106 GLU A CD  
394  O  OE1 . GLU A 26 ? 0.1942 0.1589 0.1455 0.0000  -0.0049 -0.0028 106 GLU A OE1 
395  O  OE2 . GLU A 26 ? 0.2110 0.1360 0.1868 -0.0017 -0.0097 -0.0258 106 GLU A OE2 
402  N  N   . ARG A 27 ? 0.1668 0.1059 0.1101 0.0104  -0.0162 0.0098  107 ARG A N   
403  C  CA  . ARG A 27 ? 0.1736 0.1102 0.1164 0.0204  0.0133  0.0202  107 ARG A CA  
404  C  C   . ARG A 27 ? 0.1245 0.0884 0.1124 -0.0019 0.0079  0.0025  107 ARG A C   
405  O  O   . ARG A 27 ? 0.1292 0.1282 0.1150 -0.0145 -0.0156 -0.0054 107 ARG A O   
406  C  CB  . ARG A 27 ? 0.2619 0.1381 0.1564 0.0359  0.0691  0.0255  107 ARG A CB  
407  C  CG  . ARG A 27 ? 0.3412 0.1827 0.1805 0.0296  0.1026  0.0501  107 ARG A CG  
408  C  CD  . ARG A 27 ? 0.4091 0.2469 0.2114 0.0476  0.1305  0.0680  107 ARG A CD  
409  N  NE  . ARG A 27 ? 0.4685 0.3004 0.2398 0.0717  0.1144  0.0795  107 ARG A NE  
410  C  CZ  . ARG A 27 ? 0.4947 0.3671 0.2567 0.0483  0.0858  0.0865  107 ARG A CZ  
411  N  NH1 . ARG A 27 ? 0.5056 0.3967 0.2653 0.0336  0.0757  0.0894  107 ARG A NH1 
412  N  NH2 . ARG A 27 ? 0.4944 0.3794 0.2582 0.0657  0.0746  0.0692  107 ARG A NH2 
426  N  N   . LEU A 28 ? 0.1189 0.0866 0.1080 -0.0009 -0.0052 0.0060  108 LEU A N   
427  C  CA  . LEU A 28 ? 0.1103 0.0954 0.1129 -0.0027 -0.0039 0.0066  108 LEU A CA  
428  C  C   . LEU A 28 ? 0.1157 0.0907 0.1294 -0.0035 -0.0082 0.0118  108 LEU A C   
429  O  O   . LEU A 28 ? 0.1131 0.1004 0.1896 -0.0013 -0.0013 0.0124  108 LEU A O   
430  C  CB  . LEU A 28 ? 0.1220 0.1299 0.1290 0.0298  0.0004  -0.0070 108 LEU A CB  
431  C  CG  . LEU A 28 ? 0.1747 0.1723 0.1616 0.0366  -0.0015 -0.0372 108 LEU A CG  
432  C  CD1 . LEU A 28 ? 0.2543 0.2472 0.1990 0.0507  -0.0285 -0.0763 108 LEU A CD1 
433  C  CD2 . LEU A 28 ? 0.2024 0.1874 0.2326 0.0163  0.0057  -0.0817 108 LEU A CD2 
445  N  N   . GLN A 29 ? 0.1115 0.0864 0.1038 -0.0015 0.0051  0.0004  109 GLN A N   
446  C  CA  . GLN A 29 ? 0.0980 0.0855 0.0912 -0.0018 0.0068  -0.0004 109 GLN A CA  
447  C  C   . GLN A 29 ? 0.0981 0.0831 0.0948 0.0012  0.0146  -0.0021 109 GLN A C   
448  O  O   . GLN A 29 ? 0.0957 0.1052 0.0953 -0.0069 0.0021  0.0059  109 GLN A O   
449  C  CB  . GLN A 29 ? 0.1101 0.0894 0.1016 -0.0085 0.0059  -0.0066 109 GLN A CB  
450  C  CG  . GLN A 29 ? 0.1072 0.0923 0.1148 0.0021  0.0138  -0.0156 109 GLN A CG  
451  C  CD  . GLN A 29 ? 0.1037 0.0881 0.1177 -0.0047 0.0193  -0.0118 109 GLN A CD  
452  O  OE1 . GLN A 29 ? 0.0972 0.0879 0.1505 -0.0066 0.0232  -0.0005 109 GLN A OE1 
453  N  NE2 . GLN A 29 ? 0.1100 0.0892 0.1148 -0.0068 0.0114  -0.0088 109 GLN A NE2 
462  N  N   . ILE A 30 ? 0.0898 0.0828 0.0920 0.0023  0.0119  -0.0072 110 ILE A N   
463  C  CA  . ILE A 30 ? 0.0957 0.0901 0.0966 0.0003  0.0059  -0.0059 110 ILE A CA  
464  C  C   . ILE A 30 ? 0.1012 0.0982 0.0941 -0.0015 0.0125  -0.0146 110 ILE A C   
465  O  O   . ILE A 30 ? 0.1139 0.1002 0.1378 0.0104  0.0382  -0.0082 110 ILE A O   
466  C  CB  . ILE A 30 ? 0.1121 0.0963 0.1086 -0.0110 0.0080  -0.0146 110 ILE A CB  
467  C  CG1 . ILE A 30 ? 0.1328 0.0992 0.1185 -0.0134 0.0089  -0.0176 110 ILE A CG1 
468  C  CG2 . ILE A 30 ? 0.1175 0.1227 0.1005 -0.0112 -0.0041 -0.0111 110 ILE A CG2 
469  C  CD1 . ILE A 30 ? 0.1414 0.1038 0.1304 0.0042  -0.0084 -0.0196 110 ILE A CD1 
481  N  N   . VAL A 31 ? 0.1001 0.0880 0.0995 0.0010  0.0078  -0.0040 111 VAL A N   
482  C  CA  . VAL A 31 ? 0.1063 0.0937 0.1064 -0.0053 0.0062  -0.0119 111 VAL A CA  
483  C  C   . VAL A 31 ? 0.1159 0.0906 0.1073 0.0084  -0.0031 -0.0144 111 VAL A C   
484  O  O   . VAL A 31 ? 0.1377 0.1077 0.1196 0.0172  -0.0062 -0.0198 111 VAL A O   
485  C  CB  . VAL A 31 ? 0.1208 0.0905 0.1231 -0.0060 -0.0077 -0.0178 111 VAL A CB  
486  C  CG1 . VAL A 31 ? 0.1550 0.0874 0.1384 -0.0053 0.0005  -0.0087 111 VAL A CG1 
487  C  CG2 . VAL A 31 ? 0.1600 0.1137 0.1299 -0.0143 -0.0310 -0.0122 111 VAL A CG2 
497  N  N   . ASN A 32 ? 0.1246 0.0995 0.1108 0.0019  -0.0170 -0.0152 112 ASN A N   
498  C  CA  . ASN A 32 ? 0.1778 0.1208 0.1255 0.0252  -0.0445 -0.0144 112 ASN A CA  
499  C  C   . ASN A 32 ? 0.1368 0.1424 0.1438 0.0317  -0.0478 -0.0460 112 ASN A C   
500  O  O   . ASN A 32 ? 0.1462 0.1821 0.2523 0.0616  -0.0891 -0.1098 112 ASN A O   
501  C  CB  . ASN A 32 ? 0.3090 0.1460 0.1682 -0.0050 -0.0432 0.0360  112 ASN A CB  
502  C  CG  . ASN A 32 ? 0.4135 0.1878 0.2647 -0.0821 -0.0736 0.0518  112 ASN A CG  
503  O  OD1 . ASN A 32 ? 0.4134 0.2182 0.2620 -0.1352 -0.1501 0.0733  112 ASN A OD1 
504  N  ND2 . ASN A 32 ? 0.4681 0.2121 0.3165 -0.0882 -0.0591 0.0440  112 ASN A ND2 
511  N  N   . ASN A 33 ? 0.1243 0.1112 0.1259 0.0100  -0.0258 -0.0165 113 ASN A N   
512  C  CA  . ASN A 33 ? 0.1223 0.1241 0.1367 -0.0017 -0.0267 -0.0020 113 ASN A CA  
513  C  C   . ASN A 33 ? 0.1490 0.1280 0.1309 -0.0107 -0.0382 0.0033  113 ASN A C   
514  O  O   . ASN A 33 ? 0.1534 0.1267 0.1475 -0.0129 -0.0383 -0.0108 113 ASN A O   
515  C  CB  . ASN A 33 ? 0.1321 0.1425 0.1560 -0.0038 -0.0303 0.0130  113 ASN A CB  
516  C  CG  . ASN A 33 ? 0.1376 0.1759 0.1797 -0.0133 -0.0206 0.0315  113 ASN A CG  
517  O  OD1 . ASN A 33 ? 0.1445 0.2039 0.2022 -0.0154 0.0091  0.0088  113 ASN A OD1 
518  N  ND2 . ASN A 33 ? 0.1332 0.2485 0.2127 0.0053  -0.0275 0.0507  113 ASN A ND2 
525  N  N   A THR A 34 ? 0.1947 0.1319 0.1316 -0.0211 -0.0637 0.0052  114 THR A N   
526  N  N   B THR A 34 ? 0.1635 0.1262 0.1337 -0.0052 -0.0519 0.0090  114 THR A N   
527  C  CA  A THR A 34 ? 0.2391 0.1298 0.1345 -0.0024 -0.0643 -0.0005 114 THR A CA  
528  C  CA  B THR A 34 ? 0.1734 0.1195 0.1447 0.0229  -0.0455 0.0060  114 THR A CA  
529  C  C   A THR A 34 ? 0.2125 0.1236 0.1366 0.0048  -0.0613 0.0117  114 THR A C   
530  C  C   B THR A 34 ? 0.1790 0.1216 0.1384 0.0233  -0.0592 0.0178  114 THR A C   
531  O  O   A THR A 34 ? 0.2099 0.1355 0.1424 -0.0077 -0.0605 0.0010  114 THR A O   
532  O  O   B THR A 34 ? 0.1811 0.1354 0.1359 0.0278  -0.0678 0.0196  114 THR A O   
533  C  CB  A THR A 34 ? 0.3121 0.1431 0.1553 -0.0194 -0.0686 0.0040  114 THR A CB  
534  C  CB  B THR A 34 ? 0.1856 0.1119 0.1735 0.0278  -0.0299 0.0064  114 THR A CB  
535  O  OG1 A THR A 34 ? 0.3834 0.1786 0.1886 -0.0231 -0.0447 -0.0220 114 THR A OG1 
536  O  OG1 B THR A 34 ? 0.1890 0.1454 0.1965 -0.0054 -0.0257 0.0077  114 THR A OG1 
537  C  CG2 A THR A 34 ? 0.3184 0.1369 0.1634 -0.0045 -0.0793 0.0330  114 THR A CG2 
538  C  CG2 B THR A 34 ? 0.1812 0.1076 0.1795 0.0351  -0.0416 -0.0216 114 THR A CG2 
553  N  N   . GLU A 35 ? 0.1885 0.1213 0.1356 0.0160  -0.0570 0.0126  115 GLU A N   
554  C  CA  . GLU A 35 ? 0.1609 0.1513 0.1399 0.0098  -0.0501 0.0217  115 GLU A CA  
555  C  C   . GLU A 35 ? 0.1511 0.1277 0.1397 0.0182  -0.0500 0.0017  115 GLU A C   
556  O  O   . GLU A 35 ? 0.1551 0.1431 0.1408 0.0223  -0.0384 -0.0110 115 GLU A O   
557  C  CB  . GLU A 35 ? 0.2054 0.2092 0.1699 -0.0490 -0.0549 0.0355  115 GLU A CB  
558  C  CG  . GLU A 35 ? 0.3759 0.3145 0.2626 -0.0611 -0.0493 0.0267  115 GLU A CG  
559  C  CD  . GLU A 35 ? 0.5433 0.4051 0.3730 -0.0629 -0.0469 0.0018  115 GLU A CD  
560  O  OE1 . GLU A 35 ? 0.5824 0.4452 0.4016 -0.0536 -0.0423 0.0188  115 GLU A OE1 
561  O  OE2 . GLU A 35 ? 0.6034 0.4171 0.4208 -0.0815 -0.0457 -0.0363 115 GLU A OE2 
568  N  N   . GLY A 36 ? 0.1499 0.1270 0.1365 0.0142  -0.0419 0.0085  116 GLY A N   
569  C  CA  . GLY A 36 ? 0.1216 0.1271 0.1419 0.0233  -0.0389 -0.0082 116 GLY A CA  
570  C  C   . GLY A 36 ? 0.1121 0.1232 0.1147 0.0098  -0.0146 -0.0068 116 GLY A C   
571  O  O   . GLY A 36 ? 0.1503 0.1479 0.1245 0.0166  0.0083  0.0039  116 GLY A O   
575  N  N   . ASP A 37 ? 0.1056 0.1371 0.1186 0.0035  -0.0186 -0.0179 117 ASP A N   
576  C  CA  . ASP A 37 ? 0.1025 0.1531 0.1314 0.0289  -0.0278 -0.0332 117 ASP A CA  
577  C  C   . ASP A 37 ? 0.0997 0.1194 0.1120 0.0187  -0.0101 -0.0128 117 ASP A C   
578  O  O   . ASP A 37 ? 0.0972 0.1279 0.1232 0.0028  -0.0123 -0.0014 117 ASP A O   
579  C  CB  . ASP A 37 ? 0.1702 0.2207 0.1296 0.0304  -0.0276 -0.0690 117 ASP A CB  
580  C  CG  . ASP A 37 ? 0.2717 0.2902 0.1206 0.0668  -0.0194 -0.0336 117 ASP A CG  
581  O  OD1 . ASP A 37 ? 0.2268 0.2636 0.1328 0.0707  -0.0244 0.0200  117 ASP A OD1 
582  O  OD2 . ASP A 37 ? 0.3701 0.3626 0.1407 0.0589  0.0051  -0.0319 117 ASP A OD2 
587  N  N   . TRP A 38 ? 0.0885 0.1236 0.0968 0.0056  -0.0076 -0.0098 118 TRP A N   
588  C  CA  . TRP A 38 ? 0.0923 0.1131 0.0876 0.0079  -0.0005 -0.0064 118 TRP A CA  
589  C  C   . TRP A 38 ? 0.0943 0.1104 0.0819 0.0087  -0.0038 0.0038  118 TRP A C   
590  O  O   . TRP A 38 ? 0.1606 0.1193 0.0898 0.0365  -0.0081 0.0030  118 TRP A O   
591  C  CB  . TRP A 38 ? 0.1111 0.1102 0.1011 -0.0006 0.0070  -0.0156 118 TRP A CB  
592  C  CG  . TRP A 38 ? 0.1022 0.1373 0.1011 -0.0050 0.0215  -0.0128 118 TRP A CG  
593  C  CD1 . TRP A 38 ? 0.1058 0.1524 0.1122 0.0017  0.0172  -0.0234 118 TRP A CD1 
594  C  CD2 . TRP A 38 ? 0.0958 0.1353 0.1047 -0.0145 0.0244  -0.0011 118 TRP A CD2 
595  N  NE1 . TRP A 38 ? 0.1091 0.1584 0.1220 -0.0086 0.0265  -0.0337 118 TRP A NE1 
596  C  CE2 . TRP A 38 ? 0.1105 0.1251 0.1236 -0.0111 0.0432  -0.0245 118 TRP A CE2 
597  C  CE3 . TRP A 38 ? 0.1069 0.1250 0.1170 -0.0049 0.0306  0.0115  118 TRP A CE3 
598  C  CZ2 . TRP A 38 ? 0.1200 0.1254 0.1415 -0.0201 0.0491  -0.0043 118 TRP A CZ2 
599  C  CZ3 . TRP A 38 ? 0.1174 0.1394 0.1233 -0.0084 0.0346  0.0232  118 TRP A CZ3 
600  C  CH2 . TRP A 38 ? 0.1170 0.1217 0.1411 -0.0077 0.0517  0.0019  118 TRP A CH2 
611  N  N   . TRP A 39 ? 0.0892 0.0897 0.0931 0.0034  0.0096  -0.0100 119 TRP A N   
612  C  CA  . TRP A 39 ? 0.0826 0.0963 0.0914 0.0035  0.0096  -0.0101 119 TRP A CA  
613  C  C   . TRP A 39 ? 0.0874 0.0901 0.0946 -0.0044 0.0099  0.0038  119 TRP A C   
614  O  O   . TRP A 39 ? 0.0920 0.0901 0.1304 0.0003  -0.0118 -0.0060 119 TRP A O   
615  C  CB  . TRP A 39 ? 0.0952 0.0985 0.0976 -0.0024 0.0005  -0.0100 119 TRP A CB  
616  C  CG  . TRP A 39 ? 0.0881 0.0958 0.1028 0.0012  0.0010  -0.0036 119 TRP A CG  
617  C  CD1 . TRP A 39 ? 0.0898 0.1142 0.1091 -0.0039 -0.0131 0.0058  119 TRP A CD1 
618  C  CD2 . TRP A 39 ? 0.0904 0.0919 0.1086 0.0005  0.0095  -0.0056 119 TRP A CD2 
619  N  NE1 . TRP A 39 ? 0.0883 0.1261 0.1178 -0.0036 -0.0056 -0.0030 119 TRP A NE1 
620  C  CE2 . TRP A 39 ? 0.0894 0.1049 0.1121 0.0052  0.0080  -0.0067 119 TRP A CE2 
621  C  CE3 . TRP A 39 ? 0.1062 0.1105 0.1071 0.0002  0.0234  -0.0036 119 TRP A CE3 
622  C  CZ2 . TRP A 39 ? 0.0958 0.1216 0.1287 -0.0027 0.0105  -0.0048 119 TRP A CZ2 
623  C  CZ3 . TRP A 39 ? 0.1127 0.1327 0.1226 -0.0086 0.0283  0.0111  119 TRP A CZ3 
624  C  CH2 . TRP A 39 ? 0.1014 0.1300 0.1315 -0.0060 -0.0042 0.0051  119 TRP A CH2 
635  N  N   . LEU A 40 ? 0.1053 0.0880 0.0921 0.0015  0.0053  -0.0035 120 LEU A N   
636  C  CA  . LEU A 40 ? 0.1067 0.0954 0.0960 -0.0098 0.0062  -0.0020 120 LEU A CA  
637  C  C   . LEU A 40 ? 0.0912 0.0879 0.0956 -0.0047 0.0046  -0.0150 120 LEU A C   
638  O  O   . LEU A 40 ? 0.1006 0.1040 0.0961 0.0033  0.0104  -0.0157 120 LEU A O   
639  C  CB  . LEU A 40 ? 0.1198 0.0846 0.1257 -0.0102 0.0051  -0.0036 120 LEU A CB  
640  C  CG  . LEU A 40 ? 0.1324 0.1000 0.1420 -0.0151 0.0117  -0.0083 120 LEU A CG  
641  C  CD1 . LEU A 40 ? 0.1129 0.1227 0.1745 -0.0142 0.0132  -0.0003 120 LEU A CD1 
642  C  CD2 . LEU A 40 ? 0.1633 0.1050 0.1780 -0.0208 0.0199  -0.0048 120 LEU A CD2 
654  N  N   . ALA A 41 ? 0.0963 0.1066 0.0931 -0.0037 0.0085  -0.0009 121 ALA A N   
655  C  CA  . ALA A 41 ? 0.1037 0.1114 0.0965 -0.0112 0.0051  -0.0032 121 ALA A CA  
656  C  C   . ALA A 41 ? 0.1000 0.1030 0.0987 -0.0015 0.0174  0.0053  121 ALA A C   
657  O  O   . ALA A 41 ? 0.1085 0.1318 0.1011 -0.0087 0.0092  -0.0162 121 ALA A O   
658  C  CB  . ALA A 41 ? 0.1436 0.1279 0.1033 -0.0363 0.0168  -0.0087 121 ALA A CB  
664  N  N   . HIS A 42 ? 0.0951 0.1156 0.0904 -0.0080 0.0014  -0.0025 122 HIS A N   
665  C  CA  . HIS A 42 ? 0.1154 0.0962 0.0991 -0.0001 0.0044  -0.0043 122 HIS A CA  
666  C  C   . HIS A 42 ? 0.0979 0.0985 0.0949 -0.0001 -0.0028 -0.0016 122 HIS A C   
667  O  O   . HIS A 42 ? 0.1054 0.1121 0.1032 -0.0009 -0.0064 0.0023  122 HIS A O   
668  C  CB  . HIS A 42 ? 0.1412 0.1021 0.1207 0.0035  -0.0215 -0.0125 122 HIS A CB  
669  C  CG  . HIS A 42 ? 0.1479 0.1123 0.1370 0.0151  -0.0167 -0.0189 122 HIS A CG  
670  N  ND1 . HIS A 42 ? 0.1494 0.1093 0.1673 0.0023  -0.0410 -0.0159 122 HIS A ND1 
671  C  CD2 . HIS A 42 ? 0.1817 0.1140 0.1336 0.0177  -0.0454 -0.0217 122 HIS A CD2 
672  C  CE1 . HIS A 42 ? 0.1727 0.1308 0.1727 0.0174  -0.0575 -0.0240 122 HIS A CE1 
673  N  NE2 . HIS A 42 ? 0.2146 0.1271 0.1411 0.0262  -0.0491 -0.0373 122 HIS A NE2 
682  N  N   . SER A 43 ? 0.0994 0.1012 0.0981 0.0008  -0.0065 -0.0011 123 SER A N   
683  C  CA  . SER A 43 ? 0.1037 0.1068 0.0966 0.0012  -0.0121 -0.0052 123 SER A CA  
684  C  C   . SER A 43 ? 0.1301 0.1126 0.0974 -0.0105 -0.0252 -0.0095 123 SER A C   
685  O  O   . SER A 43 ? 0.1489 0.1166 0.1132 -0.0288 -0.0333 -0.0077 123 SER A O   
686  C  CB  . SER A 43 ? 0.1278 0.1264 0.1063 0.0124  -0.0166 0.0002  123 SER A CB  
687  O  OG  . SER A 43 ? 0.1398 0.1234 0.1135 0.0097  -0.0305 -0.0019 123 SER A OG  
693  N  N   . LEU A 44 ? 0.1366 0.1256 0.0944 -0.0242 -0.0013 -0.0143 124 LEU A N   
694  C  CA  . LEU A 44 ? 0.1581 0.1314 0.0928 -0.0282 0.0050  -0.0163 124 LEU A CA  
695  C  C   . LEU A 44 ? 0.1837 0.1348 0.1069 -0.0341 -0.0107 -0.0175 124 LEU A C   
696  O  O   . LEU A 44 ? 0.2046 0.1696 0.1206 -0.0294 -0.0201 -0.0292 124 LEU A O   
697  C  CB  . LEU A 44 ? 0.1523 0.1595 0.1112 -0.0167 0.0103  -0.0184 124 LEU A CB  
698  C  CG  . LEU A 44 ? 0.1640 0.1686 0.1368 -0.0049 0.0016  -0.0206 124 LEU A CG  
699  C  CD1 . LEU A 44 ? 0.1773 0.1832 0.2074 -0.0078 0.0163  -0.0356 124 LEU A CD1 
700  C  CD2 . LEU A 44 ? 0.1669 0.1872 0.1477 0.0145  -0.0148 -0.0021 124 LEU A CD2 
712  N  N   . THR A 45 ? 0.2123 0.1272 0.1156 -0.0108 -0.0166 0.0014  125 THR A N   
713  C  CA  . THR A 45 ? 0.2551 0.1297 0.1453 -0.0207 -0.0529 0.0142  125 THR A CA  
714  C  C   . THR A 45 ? 0.2573 0.1469 0.1437 -0.0188 -0.0963 0.0117  125 THR A C   
715  O  O   . THR A 45 ? 0.2996 0.2414 0.1692 -0.0426 -0.1210 0.0219  125 THR A O   
716  C  CB  . THR A 45 ? 0.3167 0.1287 0.1642 -0.0478 -0.0532 0.0196  125 THR A CB  
717  O  OG1 . THR A 45 ? 0.3790 0.1402 0.1795 -0.0688 -0.0169 -0.0031 125 THR A OG1 
718  C  CG2 . THR A 45 ? 0.3492 0.1563 0.1863 0.0088  -0.0822 0.0364  125 THR A CG2 
721  N  N   . THR A 46 ? 0.1885 0.1299 0.1442 -0.0294 -0.0809 0.0090  126 THR A N   
722  C  CA  . THR A 46 ? 0.1640 0.1357 0.1645 -0.0190 -0.0714 0.0065  126 THR A CA  
723  C  C   . THR A 46 ? 0.1514 0.1291 0.1635 -0.0327 -0.0645 -0.0097 126 THR A C   
724  O  O   . THR A 46 ? 0.1599 0.1443 0.2326 -0.0400 -0.0813 -0.0101 126 THR A O   
725  C  CB  . THR A 46 ? 0.1644 0.1441 0.1849 -0.0005 -0.0620 0.0014  126 THR A CB  
726  O  OG1 . THR A 46 ? 0.1348 0.1404 0.1686 -0.0086 -0.0344 -0.0188 126 THR A OG1 
727  C  CG2 . THR A 46 ? 0.2005 0.1561 0.2005 0.0051  -0.0505 0.0075  126 THR A CG2 
735  N  N   . GLY A 47 ? 0.1532 0.1199 0.1220 -0.0197 -0.0506 -0.0045 127 GLY A N   
736  C  CA  . GLY A 47 ? 0.1602 0.1163 0.1236 -0.0344 -0.0511 -0.0080 127 GLY A CA  
737  C  C   . GLY A 47 ? 0.1366 0.1256 0.1304 -0.0308 -0.0340 -0.0079 127 GLY A C   
738  O  O   . GLY A 47 ? 0.1847 0.1311 0.1350 -0.0285 -0.0257 0.0046  127 GLY A O   
742  N  N   . GLN A 48 ? 0.1260 0.1425 0.1291 -0.0422 -0.0217 -0.0169 128 GLN A N   
743  C  CA  . GLN A 48 ? 0.1262 0.1545 0.1270 -0.0326 -0.0205 -0.0268 128 GLN A CA  
744  C  C   . GLN A 48 ? 0.1171 0.1258 0.1263 -0.0343 -0.0103 -0.0172 128 GLN A C   
745  O  O   . GLN A 48 ? 0.1121 0.1391 0.1206 -0.0196 -0.0109 -0.0095 128 GLN A O   
746  C  CB  . GLN A 48 ? 0.1229 0.2141 0.1770 -0.0208 -0.0491 -0.0528 128 GLN A CB  
747  C  CG  . GLN A 48 ? 0.1564 0.2743 0.2393 0.0047  -0.0818 -0.0779 128 GLN A CG  
748  C  CD  . GLN A 48 ? 0.2161 0.3495 0.2801 0.0271  -0.1104 -0.0951 128 GLN A CD  
749  O  OE1 . GLN A 48 ? 0.2488 0.3772 0.3140 0.0270  -0.1142 -0.0962 128 GLN A OE1 
750  N  NE2 . GLN A 48 ? 0.2531 0.3792 0.2811 0.0348  -0.1080 -0.0932 128 GLN A NE2 
753  N  N   . THR A 49 ? 0.1226 0.1370 0.1188 -0.0422 -0.0103 -0.0068 129 THR A N   
754  C  CA  . THR A 49 ? 0.1291 0.1269 0.1163 -0.0326 -0.0090 -0.0067 129 THR A CA  
755  C  C   . THR A 49 ? 0.1250 0.1407 0.1144 -0.0456 0.0141  -0.0140 129 THR A C   
756  O  O   . THR A 49 ? 0.1271 0.2297 0.1411 -0.0766 0.0203  -0.0400 129 THR A O   
757  C  CB  . THR A 49 ? 0.1952 0.1395 0.1398 -0.0152 -0.0197 -0.0222 129 THR A CB  
758  O  OG1 . THR A 49 ? 0.2044 0.1347 0.1460 -0.0214 -0.0051 -0.0280 129 THR A OG1 
759  C  CG2 . THR A 49 ? 0.2528 0.1401 0.1714 0.0330  -0.0474 -0.0253 129 THR A CG2 
767  N  N   . GLY A 50 ? 0.1004 0.1019 0.1062 -0.0171 0.0034  -0.0033 130 GLY A N   
768  C  CA  . GLY A 50 ? 0.1129 0.1151 0.0977 -0.0235 0.0089  0.0000  130 GLY A CA  
769  C  C   . GLY A 50 ? 0.0910 0.0966 0.0978 -0.0028 0.0042  0.0087  130 GLY A C   
770  O  O   . GLY A 50 ? 0.0890 0.1100 0.0946 -0.0085 0.0086  -0.0007 130 GLY A O   
774  N  N   . TYR A 51 ? 0.0984 0.0946 0.0968 -0.0116 0.0105  -0.0033 131 TYR A N   
775  C  CA  . TYR A 51 ? 0.1096 0.0979 0.0883 -0.0165 0.0016  -0.0001 131 TYR A CA  
776  C  C   . TYR A 51 ? 0.0944 0.1041 0.0986 -0.0129 -0.0037 -0.0045 131 TYR A C   
777  O  O   . TYR A 51 ? 0.0875 0.1000 0.1192 -0.0120 0.0065  -0.0037 131 TYR A O   
778  C  CB  . TYR A 51 ? 0.1361 0.1127 0.0895 -0.0128 -0.0022 0.0130  131 TYR A CB  
779  C  CG  . TYR A 51 ? 0.1543 0.1364 0.1121 -0.0029 -0.0090 0.0162  131 TYR A CG  
780  C  CD1 . TYR A 51 ? 0.1997 0.1900 0.1238 0.0424  -0.0018 0.0416  131 TYR A CD1 
781  C  CD2 . TYR A 51 ? 0.2476 0.1385 0.1643 -0.0346 -0.0305 0.0387  131 TYR A CD2 
782  C  CE1 . TYR A 51 ? 0.2964 0.2164 0.1611 0.0658  -0.0054 0.0448  131 TYR A CE1 
783  C  CE2 . TYR A 51 ? 0.3466 0.1561 0.1963 0.0020  -0.0517 0.0387  131 TYR A CE2 
784  C  CZ  . TYR A 51 ? 0.3988 0.1776 0.2012 0.0792  -0.0278 0.0422  131 TYR A CZ  
785  O  OH  . TYR A 51 ? 0.5139 0.2099 0.2545 0.1199  -0.0423 0.0460  131 TYR A OH  
795  N  N   . ILE A 52 ? 0.0925 0.0854 0.1066 -0.0107 -0.0086 -0.0006 132 ILE A N   
796  C  CA  . ILE A 52 ? 0.0954 0.0896 0.1005 -0.0157 0.0002  -0.0019 132 ILE A CA  
797  C  C   . ILE A 52 ? 0.0835 0.0847 0.0958 -0.0136 -0.0012 0.0075  132 ILE A C   
798  O  O   . ILE A 52 ? 0.0798 0.0924 0.0909 -0.0014 -0.0049 0.0029  132 ILE A O   
799  C  CB  . ILE A 52 ? 0.0951 0.0858 0.1125 -0.0043 0.0005  -0.0017 132 ILE A CB  
800  C  CG1 . ILE A 52 ? 0.1059 0.0987 0.1188 -0.0215 0.0109  -0.0062 132 ILE A CG1 
801  C  CG2 . ILE A 52 ? 0.1179 0.0860 0.1104 -0.0081 -0.0102 0.0039  132 ILE A CG2 
802  C  CD1 . ILE A 52 ? 0.1815 0.1228 0.1422 -0.0162 0.0309  0.0053  132 ILE A CD1 
814  N  N   . PRO A 53 ? 0.0829 0.0829 0.0939 -0.0023 -0.0013 -0.0016 133 PRO A N   
815  C  CA  . PRO A 53 ? 0.0802 0.0920 0.0919 -0.0039 0.0012  -0.0034 133 PRO A CA  
816  C  C   . PRO A 53 ? 0.0899 0.0844 0.0857 -0.0058 0.0007  -0.0017 133 PRO A C   
817  O  O   . PRO A 53 ? 0.0925 0.1027 0.0917 -0.0066 -0.0007 0.0001  133 PRO A O   
818  C  CB  . PRO A 53 ? 0.0939 0.0932 0.1075 0.0077  0.0095  -0.0047 133 PRO A CB  
819  C  CG  . PRO A 53 ? 0.0940 0.0987 0.1076 0.0019  -0.0056 0.0010  133 PRO A CG  
820  C  CD  . PRO A 53 ? 0.0870 0.0909 0.1038 0.0140  -0.0162 -0.0049 133 PRO A CD  
828  N  N   . SER A 54 ? 0.0936 0.0959 0.0861 0.0016  0.0048  0.0020  134 SER A N   
829  C  CA  . SER A 54 ? 0.0866 0.1083 0.1122 0.0006  0.0177  -0.0081 134 SER A CA  
830  C  C   . SER A 54 ? 0.0977 0.1031 0.1144 -0.0055 0.0224  -0.0076 134 SER A C   
831  O  O   . SER A 54 ? 0.1206 0.1279 0.1315 -0.0109 0.0585  -0.0180 134 SER A O   
832  C  CB  . SER A 54 ? 0.0766 0.1310 0.1503 0.0050  0.0029  -0.0101 134 SER A CB  
833  O  OG  . SER A 54 ? 0.0886 0.1468 0.1683 -0.0031 -0.0180 -0.0075 134 SER A OG  
839  N  N   . ASN A 55 ? 0.0929 0.0974 0.1107 -0.0127 0.0191  -0.0127 135 ASN A N   
840  C  CA  . ASN A 55 ? 0.1002 0.1145 0.1270 -0.0161 0.0245  -0.0191 135 ASN A CA  
841  C  C   . ASN A 55 ? 0.1089 0.0961 0.1215 -0.0104 0.0391  -0.0104 135 ASN A C   
842  O  O   . ASN A 55 ? 0.1493 0.1047 0.1527 -0.0269 0.0442  0.0005  135 ASN A O   
843  C  CB  . ASN A 55 ? 0.1005 0.1070 0.1320 -0.0143 0.0281  -0.0253 135 ASN A CB  
844  C  CG  . ASN A 55 ? 0.1000 0.1154 0.1208 -0.0113 0.0199  -0.0201 135 ASN A CG  
845  O  OD1 . ASN A 55 ? 0.0960 0.1164 0.1128 -0.0153 0.0261  -0.0178 135 ASN A OD1 
846  N  ND2 . ASN A 55 ? 0.1085 0.1140 0.1377 -0.0062 0.0258  -0.0273 135 ASN A ND2 
853  N  N   . TYR A 56 ? 0.1093 0.0970 0.1010 -0.0028 0.0249  -0.0033 136 TYR A N   
854  C  CA  . TYR A 56 ? 0.1138 0.0883 0.1041 0.0002  0.0275  0.0064  136 TYR A CA  
855  C  C   . TYR A 56 ? 0.1350 0.0903 0.1008 0.0079  0.0371  0.0154  136 TYR A C   
856  O  O   . TYR A 56 ? 0.1452 0.1191 0.0987 0.0261  0.0327  0.0268  136 TYR A O   
857  C  CB  . TYR A 56 ? 0.1141 0.1087 0.1084 0.0036  0.0185  0.0054  136 TYR A CB  
858  C  CG  . TYR A 56 ? 0.1223 0.1185 0.0988 -0.0014 0.0182  0.0088  136 TYR A CG  
859  C  CD1 . TYR A 56 ? 0.1423 0.1639 0.1122 0.0339  0.0070  -0.0059 136 TYR A CD1 
860  C  CD2 . TYR A 56 ? 0.1142 0.1217 0.1050 -0.0100 0.0097  0.0068  136 TYR A CD2 
861  C  CE1 . TYR A 56 ? 0.1355 0.1680 0.1240 0.0332  0.0253  -0.0199 136 TYR A CE1 
862  C  CE2 . TYR A 56 ? 0.1134 0.1292 0.1261 0.0049  0.0214  -0.0047 136 TYR A CE2 
863  C  CZ  . TYR A 56 ? 0.1214 0.1377 0.1282 0.0140  0.0375  -0.0080 136 TYR A CZ  
864  O  OH  . TYR A 56 ? 0.1272 0.1556 0.1530 0.0070  0.0344  -0.0240 136 TYR A OH  
874  N  N   . VAL A 57 ? 0.1214 0.0965 0.1016 0.0008  0.0255  0.0003  137 VAL A N   
875  C  CA  . VAL A 57 ? 0.1162 0.0914 0.0971 -0.0071 0.0275  0.0031  137 VAL A CA  
876  C  C   . VAL A 57 ? 0.1120 0.0916 0.0994 -0.0164 0.0182  0.0059  137 VAL A C   
877  O  O   . VAL A 57 ? 0.1336 0.1285 0.1017 -0.0161 0.0034  -0.0021 137 VAL A O   
878  C  CB  . VAL A 57 ? 0.1258 0.0998 0.1096 -0.0043 0.0267  -0.0005 137 VAL A CB  
879  C  CG1 . VAL A 57 ? 0.1191 0.1176 0.1444 -0.0167 0.0139  0.0150  137 VAL A CG1 
880  C  CG2 . VAL A 57 ? 0.1377 0.0953 0.1073 0.0133  0.0088  0.0044  137 VAL A CG2 
890  N  N   . ALA A 58 ? 0.0910 0.0981 0.1016 -0.0098 0.0264  0.0099  138 ALA A N   
891  C  CA  . ALA A 58 ? 0.0959 0.1020 0.1114 -0.0135 0.0134  -0.0003 138 ALA A CA  
892  C  C   . ALA A 58 ? 0.0978 0.0986 0.1054 -0.0077 0.0059  0.0074  138 ALA A C   
893  O  O   . ALA A 58 ? 0.0807 0.1059 0.1015 -0.0015 0.0080  0.0004  138 ALA A O   
894  C  CB  . ALA A 58 ? 0.1290 0.1037 0.1644 -0.0100 0.0266  -0.0044 138 ALA A CB  
900  N  N   . PRO A 59 ? 0.0866 0.1123 0.1133 -0.0076 0.0096  0.0115  139 PRO A N   
901  C  CA  . PRO A 59 ? 0.0942 0.1286 0.1282 0.0109  0.0205  0.0003  139 PRO A CA  
902  C  C   . PRO A 59 ? 0.1108 0.1130 0.1252 -0.0038 0.0285  0.0012  139 PRO A C   
903  O  O   . PRO A 59 ? 0.1605 0.1103 0.1297 -0.0190 0.0335  0.0028  139 PRO A O   
904  C  CB  . PRO A 59 ? 0.0968 0.1930 0.1789 0.0274  -0.0005 -0.0156 139 PRO A CB  
905  C  CG  . PRO A 59 ? 0.1086 0.2236 0.1668 0.0281  -0.0061 -0.0114 139 PRO A CG  
906  C  CD  . PRO A 59 ? 0.0888 0.1621 0.1290 -0.0024 -0.0046 0.0065  139 PRO A CD  
914  N  N   . SER A 60 ? 0.1282 0.1225 0.1267 -0.0013 0.0295  -0.0089 140 SER A N   
915  C  CA  . SER A 60 ? 0.1736 0.1779 0.1233 0.0368  0.0267  -0.0022 140 SER A CA  
916  C  C   . SER A 60 ? 0.3062 0.2064 0.1334 0.0880  0.0481  0.0156  140 SER A C   
917  O  O   . SER A 60 ? 0.3225 0.1827 0.1457 0.0881  0.0409  -0.0033 140 SER A O   
918  C  CB  . SER A 60 ? 0.2119 0.2585 0.1566 0.0645  -0.0110 -0.0051 140 SER A CB  
919  O  OG  . SER A 60 ? 0.2671 0.2911 0.1649 0.0652  -0.0518 0.0179  140 SER A OG  
925  N  N   . ASP A 61 ? 0.4059 0.2872 0.1523 0.0999  0.0778  -0.0137 141 ASP A N   
926  C  CA  . ASP A 61 ? 0.5474 0.3927 0.2068 0.1105  0.0734  -0.0435 141 ASP A CA  
927  C  C   . ASP A 61 ? 0.6450 0.4150 0.2497 0.1326  0.0229  -0.0826 141 ASP A C   
928  O  O   . ASP A 61 ? 0.6560 0.3952 0.2394 0.1161  -0.0400 -0.0581 141 ASP A O   
929  C  CB  . ASP A 61 ? 0.5938 0.4675 0.2565 0.1018  0.0776  -0.0327 141 ASP A CB  
930  C  CG  . ASP A 61 ? 0.6606 0.5265 0.3371 0.1232  0.0470  -0.0208 141 ASP A CG  
931  O  OD1 . ASP A 61 ? 0.6976 0.5467 0.3533 0.1387  0.0448  -0.0313 141 ASP A OD1 
932  O  OD2 . ASP A 61 ? 0.6916 0.5547 0.3861 0.1271  0.0060  0.0040  141 ASP A OD2 
933  O  OXT . ASP A 61 ? 0.7056 0.4570 0.2988 0.1523  0.0299  -0.1248 141 ASP A OXT 
938  N  N   . ARG B 5  ? 0.4512 0.5434 0.3247 -0.0460 -0.0946 0.0471  5   ARG B N   
939  C  CA  . ARG B 5  ? 0.3987 0.5366 0.3158 -0.0468 -0.1156 0.0406  5   ARG B CA  
940  C  C   . ARG B 5  ? 0.3446 0.4693 0.2426 -0.0220 -0.0785 0.0315  5   ARG B C   
941  O  O   . ARG B 5  ? 0.3565 0.4873 0.2600 0.0006  -0.0564 -0.0116 5   ARG B O   
942  C  CB  . ARG B 5  ? 0.3919 0.5782 0.3844 -0.0818 -0.1543 0.0364  5   ARG B CB  
944  N  N   . ARG B 6  ? 0.2693 0.3702 0.1597 -0.0391 -0.0457 0.0646  6   ARG B N   
945  C  CA  . ARG B 6  ? 0.1896 0.2599 0.1218 -0.0298 -0.0279 0.0412  6   ARG B CA  
946  C  C   . ARG B 6  ? 0.1415 0.2232 0.1001 -0.0279 -0.0162 0.0114  6   ARG B C   
947  O  O   . ARG B 6  ? 0.1507 0.2085 0.1149 -0.0159 -0.0044 -0.0189 6   ARG B O   
948  C  CB  . ARG B 6  ? 0.1658 0.2148 0.1186 -0.0398 -0.0077 0.0439  6   ARG B CB  
949  C  CG  . ARG B 6  ? 0.1572 0.2034 0.1150 -0.0523 -0.0102 0.0287  6   ARG B CG  
950  C  CD  . ARG B 6  ? 0.1871 0.1934 0.1289 -0.0772 -0.0191 0.0423  6   ARG B CD  
951  N  NE  . ARG B 6  ? 0.1930 0.2293 0.1332 -0.1056 -0.0227 0.0467  6   ARG B NE  
952  C  CZ  . ARG B 6  ? 0.1887 0.2709 0.1391 -0.1213 -0.0275 0.0568  6   ARG B CZ  
953  N  NH1 . ARG B 6  ? 0.2119 0.2915 0.1268 -0.1151 0.0002  0.0350  6   ARG B NH1 
954  N  NH2 . ARG B 6  ? 0.1907 0.2759 0.1616 -0.0936 -0.0497 0.0619  6   ARG B NH2 
968  N  N   . PRO B 7  ? 0.1306 0.2287 0.1131 -0.0149 0.0064  -0.0081 7   PRO B N   
969  C  CA  . PRO B 7  ? 0.1373 0.2121 0.1144 0.0049  0.0017  -0.0119 7   PRO B CA  
970  C  C   . PRO B 7  ? 0.1074 0.2026 0.1179 -0.0004 -0.0075 -0.0101 7   PRO B C   
971  O  O   . PRO B 7  ? 0.1208 0.2563 0.1111 -0.0349 -0.0017 0.0119  7   PRO B O   
972  C  CB  . PRO B 7  ? 0.1760 0.2310 0.1229 0.0470  0.0138  -0.0372 7   PRO B CB  
973  C  CG  . PRO B 7  ? 0.1745 0.2512 0.1251 0.0424  0.0234  -0.0212 7   PRO B CG  
974  C  CD  . PRO B 7  ? 0.1455 0.2453 0.1099 0.0083  0.0262  -0.0192 7   PRO B CD  
982  N  N   . LEU B 8  ? 0.1185 0.1671 0.1018 0.0131  -0.0029 -0.0140 8   LEU B N   
983  C  CA  . LEU B 8  ? 0.1094 0.1375 0.1122 0.0059  0.0077  -0.0183 8   LEU B CA  
984  C  C   . LEU B 8  ? 0.1159 0.1389 0.1207 0.0176  0.0171  -0.0244 8   LEU B C   
985  O  O   . LEU B 8  ? 0.1417 0.1535 0.1298 0.0276  0.0115  -0.0443 8   LEU B O   
986  C  CB  . LEU B 8  ? 0.0988 0.1502 0.1372 -0.0002 0.0150  -0.0380 8   LEU B CB  
987  C  CG  . LEU B 8  ? 0.0937 0.1695 0.1337 0.0053  0.0039  -0.0368 8   LEU B CG  
988  C  CD1 . LEU B 8  ? 0.1185 0.2085 0.1659 0.0013  -0.0037 -0.0533 8   LEU B CD1 
989  C  CD2 . LEU B 8  ? 0.1041 0.1369 0.1349 0.0080  0.0061  -0.0327 8   LEU B CD2 
1001 N  N   . PRO B 9  ? 0.1156 0.1275 0.1212 0.0061  0.0121  -0.0175 9   PRO B N   
1002 C  CA  . PRO B 9  ? 0.1077 0.1352 0.1341 0.0141  0.0232  -0.0171 9   PRO B CA  
1003 C  C   . PRO B 9  ? 0.1107 0.1364 0.1303 0.0089  0.0192  -0.0173 9   PRO B C   
1004 O  O   . PRO B 9  ? 0.1148 0.1436 0.1469 0.0132  0.0327  -0.0198 9   PRO B O   
1005 C  CB  . PRO B 9  ? 0.1260 0.1541 0.1607 0.0090  -0.0030 -0.0237 9   PRO B CB  
1006 C  CG  . PRO B 9  ? 0.1889 0.1794 0.1670 0.0316  -0.0312 -0.0272 9   PRO B CG  
1007 C  CD  . PRO B 9  ? 0.1403 0.1257 0.1346 -0.0025 -0.0203 -0.0203 9   PRO B CD  
1015 N  N   . PRO B 10 ? 0.1284 0.1390 0.1475 0.0212  0.0295  -0.0231 10  PRO B N   
1016 C  CA  . PRO B 10 ? 0.1518 0.1296 0.1489 0.0057  0.0313  -0.0233 10  PRO B CA  
1017 C  C   . PRO B 10 ? 0.1379 0.1442 0.1495 0.0167  0.0293  -0.0261 10  PRO B C   
1018 O  O   . PRO B 10 ? 0.1316 0.1733 0.1404 0.0113  0.0100  -0.0231 10  PRO B O   
1019 C  CB  . PRO B 10 ? 0.1726 0.1467 0.1685 0.0126  0.0440  -0.0316 10  PRO B CB  
1020 C  CG  . PRO B 10 ? 0.1440 0.1479 0.1927 0.0243  0.0398  -0.0385 10  PRO B CG  
1021 C  CD  . PRO B 10 ? 0.1341 0.1517 0.1855 0.0369  0.0404  -0.0313 10  PRO B CD  
1029 N  N   . LEU B 11 ? 0.1691 0.1652 0.1646 -0.0292 0.0480  -0.0283 11  LEU B N   
1030 C  CA  . LEU B 11 ? 0.2111 0.1750 0.1754 -0.0182 0.0811  -0.0344 11  LEU B CA  
1031 C  C   . LEU B 11 ? 0.2369 0.1340 0.1797 -0.0050 0.1032  -0.0338 11  LEU B C   
1032 O  O   . LEU B 11 ? 0.2783 0.1491 0.2000 -0.0174 0.1114  -0.0410 11  LEU B O   
1033 C  CB  . LEU B 11 ? 0.2416 0.2294 0.2187 -0.0261 0.0622  -0.0281 11  LEU B CB  
1034 C  CG  . LEU B 11 ? 0.2696 0.3050 0.2530 -0.0438 0.0456  -0.0107 11  LEU B CG  
1035 C  CD1 . LEU B 11 ? 0.2883 0.3657 0.2763 -0.0673 0.0275  -0.0222 11  LEU B CD1 
1036 C  CD2 . LEU B 11 ? 0.2864 0.2889 0.2682 -0.0499 0.0495  0.0081  11  LEU B CD2 
1048 N  N   . PRO B 12 ? 0.2271 0.1236 0.1653 -0.0014 0.1055  -0.0113 12  PRO B N   
1049 C  CA  . PRO B 12 ? 0.2098 0.1196 0.1874 0.0083  0.0982  -0.0105 12  PRO B CA  
1050 C  C   . PRO B 12 ? 0.2099 0.1284 0.1926 0.0018  0.0869  -0.0154 12  PRO B C   
1051 O  O   . PRO B 12 ? 0.2139 0.1627 0.2154 -0.0089 0.0919  -0.0020 12  PRO B O   
1052 C  CB  . PRO B 12 ? 0.1908 0.1405 0.1990 0.0038  0.0823  -0.0054 12  PRO B CB  
1053 C  CG  . PRO B 12 ? 0.1634 0.1353 0.1823 0.0081  0.0685  -0.0044 12  PRO B CG  
1054 C  CD  . PRO B 12 ? 0.2042 0.1409 0.1700 0.0000  0.0837  -0.0235 12  PRO B CD  
1055 O  OXT . PRO B 12 ? 0.2439 0.1470 0.1856 -0.0252 0.0738  -0.0203 12  PRO B OXT 
1063 NI NI  . NI  C .  ? 0.1185 0.1132 0.1422 -0.0049 0.0327  -0.0168 201 NI  A NI  
1064 C  C1  . GOL D .  ? 0.3879 0.4405 0.3273 -0.1634 0.1425  -0.1586 202 GOL A C1  
1065 O  O1  . GOL D .  ? 0.3983 0.4552 0.3250 -0.1633 0.1315  -0.1604 202 GOL A O1  
1066 C  C2  . GOL D .  ? 0.3944 0.4103 0.3600 -0.1657 0.0984  -0.1602 202 GOL A C2  
1067 O  O2  . GOL D .  ? 0.3952 0.3850 0.3707 -0.1714 0.0566  -0.1732 202 GOL A O2  
1068 C  C3  . GOL D .  ? 0.3978 0.4069 0.3673 -0.1566 0.1089  -0.1410 202 GOL A C3  
1069 O  O3  . GOL D .  ? 0.3974 0.4044 0.3663 -0.1748 0.1265  -0.1295 202 GOL A O3  
# 
loop_
_pdbx_poly_seq_scheme.asym_id 
_pdbx_poly_seq_scheme.entity_id 
_pdbx_poly_seq_scheme.seq_id 
_pdbx_poly_seq_scheme.mon_id 
_pdbx_poly_seq_scheme.ndb_seq_num 
_pdbx_poly_seq_scheme.pdb_seq_num 
_pdbx_poly_seq_scheme.auth_seq_num 
_pdbx_poly_seq_scheme.pdb_mon_id 
_pdbx_poly_seq_scheme.auth_mon_id 
_pdbx_poly_seq_scheme.pdb_strand_id 
_pdbx_poly_seq_scheme.pdb_ins_code 
_pdbx_poly_seq_scheme.hetero 
A 1 1  GLY 1  81  81  GLY GLY A . n 
A 1 2  SER 2  82  82  SER SER A . n 
A 1 3  HIS 3  83  83  HIS HIS A . n 
A 1 4  MET 4  84  84  MET MET A . n 
A 1 5  THR 5  85  85  THR THR A . n 
A 1 6  PHE 6  86  86  PHE PHE A . n 
A 1 7  VAL 7  87  87  VAL VAL A . n 
A 1 8  ALA 8  88  88  ALA ALA A . n 
A 1 9  LEU 9  89  89  LEU LEU A . n 
A 1 10 TYR 10 90  90  TYR TYR A . n 
A 1 11 ASP 11 91  91  ASP ASP A . n 
A 1 12 TYR 12 92  92  TYR TYR A . n 
A 1 13 GLU 13 93  93  GLU GLU A . n 
A 1 14 SER 14 94  94  SER SER A . n 
A 1 15 ARG 15 95  95  ARG ARG A . n 
A 1 16 THR 16 96  96  THR THR A . n 
A 1 17 GLU 17 97  97  GLU GLU A . n 
A 1 18 THR 18 98  98  THR THR A . n 
A 1 19 ASP 19 99  99  ASP ASP A . n 
A 1 20 LEU 20 100 100 LEU LEU A . n 
A 1 21 SER 21 101 101 SER SER A . n 
A 1 22 PHE 22 102 102 PHE PHE A . n 
A 1 23 LYS 23 103 103 LYS LYS A . n 
A 1 24 LYS 24 104 104 LYS LYS A . n 
A 1 25 GLY 25 105 105 GLY GLY A . n 
A 1 26 GLU 26 106 106 GLU GLU A . n 
A 1 27 ARG 27 107 107 ARG ARG A . n 
A 1 28 LEU 28 108 108 LEU LEU A . n 
A 1 29 GLN 29 109 109 GLN GLN A . n 
A 1 30 ILE 30 110 110 ILE ILE A . n 
A 1 31 VAL 31 111 111 VAL VAL A . n 
A 1 32 ASN 32 112 112 ASN ASN A . n 
A 1 33 ASN 33 113 113 ASN ASN A . n 
A 1 34 THR 34 114 114 THR THR A . n 
A 1 35 GLU 35 115 115 GLU GLU A . n 
A 1 36 GLY 36 116 116 GLY GLY A . n 
A 1 37 ASP 37 117 117 ASP ASP A . n 
A 1 38 TRP 38 118 118 TRP TRP A . n 
A 1 39 TRP 39 119 119 TRP TRP A . n 
A 1 40 LEU 40 120 120 LEU LEU A . n 
A 1 41 ALA 41 121 121 ALA ALA A . n 
A 1 42 HIS 42 122 122 HIS HIS A . n 
A 1 43 SER 43 123 123 SER SER A . n 
A 1 44 LEU 44 124 124 LEU LEU A . n 
A 1 45 THR 45 125 125 THR THR A . n 
A 1 46 THR 46 126 126 THR THR A . n 
A 1 47 GLY 47 127 127 GLY GLY A . n 
A 1 48 GLN 48 128 128 GLN GLN A . n 
A 1 49 THR 49 129 129 THR THR A . n 
A 1 50 GLY 50 130 130 GLY GLY A . n 
A 1 51 TYR 51 131 131 TYR TYR A . n 
A 1 52 ILE 52 132 132 ILE ILE A . n 
A 1 53 PRO 53 133 133 PRO PRO A . n 
A 1 54 SER 54 134 134 SER SER A . n 
A 1 55 ASN 55 135 135 ASN ASN A . n 
A 1 56 TYR 56 136 136 TYR TYR A . n 
A 1 57 VAL 57 137 137 VAL VAL A . n 
A 1 58 ALA 58 138 138 ALA ALA A . n 
A 1 59 PRO 59 139 139 PRO PRO A . n 
A 1 60 SER 60 140 140 SER SER A . n 
A 1 61 ASP 61 141 141 ASP ASP A . n 
B 2 1  VAL 1  1   ?   ?   ?   B . n 
B 2 2  SER 2  2   ?   ?   ?   B . n 
B 2 3  LEU 3  3   ?   ?   ?   B . n 
B 2 4  ALA 4  4   ?   ?   ?   B . n 
B 2 5  ARG 5  5   5   ARG ARG B . n 
B 2 6  ARG 6  6   6   ARG ARG B . n 
B 2 7  PRO 7  7   7   PRO PRO B . n 
B 2 8  LEU 8  8   8   LEU LEU B . n 
B 2 9  PRO 9  9   9   PRO PRO B . n 
B 2 10 PRO 10 10  10  PRO PRO B . n 
B 2 11 LEU 11 11  11  LEU LEU B . n 
B 2 12 PRO 12 12  12  PRO PRO B . n 
# 
loop_
_pdbx_nonpoly_scheme.asym_id 
_pdbx_nonpoly_scheme.entity_id 
_pdbx_nonpoly_scheme.mon_id 
_pdbx_nonpoly_scheme.ndb_seq_num 
_pdbx_nonpoly_scheme.pdb_seq_num 
_pdbx_nonpoly_scheme.auth_seq_num 
_pdbx_nonpoly_scheme.pdb_mon_id 
_pdbx_nonpoly_scheme.auth_mon_id 
_pdbx_nonpoly_scheme.pdb_strand_id 
_pdbx_nonpoly_scheme.pdb_ins_code 
C 3 NI  1  201 1  NI  NI  A . 
D 4 GOL 1  202 1  GOL GOL A . 
E 5 HOH 1  301 1  HOH HOH A . 
E 5 HOH 2  302 2  HOH HOH A . 
E 5 HOH 3  303 3  HOH HOH A . 
E 5 HOH 4  304 4  HOH HOH A . 
E 5 HOH 5  305 5  HOH HOH A . 
E 5 HOH 6  306 6  HOH HOH A . 
E 5 HOH 7  307 8  HOH HOH A . 
E 5 HOH 8  308 9  HOH HOH A . 
E 5 HOH 9  309 10 HOH HOH A . 
E 5 HOH 10 310 11 HOH HOH A . 
E 5 HOH 11 311 12 HOH HOH A . 
E 5 HOH 12 312 13 HOH HOH A . 
E 5 HOH 13 313 14 HOH HOH A . 
E 5 HOH 14 314 15 HOH HOH A . 
E 5 HOH 15 315 16 HOH HOH A . 
E 5 HOH 16 316 17 HOH HOH A . 
E 5 HOH 17 317 18 HOH HOH A . 
E 5 HOH 18 318 19 HOH HOH A . 
E 5 HOH 19 319 20 HOH HOH A . 
E 5 HOH 20 320 21 HOH HOH A . 
E 5 HOH 21 321 22 HOH HOH A . 
E 5 HOH 22 322 23 HOH HOH A . 
E 5 HOH 23 323 24 HOH HOH A . 
E 5 HOH 24 324 25 HOH HOH A . 
E 5 HOH 25 325 26 HOH HOH A . 
E 5 HOH 26 326 27 HOH HOH A . 
E 5 HOH 27 327 28 HOH HOH A . 
E 5 HOH 28 328 29 HOH HOH A . 
E 5 HOH 29 329 30 HOH HOH A . 
E 5 HOH 30 330 33 HOH HOH A . 
E 5 HOH 31 331 34 HOH HOH A . 
E 5 HOH 32 332 35 HOH HOH A . 
E 5 HOH 33 333 36 HOH HOH A . 
E 5 HOH 34 334 38 HOH HOH A . 
E 5 HOH 35 335 39 HOH HOH A . 
E 5 HOH 36 336 40 HOH HOH A . 
E 5 HOH 37 337 41 HOH HOH A . 
E 5 HOH 38 338 42 HOH HOH A . 
E 5 HOH 39 339 45 HOH HOH A . 
E 5 HOH 40 340 46 HOH HOH A . 
E 5 HOH 41 341 47 HOH HOH A . 
E 5 HOH 42 342 48 HOH HOH A . 
E 5 HOH 43 343 49 HOH HOH A . 
E 5 HOH 44 344 50 HOH HOH A . 
E 5 HOH 45 345 51 HOH HOH A . 
E 5 HOH 46 346 52 HOH HOH A . 
E 5 HOH 47 347 53 HOH HOH A . 
E 5 HOH 48 348 54 HOH HOH A . 
E 5 HOH 49 349 55 HOH HOH A . 
E 5 HOH 50 350 57 HOH HOH A . 
E 5 HOH 51 351 58 HOH HOH A . 
E 5 HOH 52 352 59 HOH HOH A . 
E 5 HOH 53 353 60 HOH HOH A . 
E 5 HOH 54 354 61 HOH HOH A . 
E 5 HOH 55 355 62 HOH HOH A . 
F 5 HOH 1  101 7  HOH HOH B . 
F 5 HOH 2  102 31 HOH HOH B . 
F 5 HOH 3  103 32 HOH HOH B . 
F 5 HOH 4  104 37 HOH HOH B . 
F 5 HOH 5  105 43 HOH HOH B . 
F 5 HOH 6  106 44 HOH HOH B . 
F 5 HOH 7  107 56 HOH HOH B . 
# 
_pdbx_struct_assembly.id                   1 
_pdbx_struct_assembly.details              author_and_software_defined_assembly 
_pdbx_struct_assembly.method_details       PISA 
_pdbx_struct_assembly.oligomeric_details   dimeric 
_pdbx_struct_assembly.oligomeric_count     2 
# 
_pdbx_struct_assembly_gen.assembly_id       1 
_pdbx_struct_assembly_gen.oper_expression   1 
_pdbx_struct_assembly_gen.asym_id_list      A,B,C,D,E,F 
# 
loop_
_pdbx_struct_assembly_prop.biol_id 
_pdbx_struct_assembly_prop.type 
_pdbx_struct_assembly_prop.value 
_pdbx_struct_assembly_prop.details 
1 'ABSA (A^2)' 1110 ? 
1 MORE         -15  ? 
1 'SSA (A^2)'  4400 ? 
# 
_pdbx_struct_oper_list.id                   1 
_pdbx_struct_oper_list.type                 'identity operation' 
_pdbx_struct_oper_list.name                 1_555 
_pdbx_struct_oper_list.symmetry_operation   x,y,z 
_pdbx_struct_oper_list.matrix[1][1]         1.0000000000 
_pdbx_struct_oper_list.matrix[1][2]         0.0000000000 
_pdbx_struct_oper_list.matrix[1][3]         0.0000000000 
_pdbx_struct_oper_list.vector[1]            0.0000000000 
_pdbx_struct_oper_list.matrix[2][1]         0.0000000000 
_pdbx_struct_oper_list.matrix[2][2]         1.0000000000 
_pdbx_struct_oper_list.matrix[2][3]         0.0000000000 
_pdbx_struct_oper_list.vector[2]            0.0000000000 
_pdbx_struct_oper_list.matrix[3][1]         0.0000000000 
_pdbx_struct_oper_list.matrix[3][2]         0.0000000000 
_pdbx_struct_oper_list.matrix[3][3]         1.0000000000 
_pdbx_struct_oper_list.vector[3]            0.0000000000 
# 
loop_
_pdbx_struct_conn_angle.id 
_pdbx_struct_conn_angle.ptnr1_label_atom_id 
_pdbx_struct_conn_angle.ptnr1_label_alt_id 
_pdbx_struct_conn_angle.ptnr1_label_asym_id 
_pdbx_struct_conn_angle.ptnr1_label_comp_id 
_pdbx_struct_conn_angle.ptnr1_label_seq_id 
_pdbx_struct_conn_angle.ptnr1_auth_atom_id 
_pdbx_struct_conn_angle.ptnr1_auth_asym_id 
_pdbx_struct_conn_angle.ptnr1_auth_comp_id 
_pdbx_struct_conn_angle.ptnr1_auth_seq_id 
_pdbx_struct_conn_angle.ptnr1_PDB_ins_code 
_pdbx_struct_conn_angle.ptnr1_symmetry 
_pdbx_struct_conn_angle.ptnr2_label_atom_id 
_pdbx_struct_conn_angle.ptnr2_label_alt_id 
_pdbx_struct_conn_angle.ptnr2_label_asym_id 
_pdbx_struct_conn_angle.ptnr2_label_comp_id 
_pdbx_struct_conn_angle.ptnr2_label_seq_id 
_pdbx_struct_conn_angle.ptnr2_auth_atom_id 
_pdbx_struct_conn_angle.ptnr2_auth_asym_id 
_pdbx_struct_conn_angle.ptnr2_auth_comp_id 
_pdbx_struct_conn_angle.ptnr2_auth_seq_id 
_pdbx_struct_conn_angle.ptnr2_PDB_ins_code 
_pdbx_struct_conn_angle.ptnr2_symmetry 
_pdbx_struct_conn_angle.ptnr3_label_atom_id 
_pdbx_struct_conn_angle.ptnr3_label_alt_id 
_pdbx_struct_conn_angle.ptnr3_label_asym_id 
_pdbx_struct_conn_angle.ptnr3_label_comp_id 
_pdbx_struct_conn_angle.ptnr3_label_seq_id 
_pdbx_struct_conn_angle.ptnr3_auth_atom_id 
_pdbx_struct_conn_angle.ptnr3_auth_asym_id 
_pdbx_struct_conn_angle.ptnr3_auth_comp_id 
_pdbx_struct_conn_angle.ptnr3_auth_seq_id 
_pdbx_struct_conn_angle.ptnr3_PDB_ins_code 
_pdbx_struct_conn_angle.ptnr3_symmetry 
_pdbx_struct_conn_angle.value 
_pdbx_struct_conn_angle.value_esd 
1 N ? A GLY 1 ? A GLY 81 ? 1_555 NI ? C NI . ? A NI 201 ? 1_555 N   ? A SER 2 ? A SER 82 ? 1_555 85.9  ? 
2 N ? A GLY 1 ? A GLY 81 ? 1_555 NI ? C NI . ? A NI 201 ? 1_555 N   ? A HIS 3 ? A HIS 83 ? 1_555 169.3 ? 
3 N ? A SER 2 ? A SER 82 ? 1_555 NI ? C NI . ? A NI 201 ? 1_555 N   ? A HIS 3 ? A HIS 83 ? 1_555 83.6  ? 
4 N ? A GLY 1 ? A GLY 81 ? 1_555 NI ? C NI . ? A NI 201 ? 1_555 ND1 ? A HIS 3 ? A HIS 83 ? 1_555 95.7  ? 
5 N ? A SER 2 ? A SER 82 ? 1_555 NI ? C NI . ? A NI 201 ? 1_555 ND1 ? A HIS 3 ? A HIS 83 ? 1_555 174.1 ? 
6 N ? A HIS 3 ? A HIS 83 ? 1_555 NI ? C NI . ? A NI 201 ? 1_555 ND1 ? A HIS 3 ? A HIS 83 ? 1_555 95.0  ? 
# 
loop_
_pdbx_audit_revision_history.ordinal 
_pdbx_audit_revision_history.data_content_type 
_pdbx_audit_revision_history.major_revision 
_pdbx_audit_revision_history.minor_revision 
_pdbx_audit_revision_history.revision_date 
1 'Structure model' 1 0 2015-10-28 
2 'Structure model' 1 1 2023-09-20 
# 
_pdbx_audit_revision_details.ordinal             1 
_pdbx_audit_revision_details.revision_ordinal    1 
_pdbx_audit_revision_details.data_content_type   'Structure model' 
_pdbx_audit_revision_details.provider            repository 
_pdbx_audit_revision_details.type                'Initial release' 
_pdbx_audit_revision_details.description         ? 
_pdbx_audit_revision_details.details             ? 
# 
loop_
_pdbx_audit_revision_group.ordinal 
_pdbx_audit_revision_group.revision_ordinal 
_pdbx_audit_revision_group.data_content_type 
_pdbx_audit_revision_group.group 
1 2 'Structure model' 'Data collection'        
2 2 'Structure model' 'Database references'    
3 2 'Structure model' 'Derived calculations'   
4 2 'Structure model' 'Refinement description' 
# 
loop_
_pdbx_audit_revision_category.ordinal 
_pdbx_audit_revision_category.revision_ordinal 
_pdbx_audit_revision_category.data_content_type 
_pdbx_audit_revision_category.category 
1 2 'Structure model' chem_comp_atom                
2 2 'Structure model' chem_comp_bond                
3 2 'Structure model' database_2                    
4 2 'Structure model' pdbx_initial_refinement_model 
5 2 'Structure model' pdbx_struct_conn_angle        
6 2 'Structure model' software                      
7 2 'Structure model' struct_conn                   
8 2 'Structure model' struct_ref_seq_dif            
9 2 'Structure model' struct_site                   
# 
loop_
_pdbx_audit_revision_item.ordinal 
_pdbx_audit_revision_item.revision_ordinal 
_pdbx_audit_revision_item.data_content_type 
_pdbx_audit_revision_item.item 
1  2 'Structure model' '_database_2.pdbx_DOI'                        
2  2 'Structure model' '_database_2.pdbx_database_accession'         
3  2 'Structure model' '_pdbx_struct_conn_angle.ptnr1_auth_comp_id'  
4  2 'Structure model' '_pdbx_struct_conn_angle.ptnr1_auth_seq_id'   
5  2 'Structure model' '_pdbx_struct_conn_angle.ptnr1_label_comp_id' 
6  2 'Structure model' '_pdbx_struct_conn_angle.ptnr1_label_seq_id'  
7  2 'Structure model' '_pdbx_struct_conn_angle.ptnr3_auth_comp_id'  
8  2 'Structure model' '_pdbx_struct_conn_angle.ptnr3_auth_seq_id'   
9  2 'Structure model' '_pdbx_struct_conn_angle.ptnr3_label_comp_id' 
10 2 'Structure model' '_pdbx_struct_conn_angle.ptnr3_label_seq_id'  
11 2 'Structure model' '_pdbx_struct_conn_angle.value'               
12 2 'Structure model' '_software.name'                              
13 2 'Structure model' '_struct_conn.pdbx_dist_value'                
14 2 'Structure model' '_struct_conn.ptnr1_auth_comp_id'             
15 2 'Structure model' '_struct_conn.ptnr1_auth_seq_id'              
16 2 'Structure model' '_struct_conn.ptnr1_label_comp_id'            
17 2 'Structure model' '_struct_conn.ptnr1_label_seq_id'             
18 2 'Structure model' '_struct_ref_seq_dif.details'                 
19 2 'Structure model' '_struct_site.pdbx_auth_asym_id'              
20 2 'Structure model' '_struct_site.pdbx_auth_comp_id'              
21 2 'Structure model' '_struct_site.pdbx_auth_seq_id'               
# 
_diffrn_reflns.diffrn_id                   1 
_diffrn_reflns.pdbx_d_res_high             0.980 
_diffrn_reflns.pdbx_d_res_low              41.050 
_diffrn_reflns.pdbx_number_obs             34334 
_diffrn_reflns.pdbx_Rmerge_I_obs           0.047 
_diffrn_reflns.pdbx_Rsym_value             ? 
_diffrn_reflns.pdbx_chi_squared            ? 
_diffrn_reflns.pdbx_redundancy             3.10 
_diffrn_reflns.pdbx_rejects                ? 
_diffrn_reflns.pdbx_percent_possible_obs   98.10 
_diffrn_reflns.pdbx_observed_criterion     ? 
_diffrn_reflns.number                      106199 
_diffrn_reflns.limit_h_max                 ? 
_diffrn_reflns.limit_h_min                 ? 
_diffrn_reflns.limit_k_max                 ? 
_diffrn_reflns.limit_k_min                 ? 
_diffrn_reflns.limit_l_max                 ? 
_diffrn_reflns.limit_l_min                 ? 
# 
loop_
_pdbx_diffrn_reflns_shell.diffrn_id 
_pdbx_diffrn_reflns_shell.d_res_high 
_pdbx_diffrn_reflns_shell.d_res_low 
_pdbx_diffrn_reflns_shell.number_obs 
_pdbx_diffrn_reflns_shell.rejects 
_pdbx_diffrn_reflns_shell.Rmerge_I_obs 
_pdbx_diffrn_reflns_shell.Rsym_value 
_pdbx_diffrn_reflns_shell.chi_squared 
_pdbx_diffrn_reflns_shell.redundancy 
_pdbx_diffrn_reflns_shell.percent_possible_obs 
1 0.98 1.00  ? ? 0.836 ? ? 2.80 ? 
1 5.27 41.05 ? ? 0.037 ? ? 2.70 ? 
# 
loop_
_software.pdbx_ordinal 
_software.name 
_software.version 
_software.date 
_software.type 
_software.contact_author 
_software.contact_author_email 
_software.classification 
_software.location 
_software.language 
_software.citation_id 
1 Aimless     0.1.30     30/08/12         program 'Phil Evans'    ?                        'data scaling'    
http://www.mrc-lmb.cam.ac.uk/harry/pre/aimless.html ?   ? 
2 PHENIX      1.8.4_1496 ?                package 'Paul D. Adams' PDAdams@lbl.gov          refinement        
http://www.phenix-online.org/                       C++ ? 
3 PDB_EXTRACT 3.15       'July. 29, 2014' package PDB             deposit@deposit.rcsb.org 'data extraction' 
http://sw-tools.pdb.org/apps/PDB_EXTRACT/           C++ ? 
4 MOSFLM      .          ?                ?       ?               ?                        'data reduction'  ? ?   ? 
5 autoPROC    .          ?                ?       ?               ?                        'data scaling'    ? ?   ? 
6 PHASER      .          ?                ?       ?               ?                        phasing           ? ?   ? 
# 
_pdbx_database_remark.id     650 
_pdbx_database_remark.text   
;HELIX
DETERMINATION METHOD: AUTHOR
;
# 
_pdbx_validate_torsion.id              1 
_pdbx_validate_torsion.PDB_model_num   1 
_pdbx_validate_torsion.auth_comp_id    SER 
_pdbx_validate_torsion.auth_asym_id    A 
_pdbx_validate_torsion.auth_seq_id     82 
_pdbx_validate_torsion.PDB_ins_code    ? 
_pdbx_validate_torsion.label_alt_id    ? 
_pdbx_validate_torsion.phi             -168.52 
_pdbx_validate_torsion.psi             -2.52 
# 
loop_
_pdbx_unobs_or_zero_occ_atoms.id 
_pdbx_unobs_or_zero_occ_atoms.PDB_model_num 
_pdbx_unobs_or_zero_occ_atoms.polymer_flag 
_pdbx_unobs_or_zero_occ_atoms.occupancy_flag 
_pdbx_unobs_or_zero_occ_atoms.auth_asym_id 
_pdbx_unobs_or_zero_occ_atoms.auth_comp_id 
_pdbx_unobs_or_zero_occ_atoms.auth_seq_id 
_pdbx_unobs_or_zero_occ_atoms.PDB_ins_code 
_pdbx_unobs_or_zero_occ_atoms.auth_atom_id 
_pdbx_unobs_or_zero_occ_atoms.label_alt_id 
_pdbx_unobs_or_zero_occ_atoms.label_asym_id 
_pdbx_unobs_or_zero_occ_atoms.label_comp_id 
_pdbx_unobs_or_zero_occ_atoms.label_seq_id 
_pdbx_unobs_or_zero_occ_atoms.label_atom_id 
1 1 Y 1 B ARG 5 ? CG  ? B ARG 5 CG  
2 1 Y 1 B ARG 5 ? CD  ? B ARG 5 CD  
3 1 Y 1 B ARG 5 ? NE  ? B ARG 5 NE  
4 1 Y 1 B ARG 5 ? CZ  ? B ARG 5 CZ  
5 1 Y 1 B ARG 5 ? NH1 ? B ARG 5 NH1 
6 1 Y 1 B ARG 5 ? NH2 ? B ARG 5 NH2 
# 
loop_
_pdbx_unobs_or_zero_occ_residues.id 
_pdbx_unobs_or_zero_occ_residues.PDB_model_num 
_pdbx_unobs_or_zero_occ_residues.polymer_flag 
_pdbx_unobs_or_zero_occ_residues.occupancy_flag 
_pdbx_unobs_or_zero_occ_residues.auth_asym_id 
_pdbx_unobs_or_zero_occ_residues.auth_comp_id 
_pdbx_unobs_or_zero_occ_residues.auth_seq_id 
_pdbx_unobs_or_zero_occ_residues.PDB_ins_code 
_pdbx_unobs_or_zero_occ_residues.label_asym_id 
_pdbx_unobs_or_zero_occ_residues.label_comp_id 
_pdbx_unobs_or_zero_occ_residues.label_seq_id 
1 1 Y 1 B VAL 1 ? B VAL 1 
2 1 Y 1 B SER 2 ? B SER 2 
3 1 Y 1 B LEU 3 ? B LEU 3 
4 1 Y 1 B ALA 4 ? B ALA 4 
# 
loop_
_chem_comp_atom.comp_id 
_chem_comp_atom.atom_id 
_chem_comp_atom.type_symbol 
_chem_comp_atom.pdbx_aromatic_flag 
_chem_comp_atom.pdbx_stereo_config 
_chem_comp_atom.pdbx_ordinal 
ALA N    N  N N 1   
ALA CA   C  N S 2   
ALA C    C  N N 3   
ALA O    O  N N 4   
ALA CB   C  N N 5   
ALA OXT  O  N N 6   
ALA H    H  N N 7   
ALA H2   H  N N 8   
ALA HA   H  N N 9   
ALA HB1  H  N N 10  
ALA HB2  H  N N 11  
ALA HB3  H  N N 12  
ALA HXT  H  N N 13  
ARG N    N  N N 14  
ARG CA   C  N S 15  
ARG C    C  N N 16  
ARG O    O  N N 17  
ARG CB   C  N N 18  
ARG CG   C  N N 19  
ARG CD   C  N N 20  
ARG NE   N  N N 21  
ARG CZ   C  N N 22  
ARG NH1  N  N N 23  
ARG NH2  N  N N 24  
ARG OXT  O  N N 25  
ARG H    H  N N 26  
ARG H2   H  N N 27  
ARG HA   H  N N 28  
ARG HB2  H  N N 29  
ARG HB3  H  N N 30  
ARG HG2  H  N N 31  
ARG HG3  H  N N 32  
ARG HD2  H  N N 33  
ARG HD3  H  N N 34  
ARG HE   H  N N 35  
ARG HH11 H  N N 36  
ARG HH12 H  N N 37  
ARG HH21 H  N N 38  
ARG HH22 H  N N 39  
ARG HXT  H  N N 40  
ASN N    N  N N 41  
ASN CA   C  N S 42  
ASN C    C  N N 43  
ASN O    O  N N 44  
ASN CB   C  N N 45  
ASN CG   C  N N 46  
ASN OD1  O  N N 47  
ASN ND2  N  N N 48  
ASN OXT  O  N N 49  
ASN H    H  N N 50  
ASN H2   H  N N 51  
ASN HA   H  N N 52  
ASN HB2  H  N N 53  
ASN HB3  H  N N 54  
ASN HD21 H  N N 55  
ASN HD22 H  N N 56  
ASN HXT  H  N N 57  
ASP N    N  N N 58  
ASP CA   C  N S 59  
ASP C    C  N N 60  
ASP O    O  N N 61  
ASP CB   C  N N 62  
ASP CG   C  N N 63  
ASP OD1  O  N N 64  
ASP OD2  O  N N 65  
ASP OXT  O  N N 66  
ASP H    H  N N 67  
ASP H2   H  N N 68  
ASP HA   H  N N 69  
ASP HB2  H  N N 70  
ASP HB3  H  N N 71  
ASP HD2  H  N N 72  
ASP HXT  H  N N 73  
GLN N    N  N N 74  
GLN CA   C  N S 75  
GLN C    C  N N 76  
GLN O    O  N N 77  
GLN CB   C  N N 78  
GLN CG   C  N N 79  
GLN CD   C  N N 80  
GLN OE1  O  N N 81  
GLN NE2  N  N N 82  
GLN OXT  O  N N 83  
GLN H    H  N N 84  
GLN H2   H  N N 85  
GLN HA   H  N N 86  
GLN HB2  H  N N 87  
GLN HB3  H  N N 88  
GLN HG2  H  N N 89  
GLN HG3  H  N N 90  
GLN HE21 H  N N 91  
GLN HE22 H  N N 92  
GLN HXT  H  N N 93  
GLU N    N  N N 94  
GLU CA   C  N S 95  
GLU C    C  N N 96  
GLU O    O  N N 97  
GLU CB   C  N N 98  
GLU CG   C  N N 99  
GLU CD   C  N N 100 
GLU OE1  O  N N 101 
GLU OE2  O  N N 102 
GLU OXT  O  N N 103 
GLU H    H  N N 104 
GLU H2   H  N N 105 
GLU HA   H  N N 106 
GLU HB2  H  N N 107 
GLU HB3  H  N N 108 
GLU HG2  H  N N 109 
GLU HG3  H  N N 110 
GLU HE2  H  N N 111 
GLU HXT  H  N N 112 
GLY N    N  N N 113 
GLY CA   C  N N 114 
GLY C    C  N N 115 
GLY O    O  N N 116 
GLY OXT  O  N N 117 
GLY H    H  N N 118 
GLY H2   H  N N 119 
GLY HA2  H  N N 120 
GLY HA3  H  N N 121 
GLY HXT  H  N N 122 
GOL C1   C  N N 123 
GOL O1   O  N N 124 
GOL C2   C  N N 125 
GOL O2   O  N N 126 
GOL C3   C  N N 127 
GOL O3   O  N N 128 
GOL H11  H  N N 129 
GOL H12  H  N N 130 
GOL HO1  H  N N 131 
GOL H2   H  N N 132 
GOL HO2  H  N N 133 
GOL H31  H  N N 134 
GOL H32  H  N N 135 
GOL HO3  H  N N 136 
HIS N    N  N N 137 
HIS CA   C  N S 138 
HIS C    C  N N 139 
HIS O    O  N N 140 
HIS CB   C  N N 141 
HIS CG   C  Y N 142 
HIS ND1  N  Y N 143 
HIS CD2  C  Y N 144 
HIS CE1  C  Y N 145 
HIS NE2  N  Y N 146 
HIS OXT  O  N N 147 
HIS H    H  N N 148 
HIS H2   H  N N 149 
HIS HA   H  N N 150 
HIS HB2  H  N N 151 
HIS HB3  H  N N 152 
HIS HD1  H  N N 153 
HIS HD2  H  N N 154 
HIS HE1  H  N N 155 
HIS HE2  H  N N 156 
HIS HXT  H  N N 157 
HOH O    O  N N 158 
HOH H1   H  N N 159 
HOH H2   H  N N 160 
ILE N    N  N N 161 
ILE CA   C  N S 162 
ILE C    C  N N 163 
ILE O    O  N N 164 
ILE CB   C  N S 165 
ILE CG1  C  N N 166 
ILE CG2  C  N N 167 
ILE CD1  C  N N 168 
ILE OXT  O  N N 169 
ILE H    H  N N 170 
ILE H2   H  N N 171 
ILE HA   H  N N 172 
ILE HB   H  N N 173 
ILE HG12 H  N N 174 
ILE HG13 H  N N 175 
ILE HG21 H  N N 176 
ILE HG22 H  N N 177 
ILE HG23 H  N N 178 
ILE HD11 H  N N 179 
ILE HD12 H  N N 180 
ILE HD13 H  N N 181 
ILE HXT  H  N N 182 
LEU N    N  N N 183 
LEU CA   C  N S 184 
LEU C    C  N N 185 
LEU O    O  N N 186 
LEU CB   C  N N 187 
LEU CG   C  N N 188 
LEU CD1  C  N N 189 
LEU CD2  C  N N 190 
LEU OXT  O  N N 191 
LEU H    H  N N 192 
LEU H2   H  N N 193 
LEU HA   H  N N 194 
LEU HB2  H  N N 195 
LEU HB3  H  N N 196 
LEU HG   H  N N 197 
LEU HD11 H  N N 198 
LEU HD12 H  N N 199 
LEU HD13 H  N N 200 
LEU HD21 H  N N 201 
LEU HD22 H  N N 202 
LEU HD23 H  N N 203 
LEU HXT  H  N N 204 
LYS N    N  N N 205 
LYS CA   C  N S 206 
LYS C    C  N N 207 
LYS O    O  N N 208 
LYS CB   C  N N 209 
LYS CG   C  N N 210 
LYS CD   C  N N 211 
LYS CE   C  N N 212 
LYS NZ   N  N N 213 
LYS OXT  O  N N 214 
LYS H    H  N N 215 
LYS H2   H  N N 216 
LYS HA   H  N N 217 
LYS HB2  H  N N 218 
LYS HB3  H  N N 219 
LYS HG2  H  N N 220 
LYS HG3  H  N N 221 
LYS HD2  H  N N 222 
LYS HD3  H  N N 223 
LYS HE2  H  N N 224 
LYS HE3  H  N N 225 
LYS HZ1  H  N N 226 
LYS HZ2  H  N N 227 
LYS HZ3  H  N N 228 
LYS HXT  H  N N 229 
MET N    N  N N 230 
MET CA   C  N S 231 
MET C    C  N N 232 
MET O    O  N N 233 
MET CB   C  N N 234 
MET CG   C  N N 235 
MET SD   S  N N 236 
MET CE   C  N N 237 
MET OXT  O  N N 238 
MET H    H  N N 239 
MET H2   H  N N 240 
MET HA   H  N N 241 
MET HB2  H  N N 242 
MET HB3  H  N N 243 
MET HG2  H  N N 244 
MET HG3  H  N N 245 
MET HE1  H  N N 246 
MET HE2  H  N N 247 
MET HE3  H  N N 248 
MET HXT  H  N N 249 
NI  NI   NI N N 250 
PHE N    N  N N 251 
PHE CA   C  N S 252 
PHE C    C  N N 253 
PHE O    O  N N 254 
PHE CB   C  N N 255 
PHE CG   C  Y N 256 
PHE CD1  C  Y N 257 
PHE CD2  C  Y N 258 
PHE CE1  C  Y N 259 
PHE CE2  C  Y N 260 
PHE CZ   C  Y N 261 
PHE OXT  O  N N 262 
PHE H    H  N N 263 
PHE H2   H  N N 264 
PHE HA   H  N N 265 
PHE HB2  H  N N 266 
PHE HB3  H  N N 267 
PHE HD1  H  N N 268 
PHE HD2  H  N N 269 
PHE HE1  H  N N 270 
PHE HE2  H  N N 271 
PHE HZ   H  N N 272 
PHE HXT  H  N N 273 
PRO N    N  N N 274 
PRO CA   C  N S 275 
PRO C    C  N N 276 
PRO O    O  N N 277 
PRO CB   C  N N 278 
PRO CG   C  N N 279 
PRO CD   C  N N 280 
PRO OXT  O  N N 281 
PRO H    H  N N 282 
PRO HA   H  N N 283 
PRO HB2  H  N N 284 
PRO HB3  H  N N 285 
PRO HG2  H  N N 286 
PRO HG3  H  N N 287 
PRO HD2  H  N N 288 
PRO HD3  H  N N 289 
PRO HXT  H  N N 290 
SER N    N  N N 291 
SER CA   C  N S 292 
SER C    C  N N 293 
SER O    O  N N 294 
SER CB   C  N N 295 
SER OG   O  N N 296 
SER OXT  O  N N 297 
SER H    H  N N 298 
SER H2   H  N N 299 
SER HA   H  N N 300 
SER HB2  H  N N 301 
SER HB3  H  N N 302 
SER HG   H  N N 303 
SER HXT  H  N N 304 
THR N    N  N N 305 
THR CA   C  N S 306 
THR C    C  N N 307 
THR O    O  N N 308 
THR CB   C  N R 309 
THR OG1  O  N N 310 
THR CG2  C  N N 311 
THR OXT  O  N N 312 
THR H    H  N N 313 
THR H2   H  N N 314 
THR HA   H  N N 315 
THR HB   H  N N 316 
THR HG1  H  N N 317 
THR HG21 H  N N 318 
THR HG22 H  N N 319 
THR HG23 H  N N 320 
THR HXT  H  N N 321 
TRP N    N  N N 322 
TRP CA   C  N S 323 
TRP C    C  N N 324 
TRP O    O  N N 325 
TRP CB   C  N N 326 
TRP CG   C  Y N 327 
TRP CD1  C  Y N 328 
TRP CD2  C  Y N 329 
TRP NE1  N  Y N 330 
TRP CE2  C  Y N 331 
TRP CE3  C  Y N 332 
TRP CZ2  C  Y N 333 
TRP CZ3  C  Y N 334 
TRP CH2  C  Y N 335 
TRP OXT  O  N N 336 
TRP H    H  N N 337 
TRP H2   H  N N 338 
TRP HA   H  N N 339 
TRP HB2  H  N N 340 
TRP HB3  H  N N 341 
TRP HD1  H  N N 342 
TRP HE1  H  N N 343 
TRP HE3  H  N N 344 
TRP HZ2  H  N N 345 
TRP HZ3  H  N N 346 
TRP HH2  H  N N 347 
TRP HXT  H  N N 348 
TYR N    N  N N 349 
TYR CA   C  N S 350 
TYR C    C  N N 351 
TYR O    O  N N 352 
TYR CB   C  N N 353 
TYR CG   C  Y N 354 
TYR CD1  C  Y N 355 
TYR CD2  C  Y N 356 
TYR CE1  C  Y N 357 
TYR CE2  C  Y N 358 
TYR CZ   C  Y N 359 
TYR OH   O  N N 360 
TYR OXT  O  N N 361 
TYR H    H  N N 362 
TYR H2   H  N N 363 
TYR HA   H  N N 364 
TYR HB2  H  N N 365 
TYR HB3  H  N N 366 
TYR HD1  H  N N 367 
TYR HD2  H  N N 368 
TYR HE1  H  N N 369 
TYR HE2  H  N N 370 
TYR HH   H  N N 371 
TYR HXT  H  N N 372 
VAL N    N  N N 373 
VAL CA   C  N S 374 
VAL C    C  N N 375 
VAL O    O  N N 376 
VAL CB   C  N N 377 
VAL CG1  C  N N 378 
VAL CG2  C  N N 379 
VAL OXT  O  N N 380 
VAL H    H  N N 381 
VAL H2   H  N N 382 
VAL HA   H  N N 383 
VAL HB   H  N N 384 
VAL HG11 H  N N 385 
VAL HG12 H  N N 386 
VAL HG13 H  N N 387 
VAL HG21 H  N N 388 
VAL HG22 H  N N 389 
VAL HG23 H  N N 390 
VAL HXT  H  N N 391 
# 
loop_
_chem_comp_bond.comp_id 
_chem_comp_bond.atom_id_1 
_chem_comp_bond.atom_id_2 
_chem_comp_bond.value_order 
_chem_comp_bond.pdbx_aromatic_flag 
_chem_comp_bond.pdbx_stereo_config 
_chem_comp_bond.pdbx_ordinal 
ALA N   CA   sing N N 1   
ALA N   H    sing N N 2   
ALA N   H2   sing N N 3   
ALA CA  C    sing N N 4   
ALA CA  CB   sing N N 5   
ALA CA  HA   sing N N 6   
ALA C   O    doub N N 7   
ALA C   OXT  sing N N 8   
ALA CB  HB1  sing N N 9   
ALA CB  HB2  sing N N 10  
ALA CB  HB3  sing N N 11  
ALA OXT HXT  sing N N 12  
ARG N   CA   sing N N 13  
ARG N   H    sing N N 14  
ARG N   H2   sing N N 15  
ARG CA  C    sing N N 16  
ARG CA  CB   sing N N 17  
ARG CA  HA   sing N N 18  
ARG C   O    doub N N 19  
ARG C   OXT  sing N N 20  
ARG CB  CG   sing N N 21  
ARG CB  HB2  sing N N 22  
ARG CB  HB3  sing N N 23  
ARG CG  CD   sing N N 24  
ARG CG  HG2  sing N N 25  
ARG CG  HG3  sing N N 26  
ARG CD  NE   sing N N 27  
ARG CD  HD2  sing N N 28  
ARG CD  HD3  sing N N 29  
ARG NE  CZ   sing N N 30  
ARG NE  HE   sing N N 31  
ARG CZ  NH1  sing N N 32  
ARG CZ  NH2  doub N N 33  
ARG NH1 HH11 sing N N 34  
ARG NH1 HH12 sing N N 35  
ARG NH2 HH21 sing N N 36  
ARG NH2 HH22 sing N N 37  
ARG OXT HXT  sing N N 38  
ASN N   CA   sing N N 39  
ASN N   H    sing N N 40  
ASN N   H2   sing N N 41  
ASN CA  C    sing N N 42  
ASN CA  CB   sing N N 43  
ASN CA  HA   sing N N 44  
ASN C   O    doub N N 45  
ASN C   OXT  sing N N 46  
ASN CB  CG   sing N N 47  
ASN CB  HB2  sing N N 48  
ASN CB  HB3  sing N N 49  
ASN CG  OD1  doub N N 50  
ASN CG  ND2  sing N N 51  
ASN ND2 HD21 sing N N 52  
ASN ND2 HD22 sing N N 53  
ASN OXT HXT  sing N N 54  
ASP N   CA   sing N N 55  
ASP N   H    sing N N 56  
ASP N   H2   sing N N 57  
ASP CA  C    sing N N 58  
ASP CA  CB   sing N N 59  
ASP CA  HA   sing N N 60  
ASP C   O    doub N N 61  
ASP C   OXT  sing N N 62  
ASP CB  CG   sing N N 63  
ASP CB  HB2  sing N N 64  
ASP CB  HB3  sing N N 65  
ASP CG  OD1  doub N N 66  
ASP CG  OD2  sing N N 67  
ASP OD2 HD2  sing N N 68  
ASP OXT HXT  sing N N 69  
GLN N   CA   sing N N 70  
GLN N   H    sing N N 71  
GLN N   H2   sing N N 72  
GLN CA  C    sing N N 73  
GLN CA  CB   sing N N 74  
GLN CA  HA   sing N N 75  
GLN C   O    doub N N 76  
GLN C   OXT  sing N N 77  
GLN CB  CG   sing N N 78  
GLN CB  HB2  sing N N 79  
GLN CB  HB3  sing N N 80  
GLN CG  CD   sing N N 81  
GLN CG  HG2  sing N N 82  
GLN CG  HG3  sing N N 83  
GLN CD  OE1  doub N N 84  
GLN CD  NE2  sing N N 85  
GLN NE2 HE21 sing N N 86  
GLN NE2 HE22 sing N N 87  
GLN OXT HXT  sing N N 88  
GLU N   CA   sing N N 89  
GLU N   H    sing N N 90  
GLU N   H2   sing N N 91  
GLU CA  C    sing N N 92  
GLU CA  CB   sing N N 93  
GLU CA  HA   sing N N 94  
GLU C   O    doub N N 95  
GLU C   OXT  sing N N 96  
GLU CB  CG   sing N N 97  
GLU CB  HB2  sing N N 98  
GLU CB  HB3  sing N N 99  
GLU CG  CD   sing N N 100 
GLU CG  HG2  sing N N 101 
GLU CG  HG3  sing N N 102 
GLU CD  OE1  doub N N 103 
GLU CD  OE2  sing N N 104 
GLU OE2 HE2  sing N N 105 
GLU OXT HXT  sing N N 106 
GLY N   CA   sing N N 107 
GLY N   H    sing N N 108 
GLY N   H2   sing N N 109 
GLY CA  C    sing N N 110 
GLY CA  HA2  sing N N 111 
GLY CA  HA3  sing N N 112 
GLY C   O    doub N N 113 
GLY C   OXT  sing N N 114 
GLY OXT HXT  sing N N 115 
GOL C1  O1   sing N N 116 
GOL C1  C2   sing N N 117 
GOL C1  H11  sing N N 118 
GOL C1  H12  sing N N 119 
GOL O1  HO1  sing N N 120 
GOL C2  O2   sing N N 121 
GOL C2  C3   sing N N 122 
GOL C2  H2   sing N N 123 
GOL O2  HO2  sing N N 124 
GOL C3  O3   sing N N 125 
GOL C3  H31  sing N N 126 
GOL C3  H32  sing N N 127 
GOL O3  HO3  sing N N 128 
HIS N   CA   sing N N 129 
HIS N   H    sing N N 130 
HIS N   H2   sing N N 131 
HIS CA  C    sing N N 132 
HIS CA  CB   sing N N 133 
HIS CA  HA   sing N N 134 
HIS C   O    doub N N 135 
HIS C   OXT  sing N N 136 
HIS CB  CG   sing N N 137 
HIS CB  HB2  sing N N 138 
HIS CB  HB3  sing N N 139 
HIS CG  ND1  sing Y N 140 
HIS CG  CD2  doub Y N 141 
HIS ND1 CE1  doub Y N 142 
HIS ND1 HD1  sing N N 143 
HIS CD2 NE2  sing Y N 144 
HIS CD2 HD2  sing N N 145 
HIS CE1 NE2  sing Y N 146 
HIS CE1 HE1  sing N N 147 
HIS NE2 HE2  sing N N 148 
HIS OXT HXT  sing N N 149 
HOH O   H1   sing N N 150 
HOH O   H2   sing N N 151 
ILE N   CA   sing N N 152 
ILE N   H    sing N N 153 
ILE N   H2   sing N N 154 
ILE CA  C    sing N N 155 
ILE CA  CB   sing N N 156 
ILE CA  HA   sing N N 157 
ILE C   O    doub N N 158 
ILE C   OXT  sing N N 159 
ILE CB  CG1  sing N N 160 
ILE CB  CG2  sing N N 161 
ILE CB  HB   sing N N 162 
ILE CG1 CD1  sing N N 163 
ILE CG1 HG12 sing N N 164 
ILE CG1 HG13 sing N N 165 
ILE CG2 HG21 sing N N 166 
ILE CG2 HG22 sing N N 167 
ILE CG2 HG23 sing N N 168 
ILE CD1 HD11 sing N N 169 
ILE CD1 HD12 sing N N 170 
ILE CD1 HD13 sing N N 171 
ILE OXT HXT  sing N N 172 
LEU N   CA   sing N N 173 
LEU N   H    sing N N 174 
LEU N   H2   sing N N 175 
LEU CA  C    sing N N 176 
LEU CA  CB   sing N N 177 
LEU CA  HA   sing N N 178 
LEU C   O    doub N N 179 
LEU C   OXT  sing N N 180 
LEU CB  CG   sing N N 181 
LEU CB  HB2  sing N N 182 
LEU CB  HB3  sing N N 183 
LEU CG  CD1  sing N N 184 
LEU CG  CD2  sing N N 185 
LEU CG  HG   sing N N 186 
LEU CD1 HD11 sing N N 187 
LEU CD1 HD12 sing N N 188 
LEU CD1 HD13 sing N N 189 
LEU CD2 HD21 sing N N 190 
LEU CD2 HD22 sing N N 191 
LEU CD2 HD23 sing N N 192 
LEU OXT HXT  sing N N 193 
LYS N   CA   sing N N 194 
LYS N   H    sing N N 195 
LYS N   H2   sing N N 196 
LYS CA  C    sing N N 197 
LYS CA  CB   sing N N 198 
LYS CA  HA   sing N N 199 
LYS C   O    doub N N 200 
LYS C   OXT  sing N N 201 
LYS CB  CG   sing N N 202 
LYS CB  HB2  sing N N 203 
LYS CB  HB3  sing N N 204 
LYS CG  CD   sing N N 205 
LYS CG  HG2  sing N N 206 
LYS CG  HG3  sing N N 207 
LYS CD  CE   sing N N 208 
LYS CD  HD2  sing N N 209 
LYS CD  HD3  sing N N 210 
LYS CE  NZ   sing N N 211 
LYS CE  HE2  sing N N 212 
LYS CE  HE3  sing N N 213 
LYS NZ  HZ1  sing N N 214 
LYS NZ  HZ2  sing N N 215 
LYS NZ  HZ3  sing N N 216 
LYS OXT HXT  sing N N 217 
MET N   CA   sing N N 218 
MET N   H    sing N N 219 
MET N   H2   sing N N 220 
MET CA  C    sing N N 221 
MET CA  CB   sing N N 222 
MET CA  HA   sing N N 223 
MET C   O    doub N N 224 
MET C   OXT  sing N N 225 
MET CB  CG   sing N N 226 
MET CB  HB2  sing N N 227 
MET CB  HB3  sing N N 228 
MET CG  SD   sing N N 229 
MET CG  HG2  sing N N 230 
MET CG  HG3  sing N N 231 
MET SD  CE   sing N N 232 
MET CE  HE1  sing N N 233 
MET CE  HE2  sing N N 234 
MET CE  HE3  sing N N 235 
MET OXT HXT  sing N N 236 
PHE N   CA   sing N N 237 
PHE N   H    sing N N 238 
PHE N   H2   sing N N 239 
PHE CA  C    sing N N 240 
PHE CA  CB   sing N N 241 
PHE CA  HA   sing N N 242 
PHE C   O    doub N N 243 
PHE C   OXT  sing N N 244 
PHE CB  CG   sing N N 245 
PHE CB  HB2  sing N N 246 
PHE CB  HB3  sing N N 247 
PHE CG  CD1  doub Y N 248 
PHE CG  CD2  sing Y N 249 
PHE CD1 CE1  sing Y N 250 
PHE CD1 HD1  sing N N 251 
PHE CD2 CE2  doub Y N 252 
PHE CD2 HD2  sing N N 253 
PHE CE1 CZ   doub Y N 254 
PHE CE1 HE1  sing N N 255 
PHE CE2 CZ   sing Y N 256 
PHE CE2 HE2  sing N N 257 
PHE CZ  HZ   sing N N 258 
PHE OXT HXT  sing N N 259 
PRO N   CA   sing N N 260 
PRO N   CD   sing N N 261 
PRO N   H    sing N N 262 
PRO CA  C    sing N N 263 
PRO CA  CB   sing N N 264 
PRO CA  HA   sing N N 265 
PRO C   O    doub N N 266 
PRO C   OXT  sing N N 267 
PRO CB  CG   sing N N 268 
PRO CB  HB2  sing N N 269 
PRO CB  HB3  sing N N 270 
PRO CG  CD   sing N N 271 
PRO CG  HG2  sing N N 272 
PRO CG  HG3  sing N N 273 
PRO CD  HD2  sing N N 274 
PRO CD  HD3  sing N N 275 
PRO OXT HXT  sing N N 276 
SER N   CA   sing N N 277 
SER N   H    sing N N 278 
SER N   H2   sing N N 279 
SER CA  C    sing N N 280 
SER CA  CB   sing N N 281 
SER CA  HA   sing N N 282 
SER C   O    doub N N 283 
SER C   OXT  sing N N 284 
SER CB  OG   sing N N 285 
SER CB  HB2  sing N N 286 
SER CB  HB3  sing N N 287 
SER OG  HG   sing N N 288 
SER OXT HXT  sing N N 289 
THR N   CA   sing N N 290 
THR N   H    sing N N 291 
THR N   H2   sing N N 292 
THR CA  C    sing N N 293 
THR CA  CB   sing N N 294 
THR CA  HA   sing N N 295 
THR C   O    doub N N 296 
THR C   OXT  sing N N 297 
THR CB  OG1  sing N N 298 
THR CB  CG2  sing N N 299 
THR CB  HB   sing N N 300 
THR OG1 HG1  sing N N 301 
THR CG2 HG21 sing N N 302 
THR CG2 HG22 sing N N 303 
THR CG2 HG23 sing N N 304 
THR OXT HXT  sing N N 305 
TRP N   CA   sing N N 306 
TRP N   H    sing N N 307 
TRP N   H2   sing N N 308 
TRP CA  C    sing N N 309 
TRP CA  CB   sing N N 310 
TRP CA  HA   sing N N 311 
TRP C   O    doub N N 312 
TRP C   OXT  sing N N 313 
TRP CB  CG   sing N N 314 
TRP CB  HB2  sing N N 315 
TRP CB  HB3  sing N N 316 
TRP CG  CD1  doub Y N 317 
TRP CG  CD2  sing Y N 318 
TRP CD1 NE1  sing Y N 319 
TRP CD1 HD1  sing N N 320 
TRP CD2 CE2  doub Y N 321 
TRP CD2 CE3  sing Y N 322 
TRP NE1 CE2  sing Y N 323 
TRP NE1 HE1  sing N N 324 
TRP CE2 CZ2  sing Y N 325 
TRP CE3 CZ3  doub Y N 326 
TRP CE3 HE3  sing N N 327 
TRP CZ2 CH2  doub Y N 328 
TRP CZ2 HZ2  sing N N 329 
TRP CZ3 CH2  sing Y N 330 
TRP CZ3 HZ3  sing N N 331 
TRP CH2 HH2  sing N N 332 
TRP OXT HXT  sing N N 333 
TYR N   CA   sing N N 334 
TYR N   H    sing N N 335 
TYR N   H2   sing N N 336 
TYR CA  C    sing N N 337 
TYR CA  CB   sing N N 338 
TYR CA  HA   sing N N 339 
TYR C   O    doub N N 340 
TYR C   OXT  sing N N 341 
TYR CB  CG   sing N N 342 
TYR CB  HB2  sing N N 343 
TYR CB  HB3  sing N N 344 
TYR CG  CD1  doub Y N 345 
TYR CG  CD2  sing Y N 346 
TYR CD1 CE1  sing Y N 347 
TYR CD1 HD1  sing N N 348 
TYR CD2 CE2  doub Y N 349 
TYR CD2 HD2  sing N N 350 
TYR CE1 CZ   doub Y N 351 
TYR CE1 HE1  sing N N 352 
TYR CE2 CZ   sing Y N 353 
TYR CE2 HE2  sing N N 354 
TYR CZ  OH   sing N N 355 
TYR OH  HH   sing N N 356 
TYR OXT HXT  sing N N 357 
VAL N   CA   sing N N 358 
VAL N   H    sing N N 359 
VAL N   H2   sing N N 360 
VAL CA  C    sing N N 361 
VAL CA  CB   sing N N 362 
VAL CA  HA   sing N N 363 
VAL C   O    doub N N 364 
VAL C   OXT  sing N N 365 
VAL CB  CG1  sing N N 366 
VAL CB  CG2  sing N N 367 
VAL CB  HB   sing N N 368 
VAL CG1 HG11 sing N N 369 
VAL CG1 HG12 sing N N 370 
VAL CG1 HG13 sing N N 371 
VAL CG2 HG21 sing N N 372 
VAL CG2 HG22 sing N N 373 
VAL CG2 HG23 sing N N 374 
VAL OXT HXT  sing N N 375 
# 
loop_
_pdbx_entity_nonpoly.entity_id 
_pdbx_entity_nonpoly.name 
_pdbx_entity_nonpoly.comp_id 
3 'NICKEL (II) ION' NI  
4 GLYCEROL          GOL 
5 water             HOH 
# 
_pdbx_initial_refinement_model.id               1 
_pdbx_initial_refinement_model.entity_id_list   ? 
_pdbx_initial_refinement_model.type             'experimental model' 
_pdbx_initial_refinement_model.source_name      PDB 
_pdbx_initial_refinement_model.accession_code   4JZ4 
_pdbx_initial_refinement_model.details          ? 
# 
